data_7WN2
#
_entry.id   7WN2
#
_cell.length_a   76.265
_cell.length_b   118.195
_cell.length_c   196.293
_cell.angle_alpha   90.00
_cell.angle_beta   90.00
_cell.angle_gamma   90.00
#
_symmetry.space_group_name_H-M   'P 21 21 21'
#
loop_
_entity.id
_entity.type
_entity.pdbx_description
1 polymer 'Spike protein S1'
2 polymer 'Fab Heavy chain'
3 polymer 'Fab Light chain'
4 non-polymer 'SULFATE ION'
5 non-polymer 2-acetamido-2-deoxy-beta-D-glucopyranose
6 water water
#
loop_
_entity_poly.entity_id
_entity_poly.type
_entity_poly.pdbx_seq_one_letter_code
_entity_poly.pdbx_strand_id
1 'polypeptide(L)'
;QPTESIVRFPNITNLCPFGEVFNATRFASVYAWNRKRISNCVADYSVLYNSASFSTFKCYGVSPTKLNDLCFTNVYADSF
VIRGDEVRQIAPGQTGKIADYNYKLPDDFTGCVIAWNSNNLDSKVGGNYNYLYRLFRKSNLKPFERDISTEIYQAGSTPC
NGVEGFNCYFPLQSYGFQPTNGVGYQPYRVVVLSFELLHAPATVCGPKKSTNLVKNTGHHHHHH
;
R,A
2 'polypeptide(L)'
;QVQMVESGGGLVRPGGSLRLSCAASGFTFSDYYMSWIRQAPGKGLEWISYISSSGSSMNYADSVKGRFTISRDNAKNSLF
LQMNSLRAEDTAVYYCAREFDLTKIIMVPPYWGQGTLVTVSSASTKGPSVFPLAPSSKSTSGGTAALGCLVKDYFPEPVT
VSWNSGALTSGVHTFPAVLQSSGLYSLSSVVTVPSSSLGTQTYICNVNHKPSNTKVDKKVEPKSCDK
;
H,B
3 'polypeptide(L)'
;AIQLTQSPSSLSASVGDRVTITCRASQGISSYLAWYQQKPGKAPKVLIYAASTLQSGVPSRFSGSGSGTDFTLTISSLQP
EDFATYYCQQLKSYPLTFGGGTKVEITRTVAAPSVFIFPPSDEQLKSGTASVVCLLNNFYPREAKVQWKVDNALQSGNSQ
ESVTEQDSKDSTYSLSSTLTLSKADYEKHKVYACEVTHQGLSSPVTKSFNRGEC
;
L,C
#
loop_
_chem_comp.id
_chem_comp.type
_chem_comp.name
_chem_comp.formula
NAG D-saccharide, beta linking 2-acetamido-2-deoxy-beta-D-glucopyranose 'C8 H15 N O6'
SO4 non-polymer 'SULFATE ION' 'O4 S -2'
#
# COMPACT_ATOMS: atom_id res chain seq x y z
N THR A 13 -83.54 -6.93 48.57
CA THR A 13 -82.18 -6.95 49.10
C THR A 13 -81.39 -5.82 48.42
N ASN A 14 -80.10 -6.05 48.15
CA ASN A 14 -79.25 -5.02 47.56
C ASN A 14 -79.39 -4.99 46.03
N LEU A 15 -78.87 -3.92 45.43
CA LEU A 15 -79.00 -3.70 43.99
C LEU A 15 -77.75 -4.20 43.29
N CYS A 16 -77.93 -4.80 42.11
CA CYS A 16 -76.80 -5.31 41.36
C CYS A 16 -75.89 -4.16 40.95
N PRO A 17 -74.58 -4.35 40.95
CA PRO A 17 -73.63 -3.26 40.73
C PRO A 17 -73.28 -3.03 39.25
N PHE A 18 -74.31 -2.91 38.40
CA PHE A 18 -74.02 -2.69 36.99
C PHE A 18 -73.37 -1.34 36.74
N GLY A 19 -73.58 -0.37 37.65
CA GLY A 19 -72.92 0.91 37.51
C GLY A 19 -71.41 0.82 37.56
N GLU A 20 -70.88 -0.05 38.44
CA GLU A 20 -69.43 -0.29 38.43
C GLU A 20 -68.97 -0.85 37.08
N VAL A 21 -69.76 -1.75 36.49
CA VAL A 21 -69.38 -2.36 35.22
C VAL A 21 -69.40 -1.32 34.10
N PHE A 22 -70.56 -0.70 33.89
CA PHE A 22 -70.76 0.11 32.68
C PHE A 22 -70.03 1.45 32.80
N ASN A 23 -69.97 2.02 34.00
CA ASN A 23 -69.36 3.33 34.22
C ASN A 23 -67.98 3.23 34.84
N ALA A 24 -67.28 2.11 34.62
CA ALA A 24 -65.93 1.95 35.11
C ALA A 24 -65.02 2.95 34.42
N THR A 25 -64.10 3.55 35.19
CA THR A 25 -63.17 4.50 34.61
C THR A 25 -62.19 3.81 33.66
N ARG A 26 -61.70 2.64 34.02
CA ARG A 26 -60.79 1.86 33.18
C ARG A 26 -61.50 0.62 32.62
N PHE A 27 -61.22 0.32 31.36
CA PHE A 27 -61.72 -0.86 30.67
C PHE A 27 -60.55 -1.73 30.21
N ALA A 28 -60.74 -3.05 30.22
CA ALA A 28 -59.62 -3.91 29.85
C ALA A 28 -59.40 -3.91 28.35
N SER A 29 -58.19 -4.30 27.94
CA SER A 29 -57.93 -4.68 26.55
C SER A 29 -58.71 -5.95 26.24
N VAL A 30 -59.07 -6.12 24.96
CA VAL A 30 -59.91 -7.25 24.60
C VAL A 30 -59.15 -8.57 24.71
N TYR A 31 -57.85 -8.57 24.37
CA TYR A 31 -57.08 -9.81 24.51
C TYR A 31 -57.08 -10.25 25.97
N ALA A 32 -57.17 -9.30 26.89
CA ALA A 32 -57.21 -9.62 28.31
C ALA A 32 -58.54 -9.19 28.91
N TRP A 33 -59.63 -9.56 28.25
CA TRP A 33 -60.96 -9.11 28.67
C TRP A 33 -61.25 -9.49 30.12
N ASN A 34 -62.02 -8.64 30.79
CA ASN A 34 -62.31 -8.78 32.21
C ASN A 34 -63.66 -9.46 32.40
N ARG A 35 -63.71 -10.42 33.32
CA ARG A 35 -64.97 -11.06 33.72
C ARG A 35 -65.30 -10.68 35.16
N LYS A 36 -66.46 -10.04 35.37
CA LYS A 36 -67.01 -9.82 36.70
C LYS A 36 -68.19 -10.75 36.93
N ARG A 37 -68.26 -11.33 38.13
CA ARG A 37 -69.34 -12.22 38.52
C ARG A 37 -70.37 -11.45 39.32
N ILE A 38 -71.58 -11.33 38.75
CA ILE A 38 -72.71 -10.69 39.42
C ILE A 38 -73.47 -11.75 40.19
N SER A 39 -73.70 -11.50 41.48
CA SER A 39 -74.32 -12.47 42.36
C SER A 39 -75.12 -11.74 43.43
N ASN A 40 -75.99 -12.52 44.10
CA ASN A 40 -76.80 -12.02 45.26
C ASN A 40 -77.22 -10.57 45.14
N CYS A 41 -78.12 -10.29 44.20
CA CYS A 41 -78.60 -8.89 44.04
C CYS A 41 -79.86 -8.83 43.20
N VAL A 42 -80.46 -7.64 43.12
CA VAL A 42 -81.72 -7.43 42.35
C VAL A 42 -81.37 -6.51 41.18
N ALA A 43 -81.65 -6.92 39.95
CA ALA A 43 -81.22 -6.12 38.79
C ALA A 43 -82.39 -5.63 37.97
N ASP A 44 -82.38 -4.36 37.57
CA ASP A 44 -83.44 -3.87 36.64
C ASP A 44 -82.83 -3.80 35.24
N TYR A 45 -82.89 -4.91 34.50
CA TYR A 45 -82.40 -4.90 33.14
C TYR A 45 -83.21 -4.00 32.21
N SER A 46 -84.42 -3.60 32.57
CA SER A 46 -84.92 -2.50 31.79
C SER A 46 -84.09 -1.22 31.95
N VAL A 47 -83.96 -0.72 33.18
CA VAL A 47 -83.15 0.49 33.41
C VAL A 47 -81.78 0.44 32.74
N LEU A 48 -81.26 -0.75 32.39
CA LEU A 48 -80.08 -0.81 31.52
C LEU A 48 -80.43 -0.33 30.11
N TYR A 49 -81.44 -0.94 29.49
CA TYR A 49 -81.83 -0.51 28.15
C TYR A 49 -82.30 0.95 28.14
N ASN A 50 -83.10 1.36 29.13
CA ASN A 50 -83.62 2.73 29.18
C ASN A 50 -82.55 3.82 29.04
N SER A 51 -81.31 3.53 29.45
CA SER A 51 -80.25 4.49 29.19
C SER A 51 -79.85 4.47 27.71
N ALA A 52 -80.80 4.80 26.82
CA ALA A 52 -80.68 4.66 25.38
C ALA A 52 -79.51 5.45 24.77
N SER A 53 -78.33 5.29 25.35
CA SER A 53 -77.08 5.83 24.81
C SER A 53 -76.17 4.72 24.28
N PHE A 54 -76.78 3.59 23.87
CA PHE A 54 -76.07 2.42 23.40
C PHE A 54 -76.27 2.28 21.90
N SER A 55 -75.18 2.22 21.14
CA SER A 55 -75.30 2.02 19.71
C SER A 55 -75.57 0.58 19.34
N THR A 56 -75.26 -0.35 20.23
CA THR A 56 -75.47 -1.78 19.98
C THR A 56 -76.10 -2.38 21.22
N PHE A 57 -77.20 -3.10 21.04
CA PHE A 57 -77.87 -3.77 22.16
C PHE A 57 -78.58 -4.98 21.55
N LYS A 58 -77.82 -6.03 21.32
CA LYS A 58 -78.33 -7.25 20.72
C LYS A 58 -78.36 -8.33 21.79
N CYS A 59 -79.51 -8.98 21.94
CA CYS A 59 -79.73 -10.01 22.93
C CYS A 59 -79.95 -11.34 22.22
N TYR A 60 -79.63 -12.42 22.92
CA TYR A 60 -79.61 -13.74 22.31
C TYR A 60 -80.29 -14.73 23.25
N GLY A 61 -81.35 -15.37 22.77
CA GLY A 61 -82.13 -16.29 23.57
C GLY A 61 -82.84 -15.66 24.74
N VAL A 62 -83.11 -14.36 24.69
CA VAL A 62 -83.63 -13.59 25.81
C VAL A 62 -83.85 -12.17 25.30
N SER A 63 -84.56 -11.35 26.05
CA SER A 63 -84.91 -10.01 25.61
C SER A 63 -84.94 -9.12 26.83
N PRO A 64 -84.63 -7.83 26.70
CA PRO A 64 -84.94 -6.91 27.79
C PRO A 64 -86.45 -6.78 27.90
N THR A 65 -86.91 -6.42 29.10
CA THR A 65 -88.31 -6.44 29.55
C THR A 65 -88.80 -7.86 29.78
N LYS A 66 -87.99 -8.87 29.43
CA LYS A 66 -88.22 -10.22 29.94
C LYS A 66 -87.19 -10.64 30.96
N LEU A 67 -86.05 -9.95 31.03
CA LEU A 67 -85.04 -10.23 32.04
C LEU A 67 -85.52 -9.85 33.43
N ASN A 68 -86.58 -9.04 33.52
CA ASN A 68 -87.12 -8.58 34.78
C ASN A 68 -88.01 -9.60 35.48
N ASP A 69 -88.59 -10.55 34.75
CA ASP A 69 -89.31 -11.67 35.36
C ASP A 69 -88.57 -12.99 35.13
N LEU A 70 -87.25 -12.95 35.34
CA LEU A 70 -86.40 -14.12 35.20
C LEU A 70 -85.37 -14.13 36.30
N CYS A 71 -85.02 -15.32 36.77
CA CYS A 71 -84.00 -15.52 37.79
C CYS A 71 -82.90 -16.44 37.28
N PHE A 72 -81.65 -16.14 37.65
CA PHE A 72 -80.51 -16.94 37.25
C PHE A 72 -79.59 -17.14 38.45
N THR A 73 -78.75 -18.18 38.36
CA THR A 73 -77.74 -18.39 39.39
C THR A 73 -76.72 -17.26 39.39
N ASN A 74 -76.00 -17.09 38.28
CA ASN A 74 -74.97 -16.08 38.14
C ASN A 74 -75.16 -15.31 36.85
N VAL A 75 -74.85 -14.02 36.89
CA VAL A 75 -74.77 -13.20 35.69
C VAL A 75 -73.32 -12.77 35.51
N TYR A 76 -72.78 -12.96 34.31
CA TYR A 76 -71.43 -12.52 34.01
C TYR A 76 -71.46 -11.27 33.16
N ALA A 77 -70.58 -10.32 33.50
CA ALA A 77 -70.30 -9.15 32.67
C ALA A 77 -68.85 -9.21 32.19
N ASP A 78 -68.64 -9.47 30.91
CA ASP A 78 -67.34 -9.35 30.27
C ASP A 78 -67.24 -7.98 29.62
N SER A 79 -66.17 -7.24 29.93
CA SER A 79 -65.99 -5.90 29.41
C SER A 79 -64.63 -5.76 28.75
N PHE A 80 -64.57 -4.90 27.73
CA PHE A 80 -63.33 -4.63 27.02
C PHE A 80 -63.58 -3.48 26.05
N VAL A 81 -62.49 -3.03 25.44
CA VAL A 81 -62.50 -2.03 24.38
C VAL A 81 -62.02 -2.67 23.08
N ILE A 82 -62.69 -2.36 21.99
CA ILE A 82 -62.25 -2.78 20.66
C ILE A 82 -62.42 -1.56 19.76
N ARG A 83 -62.48 -1.77 18.44
CA ARG A 83 -62.75 -0.66 17.54
C ARG A 83 -64.05 -0.89 16.76
N GLY A 84 -64.57 0.21 16.20
CA GLY A 84 -65.90 0.21 15.62
C GLY A 84 -66.14 -0.89 14.59
N ASP A 85 -65.19 -1.09 13.69
CA ASP A 85 -65.46 -2.11 12.68
C ASP A 85 -65.34 -3.53 13.22
N GLU A 86 -65.06 -3.69 14.52
CA GLU A 86 -64.95 -5.01 15.14
C GLU A 86 -66.13 -5.33 16.05
N VAL A 87 -67.04 -4.38 16.30
CA VAL A 87 -68.20 -4.67 17.12
C VAL A 87 -69.00 -5.81 16.52
N ARG A 88 -69.25 -5.74 15.20
CA ARG A 88 -69.96 -6.80 14.49
C ARG A 88 -69.42 -8.20 14.79
N GLN A 89 -68.19 -8.32 15.29
CA GLN A 89 -67.57 -9.60 15.61
C GLN A 89 -68.01 -10.14 16.96
N ILE A 90 -68.46 -9.29 17.87
CA ILE A 90 -68.88 -9.68 19.22
C ILE A 90 -70.29 -10.25 19.10
N ALA A 91 -70.41 -11.44 18.54
CA ALA A 91 -71.69 -12.09 18.28
C ALA A 91 -71.43 -13.56 17.97
N PRO A 92 -72.41 -14.44 18.18
CA PRO A 92 -72.13 -15.89 18.07
C PRO A 92 -71.86 -16.30 16.64
N GLY A 93 -70.86 -17.18 16.47
CA GLY A 93 -70.51 -17.69 15.16
C GLY A 93 -69.95 -16.67 14.20
N GLN A 94 -69.44 -15.56 14.69
CA GLN A 94 -68.75 -14.59 13.84
C GLN A 94 -67.28 -15.00 13.69
N THR A 95 -66.65 -14.54 12.61
CA THR A 95 -65.23 -14.79 12.34
C THR A 95 -64.50 -13.46 12.24
N GLY A 96 -63.17 -13.53 12.39
CA GLY A 96 -62.33 -12.36 12.36
C GLY A 96 -61.28 -12.39 13.46
N LYS A 97 -60.40 -11.38 13.50
CA LYS A 97 -59.30 -11.43 14.46
C LYS A 97 -59.81 -11.37 15.89
N ILE A 98 -60.84 -10.54 16.16
CA ILE A 98 -61.35 -10.42 17.52
C ILE A 98 -62.09 -11.70 17.93
N ALA A 99 -62.96 -12.19 17.06
CA ALA A 99 -63.72 -13.38 17.40
C ALA A 99 -62.85 -14.63 17.47
N ASP A 100 -61.72 -14.66 16.79
CA ASP A 100 -60.91 -15.88 16.76
C ASP A 100 -59.78 -15.89 17.77
N TYR A 101 -59.08 -14.77 17.92
CA TYR A 101 -57.86 -14.69 18.70
C TYR A 101 -58.03 -13.94 20.02
N ASN A 102 -59.22 -13.37 20.29
CA ASN A 102 -59.39 -12.53 21.47
C ASN A 102 -60.62 -12.88 22.29
N TYR A 103 -61.76 -13.11 21.64
CA TYR A 103 -63.01 -13.23 22.39
C TYR A 103 -64.04 -13.93 21.52
N LYS A 104 -64.34 -15.20 21.81
CA LYS A 104 -65.29 -15.98 21.03
C LYS A 104 -66.55 -16.20 21.82
N LEU A 105 -67.70 -16.01 21.17
CA LEU A 105 -68.98 -16.36 21.76
C LEU A 105 -69.43 -17.73 21.28
N PRO A 106 -69.93 -18.55 22.22
CA PRO A 106 -70.34 -19.92 21.89
C PRO A 106 -71.58 -19.94 21.03
N ASP A 107 -71.93 -21.13 20.55
CA ASP A 107 -73.15 -21.28 19.71
C ASP A 107 -74.38 -21.09 20.59
N ASP A 108 -74.36 -21.63 21.82
CA ASP A 108 -75.49 -21.54 22.72
C ASP A 108 -75.48 -20.28 23.59
N PHE A 109 -74.77 -19.24 23.16
CA PHE A 109 -74.62 -18.04 23.96
C PHE A 109 -75.99 -17.47 24.29
N THR A 110 -76.19 -17.17 25.58
CA THR A 110 -77.44 -16.62 26.04
C THR A 110 -77.11 -15.39 26.87
N GLY A 111 -77.47 -14.23 26.33
CA GLY A 111 -77.17 -12.96 26.97
C GLY A 111 -77.28 -11.85 25.96
N CYS A 112 -76.78 -10.68 26.35
CA CYS A 112 -76.85 -9.47 25.53
C CYS A 112 -75.46 -8.89 25.27
N VAL A 113 -75.34 -8.19 24.15
CA VAL A 113 -74.09 -7.57 23.73
C VAL A 113 -74.37 -6.08 23.65
N ILE A 114 -73.73 -5.31 24.53
CA ILE A 114 -73.96 -3.87 24.62
C ILE A 114 -72.65 -3.13 24.40
N ALA A 115 -72.62 -2.28 23.38
CA ALA A 115 -71.42 -1.51 23.04
C ALA A 115 -71.79 -0.03 22.89
N TRP A 116 -70.76 0.82 22.97
CA TRP A 116 -70.97 2.25 22.73
C TRP A 116 -69.64 2.94 22.47
N ASN A 117 -69.71 4.04 21.72
CA ASN A 117 -68.54 4.79 21.30
C ASN A 117 -67.91 5.50 22.48
N SER A 118 -66.58 5.40 22.61
CA SER A 118 -65.86 5.97 23.76
C SER A 118 -64.69 6.82 23.33
N ASN A 119 -64.77 7.39 22.11
CA ASN A 119 -63.73 8.30 21.59
C ASN A 119 -63.36 9.40 22.59
N ASN A 120 -64.32 9.88 23.38
CA ASN A 120 -64.09 10.94 24.34
C ASN A 120 -63.33 10.47 25.58
N LEU A 121 -63.30 9.18 25.87
CA LEU A 121 -62.55 8.69 27.02
C LEU A 121 -61.27 7.97 26.65
N ASP A 122 -61.21 7.38 25.46
CA ASP A 122 -60.18 6.39 25.17
C ASP A 122 -59.28 6.75 24.01
N SER A 123 -59.49 7.86 23.33
CA SER A 123 -58.48 8.30 22.37
C SER A 123 -57.55 9.31 23.03
N LYS A 124 -56.41 9.56 22.36
CA LYS A 124 -55.40 10.54 22.79
C LYS A 124 -54.78 11.12 21.54
N VAL A 125 -54.30 12.35 21.64
CA VAL A 125 -53.83 13.06 20.45
C VAL A 125 -52.60 12.37 19.85
N GLY A 126 -51.67 11.93 20.68
CA GLY A 126 -50.59 11.15 20.10
C GLY A 126 -50.92 9.71 19.82
N GLY A 127 -52.16 9.30 20.13
CA GLY A 127 -52.53 7.90 20.06
C GLY A 127 -52.47 7.28 21.43
N ASN A 128 -53.44 6.43 21.74
CA ASN A 128 -53.46 5.71 23.00
C ASN A 128 -52.94 4.31 22.73
N TYR A 129 -51.87 3.93 23.41
CA TYR A 129 -51.31 2.60 23.17
C TYR A 129 -51.67 1.61 24.27
N ASN A 130 -52.48 2.03 25.25
CA ASN A 130 -52.89 1.13 26.34
C ASN A 130 -53.81 0.01 25.87
N TYR A 131 -54.57 0.22 24.80
CA TYR A 131 -55.56 -0.77 24.37
C TYR A 131 -54.94 -1.62 23.28
N LEU A 132 -54.88 -2.94 23.50
CA LEU A 132 -54.25 -3.85 22.57
C LEU A 132 -55.21 -4.98 22.20
N TYR A 133 -54.89 -5.63 21.09
CA TYR A 133 -55.60 -6.82 20.66
C TYR A 133 -54.59 -7.76 19.98
N ARG A 134 -54.85 -9.06 20.09
CA ARG A 134 -53.97 -10.08 19.52
C ARG A 134 -54.26 -10.26 18.03
N LEU A 135 -53.21 -10.17 17.21
CA LEU A 135 -53.35 -10.28 15.77
C LEU A 135 -53.03 -11.65 15.23
N PHE A 136 -52.25 -12.46 15.95
CA PHE A 136 -51.75 -13.75 15.46
C PHE A 136 -52.01 -14.83 16.49
N ARG A 137 -52.36 -16.02 16.03
CA ARG A 137 -52.48 -17.14 16.95
C ARG A 137 -52.38 -18.45 16.18
N LYS A 138 -51.72 -19.44 16.79
CA LYS A 138 -51.57 -20.74 16.15
C LYS A 138 -52.92 -21.42 15.96
N SER A 139 -53.86 -21.20 16.88
CA SER A 139 -55.16 -21.86 16.85
C SER A 139 -56.26 -20.86 17.27
N ASN A 140 -57.45 -21.03 16.70
CA ASN A 140 -58.60 -20.23 17.12
C ASN A 140 -58.94 -20.47 18.59
N LEU A 141 -59.42 -19.43 19.25
CA LEU A 141 -59.86 -19.56 20.62
C LEU A 141 -61.12 -20.43 20.72
N LYS A 142 -61.30 -21.03 21.86
CA LYS A 142 -62.60 -21.62 22.15
C LYS A 142 -63.50 -20.58 22.83
N PRO A 143 -64.81 -20.73 22.69
CA PRO A 143 -65.75 -19.81 23.36
C PRO A 143 -65.40 -19.55 24.82
N PHE A 144 -65.21 -18.28 25.15
CA PHE A 144 -64.89 -17.76 26.48
C PHE A 144 -63.48 -18.10 26.94
N GLU A 145 -62.59 -18.47 26.02
CA GLU A 145 -61.19 -18.60 26.39
C GLU A 145 -60.53 -17.22 26.49
N ARG A 146 -59.43 -17.18 27.23
CA ARG A 146 -58.64 -15.96 27.29
C ARG A 146 -57.19 -16.33 27.13
N ASP A 147 -56.50 -15.66 26.22
CA ASP A 147 -55.07 -15.84 25.97
C ASP A 147 -54.34 -14.53 26.30
N ILE A 148 -53.59 -14.53 27.39
CA ILE A 148 -52.78 -13.38 27.80
C ILE A 148 -51.29 -13.61 27.57
N SER A 149 -50.92 -14.63 26.80
CA SER A 149 -49.52 -14.91 26.56
C SER A 149 -48.89 -13.82 25.68
N THR A 150 -47.56 -13.64 25.83
CA THR A 150 -46.82 -12.60 25.12
C THR A 150 -45.67 -13.16 24.30
N GLU A 151 -45.68 -14.44 23.98
CA GLU A 151 -44.56 -15.02 23.27
C GLU A 151 -44.57 -14.52 21.82
N ILE A 152 -43.36 -14.29 21.26
CA ILE A 152 -43.24 -13.84 19.89
C ILE A 152 -43.90 -14.85 18.95
N TYR A 153 -44.56 -14.36 17.91
CA TYR A 153 -45.30 -15.23 17.00
C TYR A 153 -44.47 -15.51 15.76
N GLN A 154 -44.34 -16.80 15.44
CA GLN A 154 -43.54 -17.23 14.29
C GLN A 154 -44.42 -17.21 13.05
N ALA A 155 -44.36 -16.13 12.28
CA ALA A 155 -45.10 -16.09 11.04
C ALA A 155 -44.41 -16.84 9.89
N GLY A 156 -43.13 -17.19 10.04
CA GLY A 156 -42.38 -17.85 8.99
C GLY A 156 -41.93 -19.25 9.38
N SER A 157 -40.95 -19.77 8.61
CA SER A 157 -40.46 -21.12 8.78
C SER A 157 -39.36 -21.26 9.84
N THR A 158 -38.77 -20.17 10.32
CA THR A 158 -37.65 -20.29 11.24
C THR A 158 -38.06 -19.84 12.64
N PRO A 159 -37.46 -20.41 13.68
CA PRO A 159 -37.79 -20.01 15.06
C PRO A 159 -37.39 -18.56 15.36
N CYS A 160 -37.89 -18.08 16.51
CA CYS A 160 -37.83 -16.69 16.88
C CYS A 160 -36.96 -16.40 18.10
N ASN A 161 -36.60 -17.43 18.88
CA ASN A 161 -35.70 -17.31 20.03
C ASN A 161 -36.06 -16.11 20.93
N GLY A 162 -37.36 -15.92 21.16
CA GLY A 162 -37.82 -14.92 22.11
C GLY A 162 -37.58 -13.49 21.70
N VAL A 163 -37.41 -13.24 20.40
CA VAL A 163 -36.87 -11.97 19.92
C VAL A 163 -37.56 -11.67 18.59
N GLU A 164 -37.86 -10.39 18.36
CA GLU A 164 -38.53 -9.97 17.14
C GLU A 164 -37.54 -9.82 15.98
N GLY A 165 -38.07 -9.97 14.77
CA GLY A 165 -37.27 -9.86 13.56
C GLY A 165 -38.13 -10.28 12.38
N PHE A 166 -37.46 -10.65 11.28
CA PHE A 166 -38.20 -11.06 10.09
C PHE A 166 -39.15 -12.21 10.40
N ASN A 167 -40.45 -11.97 10.21
CA ASN A 167 -41.50 -12.98 10.39
C ASN A 167 -41.58 -13.46 11.84
N CYS A 168 -41.23 -12.58 12.78
CA CYS A 168 -41.14 -12.87 14.21
C CYS A 168 -41.64 -11.59 14.87
N TYR A 169 -42.94 -11.55 15.16
CA TYR A 169 -43.62 -10.32 15.52
C TYR A 169 -44.36 -10.50 16.83
N PHE A 170 -44.22 -9.52 17.71
CA PHE A 170 -44.90 -9.58 18.99
C PHE A 170 -46.40 -9.50 18.71
N PRO A 171 -47.20 -10.47 19.19
CA PRO A 171 -48.56 -10.63 18.63
C PRO A 171 -49.52 -9.50 18.96
N LEU A 172 -49.48 -8.98 20.19
CA LEU A 172 -50.39 -7.90 20.56
C LEU A 172 -50.15 -6.67 19.69
N GLN A 173 -51.22 -6.19 19.07
CA GLN A 173 -51.18 -4.94 18.32
C GLN A 173 -51.77 -3.82 19.15
N SER A 174 -51.24 -2.64 18.96
CA SER A 174 -51.74 -1.46 19.64
C SER A 174 -52.81 -0.82 18.79
N TYR A 175 -53.94 -0.48 19.41
CA TYR A 175 -54.99 0.24 18.70
C TYR A 175 -54.54 1.65 18.32
N GLY A 176 -53.81 2.33 19.20
CA GLY A 176 -53.39 3.69 18.91
C GLY A 176 -54.54 4.67 18.67
N PHE A 177 -55.58 4.62 19.51
CA PHE A 177 -56.77 5.45 19.31
C PHE A 177 -56.44 6.94 19.34
N GLN A 178 -56.87 7.65 18.32
CA GLN A 178 -56.71 9.10 18.26
C GLN A 178 -58.09 9.70 18.03
N PRO A 179 -58.33 10.94 18.49
CA PRO A 179 -59.68 11.53 18.31
C PRO A 179 -60.04 11.75 16.86
N THR A 180 -59.06 11.86 15.98
CA THR A 180 -59.28 12.19 14.57
C THR A 180 -59.53 10.95 13.68
N ASN A 181 -59.55 9.74 14.24
CA ASN A 181 -59.86 8.55 13.44
C ASN A 181 -61.29 8.56 12.93
N GLY A 182 -61.48 8.00 11.73
CA GLY A 182 -62.81 7.68 11.28
C GLY A 182 -63.47 6.68 12.21
N VAL A 183 -64.81 6.65 12.16
CA VAL A 183 -65.60 5.97 13.19
C VAL A 183 -65.16 4.53 13.37
N GLY A 184 -64.91 3.83 12.27
CA GLY A 184 -64.53 2.42 12.34
C GLY A 184 -63.25 2.15 13.12
N TYR A 185 -62.45 3.18 13.37
CA TYR A 185 -61.19 3.02 14.07
C TYR A 185 -61.22 3.69 15.43
N GLN A 186 -62.37 4.03 15.89
CA GLN A 186 -62.52 4.65 17.20
C GLN A 186 -62.80 3.59 18.25
N PRO A 187 -62.45 3.86 19.52
CA PRO A 187 -62.66 2.88 20.59
C PRO A 187 -64.13 2.74 20.98
N TYR A 188 -64.57 1.49 21.13
CA TYR A 188 -65.90 1.20 21.64
C TYR A 188 -65.78 0.39 22.92
N ARG A 189 -66.53 0.80 23.94
CA ARG A 189 -66.64 0.06 25.18
C ARG A 189 -67.73 -0.99 25.00
N VAL A 190 -67.40 -2.24 25.25
CA VAL A 190 -68.31 -3.37 25.07
C VAL A 190 -68.56 -3.99 26.43
N VAL A 191 -69.81 -4.36 26.69
CA VAL A 191 -70.14 -5.23 27.82
C VAL A 191 -70.98 -6.38 27.29
N VAL A 192 -70.55 -7.61 27.56
CA VAL A 192 -71.30 -8.79 27.20
C VAL A 192 -71.84 -9.42 28.48
N LEU A 193 -73.18 -9.44 28.61
CA LEU A 193 -73.85 -10.03 29.76
C LEU A 193 -74.23 -11.46 29.39
N SER A 194 -73.82 -12.42 30.20
CA SER A 194 -74.17 -13.81 29.96
C SER A 194 -74.91 -14.32 31.18
N PHE A 195 -76.01 -15.01 30.96
CA PHE A 195 -76.90 -15.45 32.03
C PHE A 195 -76.79 -16.95 32.15
N GLU A 196 -76.53 -17.42 33.37
CA GLU A 196 -76.28 -18.87 33.59
C GLU A 196 -77.22 -19.40 34.67
N LEU A 197 -77.93 -20.48 34.38
CA LEU A 197 -78.85 -21.08 35.38
C LEU A 197 -78.38 -22.49 35.73
N LEU A 198 -77.52 -22.60 36.75
CA LEU A 198 -77.08 -23.94 37.22
C LEU A 198 -78.23 -24.57 38.02
N HIS A 199 -78.16 -25.87 38.29
CA HIS A 199 -79.20 -26.47 39.16
C HIS A 199 -78.92 -26.05 40.61
N ALA A 200 -79.21 -24.79 40.94
CA ALA A 200 -78.87 -24.27 42.29
C ALA A 200 -79.78 -23.09 42.59
N PRO A 201 -79.96 -22.69 43.87
CA PRO A 201 -80.74 -21.51 44.20
C PRO A 201 -80.35 -20.30 43.34
N ALA A 202 -81.33 -19.73 42.65
CA ALA A 202 -81.06 -18.51 41.86
C ALA A 202 -80.79 -17.37 42.82
N THR A 203 -79.87 -16.48 42.48
CA THR A 203 -79.50 -15.38 43.34
C THR A 203 -79.49 -14.03 42.63
N VAL A 204 -79.63 -14.00 41.31
CA VAL A 204 -79.77 -12.76 40.55
C VAL A 204 -81.15 -12.78 39.92
N CYS A 205 -82.06 -11.97 40.46
CA CYS A 205 -83.42 -11.89 39.97
C CYS A 205 -83.75 -10.45 39.60
N GLY A 206 -84.67 -10.31 38.65
CA GLY A 206 -85.27 -9.03 38.38
C GLY A 206 -86.12 -8.59 39.57
N PRO A 207 -86.59 -7.34 39.55
CA PRO A 207 -87.46 -6.89 40.64
C PRO A 207 -88.73 -7.72 40.80
N LYS A 208 -89.16 -8.41 39.74
CA LYS A 208 -90.34 -9.27 39.81
C LYS A 208 -90.06 -10.58 40.56
N GLN B 1 -43.36 5.90 -5.19
CA GLN B 1 -42.09 6.47 -4.73
C GLN B 1 -41.93 6.48 -3.21
N VAL B 2 -41.06 5.62 -2.69
CA VAL B 2 -40.81 5.61 -1.24
C VAL B 2 -39.96 6.81 -0.87
N GLN B 3 -40.39 7.57 0.13
CA GLN B 3 -39.65 8.74 0.59
C GLN B 3 -39.57 8.71 2.10
N MET B 4 -38.38 9.03 2.63
CA MET B 4 -38.15 9.09 4.06
C MET B 4 -37.23 10.26 4.32
N VAL B 5 -37.75 11.31 4.95
CA VAL B 5 -37.04 12.56 5.13
C VAL B 5 -36.89 12.84 6.61
N GLU B 6 -35.65 13.03 7.05
CA GLU B 6 -35.35 13.28 8.44
C GLU B 6 -35.04 14.76 8.65
N SER B 7 -35.22 15.19 9.90
CA SER B 7 -35.18 16.60 10.26
C SER B 7 -34.95 16.69 11.76
N GLY B 8 -34.59 17.88 12.21
CA GLY B 8 -34.31 18.08 13.61
C GLY B 8 -32.85 17.93 14.01
N GLY B 9 -31.96 17.66 13.07
CA GLY B 9 -30.55 17.58 13.40
C GLY B 9 -29.96 18.95 13.73
N GLY B 10 -28.70 18.92 14.17
CA GLY B 10 -28.01 20.15 14.46
C GLY B 10 -27.16 20.10 15.71
N LEU B 11 -26.96 21.27 16.33
CA LEU B 11 -26.04 21.39 17.45
C LEU B 11 -26.78 21.22 18.78
N VAL B 12 -26.28 20.34 19.64
CA VAL B 12 -26.85 20.14 20.97
C VAL B 12 -25.75 20.19 22.01
N ARG B 13 -26.02 20.92 23.08
CA ARG B 13 -25.15 20.98 24.25
C ARG B 13 -24.84 19.57 24.74
N PRO B 14 -23.63 19.30 25.22
CA PRO B 14 -23.37 18.03 25.93
C PRO B 14 -24.25 17.91 27.16
N GLY B 15 -25.05 16.86 27.20
CA GLY B 15 -25.99 16.64 28.28
C GLY B 15 -27.40 17.09 28.00
N GLY B 16 -27.63 17.87 26.95
CA GLY B 16 -28.95 18.33 26.58
C GLY B 16 -29.76 17.34 25.76
N SER B 17 -30.77 17.89 25.07
CA SER B 17 -31.85 17.10 24.48
C SER B 17 -32.14 17.53 23.05
N LEU B 18 -32.49 16.57 22.20
CA LEU B 18 -32.84 16.83 20.82
C LEU B 18 -33.85 15.79 20.38
N ARG B 19 -34.77 16.20 19.52
CA ARG B 19 -35.83 15.31 19.05
C ARG B 19 -35.83 15.24 17.54
N LEU B 20 -35.45 14.09 17.01
CA LEU B 20 -35.43 13.85 15.57
C LEU B 20 -36.81 13.39 15.10
N SER B 21 -37.08 13.66 13.83
CA SER B 21 -38.36 13.36 13.21
C SER B 21 -38.13 12.83 11.81
N CYS B 22 -38.84 11.77 11.46
CA CYS B 22 -38.71 11.11 10.16
C CYS B 22 -40.08 11.06 9.48
N ALA B 23 -40.24 11.81 8.39
CA ALA B 23 -41.49 11.83 7.64
C ALA B 23 -41.44 10.84 6.49
N ALA B 24 -42.48 10.03 6.35
CA ALA B 24 -42.51 8.97 5.36
C ALA B 24 -43.71 9.10 4.44
N SER B 25 -43.56 8.63 3.21
CA SER B 25 -44.64 8.60 2.23
C SER B 25 -44.31 7.56 1.19
N GLY B 26 -45.34 7.15 0.44
CA GLY B 26 -45.18 6.17 -0.62
C GLY B 26 -45.47 4.73 -0.23
N PHE B 27 -45.98 4.49 0.97
CA PHE B 27 -46.28 3.14 1.44
C PHE B 27 -47.20 3.26 2.65
N THR B 28 -48.00 2.22 2.90
CA THR B 28 -48.87 2.29 4.07
C THR B 28 -47.98 2.14 5.32
N PHE B 29 -47.67 3.30 5.91
CA PHE B 29 -46.72 3.43 7.03
C PHE B 29 -47.02 2.45 8.16
N SER B 30 -48.27 2.37 8.58
CA SER B 30 -48.64 1.60 9.78
C SER B 30 -48.40 0.10 9.64
N ASP B 31 -47.95 -0.35 8.47
CA ASP B 31 -47.71 -1.76 8.26
C ASP B 31 -46.29 -2.20 8.63
N TYR B 32 -45.37 -1.27 8.89
CA TYR B 32 -43.93 -1.55 8.86
C TYR B 32 -43.27 -1.32 10.22
N TYR B 33 -42.41 -2.25 10.62
CA TYR B 33 -41.45 -1.94 11.66
C TYR B 33 -40.49 -0.85 11.17
N MET B 34 -40.04 0.00 12.10
CA MET B 34 -39.10 1.08 11.83
C MET B 34 -37.96 1.07 12.82
N SER B 35 -36.84 1.63 12.38
CA SER B 35 -35.62 1.64 13.17
C SER B 35 -34.89 2.96 13.01
N TRP B 36 -34.18 3.35 14.06
CA TRP B 36 -33.14 4.37 13.97
C TRP B 36 -31.77 3.70 13.95
N ILE B 37 -30.96 4.06 12.96
CA ILE B 37 -29.58 3.62 12.82
C ILE B 37 -28.71 4.85 12.70
N ARG B 38 -27.54 4.83 13.35
CA ARG B 38 -26.65 5.97 13.31
C ARG B 38 -25.24 5.55 12.90
N GLN B 39 -24.52 6.51 12.29
CA GLN B 39 -23.17 6.31 11.78
C GLN B 39 -22.31 7.49 12.23
N ALA B 40 -21.37 7.25 13.14
CA ALA B 40 -20.48 8.31 13.59
C ALA B 40 -19.48 8.69 12.48
N PRO B 41 -18.97 9.95 12.48
CA PRO B 41 -18.01 10.36 11.44
C PRO B 41 -16.90 9.35 11.24
N GLY B 42 -16.84 8.76 10.04
CA GLY B 42 -15.83 7.79 9.68
C GLY B 42 -16.02 6.38 10.19
N LYS B 43 -17.06 6.10 10.95
CA LYS B 43 -17.20 4.77 11.53
C LYS B 43 -18.20 3.95 10.71
N GLY B 44 -18.60 2.80 11.25
CA GLY B 44 -19.58 1.94 10.61
C GLY B 44 -20.99 2.17 11.13
N LEU B 45 -21.90 1.28 10.70
CA LEU B 45 -23.33 1.45 10.93
C LEU B 45 -23.72 0.81 12.26
N GLU B 46 -24.38 1.60 13.12
CA GLU B 46 -24.84 1.12 14.40
C GLU B 46 -26.36 1.25 14.50
N TRP B 47 -27.04 0.12 14.57
CA TRP B 47 -28.46 0.11 14.87
C TRP B 47 -28.66 0.48 16.35
N ILE B 48 -29.69 1.30 16.63
CA ILE B 48 -29.98 1.67 18.02
C ILE B 48 -31.42 1.40 18.47
N SER B 49 -32.40 1.40 17.56
CA SER B 49 -33.76 1.33 18.09
C SER B 49 -34.74 0.80 17.05
N TYR B 50 -35.78 0.12 17.53
CA TYR B 50 -36.88 -0.29 16.67
C TYR B 50 -38.22 -0.11 17.39
N ILE B 51 -39.23 0.20 16.60
CA ILE B 51 -40.62 0.17 17.04
C ILE B 51 -41.41 -0.66 16.04
N SER B 52 -42.26 -1.54 16.57
CA SER B 52 -43.16 -2.37 15.78
C SER B 52 -44.22 -1.49 15.10
N SER B 53 -44.92 -2.10 14.12
CA SER B 53 -45.80 -1.34 13.25
C SER B 53 -46.82 -0.52 14.04
N SER B 54 -47.43 -1.11 15.05
CA SER B 54 -48.49 -0.43 15.78
C SER B 54 -47.99 0.32 17.00
N GLY B 55 -46.71 0.19 17.34
CA GLY B 55 -46.21 0.83 18.54
C GLY B 55 -46.39 0.02 19.81
N SER B 56 -46.63 -1.28 19.69
CA SER B 56 -46.80 -2.12 20.87
C SER B 56 -45.49 -2.69 21.41
N SER B 57 -44.42 -2.68 20.63
CA SER B 57 -43.13 -3.14 21.13
C SER B 57 -42.05 -2.18 20.65
N MET B 58 -40.99 -2.09 21.44
CA MET B 58 -39.81 -1.29 21.09
C MET B 58 -38.63 -1.77 21.89
N ASN B 59 -37.45 -1.50 21.36
CA ASN B 59 -36.22 -1.87 22.06
C ASN B 59 -35.09 -0.98 21.59
N TYR B 60 -33.98 -1.06 22.34
CA TYR B 60 -32.85 -0.15 22.19
C TYR B 60 -31.56 -0.94 22.34
N ALA B 61 -30.56 -0.55 21.53
CA ALA B 61 -29.19 -0.98 21.79
C ALA B 61 -28.73 -0.47 23.15
N ASP B 62 -27.70 -1.12 23.70
CA ASP B 62 -27.32 -0.84 25.07
C ASP B 62 -26.72 0.55 25.23
N SER B 63 -25.97 1.02 24.22
CA SER B 63 -25.34 2.35 24.28
C SER B 63 -26.33 3.49 24.37
N VAL B 64 -27.63 3.20 24.43
CA VAL B 64 -28.67 4.20 24.19
C VAL B 64 -29.87 3.99 25.11
N LYS B 65 -29.97 2.78 25.67
CA LYS B 65 -31.06 2.49 26.60
C LYS B 65 -30.99 3.42 27.82
N GLY B 66 -32.16 3.88 28.25
CA GLY B 66 -32.26 4.80 29.35
C GLY B 66 -32.22 6.26 28.94
N ARG B 67 -31.60 6.57 27.79
CA ARG B 67 -31.44 7.95 27.37
C ARG B 67 -32.33 8.33 26.19
N PHE B 68 -32.59 7.41 25.27
CA PHE B 68 -33.36 7.67 24.08
C PHE B 68 -34.70 6.96 24.17
N THR B 69 -35.68 7.46 23.43
CA THR B 69 -36.99 6.80 23.32
C THR B 69 -37.52 6.98 21.91
N ILE B 70 -37.96 5.89 21.32
CA ILE B 70 -38.53 5.87 19.98
C ILE B 70 -40.04 5.98 20.10
N SER B 71 -40.68 6.50 19.06
CA SER B 71 -42.13 6.57 18.97
C SER B 71 -42.51 6.76 17.51
N ARG B 72 -43.81 6.68 17.25
CA ARG B 72 -44.35 6.84 15.91
C ARG B 72 -45.76 7.40 16.03
N ASP B 73 -46.23 7.99 14.94
CA ASP B 73 -47.60 8.51 14.82
C ASP B 73 -48.12 8.03 13.47
N ASN B 74 -48.89 6.95 13.47
CA ASN B 74 -49.35 6.39 12.21
C ASN B 74 -50.36 7.26 11.49
N ALA B 75 -50.99 8.22 12.19
CA ALA B 75 -51.87 9.17 11.51
C ALA B 75 -51.09 10.19 10.70
N LYS B 76 -49.88 10.55 11.15
CA LYS B 76 -49.05 11.56 10.50
C LYS B 76 -47.89 10.98 9.69
N ASN B 77 -47.77 9.66 9.58
CA ASN B 77 -46.68 8.99 8.86
C ASN B 77 -45.30 9.47 9.36
N SER B 78 -45.11 9.41 10.68
CA SER B 78 -43.97 10.06 11.31
C SER B 78 -43.36 9.14 12.35
N LEU B 79 -42.04 9.04 12.32
CA LEU B 79 -41.29 8.33 13.35
C LEU B 79 -40.52 9.38 14.14
N PHE B 80 -40.24 9.08 15.41
CA PHE B 80 -39.61 10.07 16.26
C PHE B 80 -38.51 9.42 17.09
N LEU B 81 -37.50 10.20 17.42
CA LEU B 81 -36.46 9.73 18.33
C LEU B 81 -36.16 10.85 19.31
N GLN B 82 -36.53 10.66 20.57
CA GLN B 82 -36.25 11.62 21.60
C GLN B 82 -34.94 11.26 22.26
N MET B 83 -34.04 12.23 22.37
CA MET B 83 -32.65 11.98 22.73
C MET B 83 -32.30 12.84 23.93
N ASN B 84 -31.94 12.20 25.06
CA ASN B 84 -31.69 12.92 26.29
C ASN B 84 -30.35 12.52 26.87
N SER B 85 -29.73 13.43 27.62
CA SER B 85 -28.43 13.18 28.23
C SER B 85 -27.35 12.94 27.17
N LEU B 86 -27.39 13.71 26.09
CA LEU B 86 -26.50 13.51 24.96
C LEU B 86 -25.04 13.71 25.35
N ARG B 87 -24.13 13.05 24.61
CA ARG B 87 -22.71 13.10 24.93
C ARG B 87 -21.90 12.99 23.63
N ALA B 88 -20.57 13.06 23.77
CA ALA B 88 -19.69 13.16 22.61
C ALA B 88 -19.82 11.94 21.72
N GLU B 89 -19.90 10.76 22.33
CA GLU B 89 -20.07 9.53 21.58
C GLU B 89 -21.35 9.52 20.73
N ASP B 90 -22.34 10.35 21.06
CA ASP B 90 -23.59 10.33 20.31
C ASP B 90 -23.55 11.12 19.02
N THR B 91 -22.48 11.88 18.76
CA THR B 91 -22.35 12.66 17.54
C THR B 91 -22.32 11.71 16.34
N ALA B 92 -23.26 11.86 15.42
CA ALA B 92 -23.36 10.91 14.31
C ALA B 92 -24.33 11.46 13.27
N VAL B 93 -24.42 10.76 12.15
CA VAL B 93 -25.53 10.87 11.23
C VAL B 93 -26.58 9.84 11.63
N TYR B 94 -27.79 10.30 11.89
CA TYR B 94 -28.89 9.45 12.34
C TYR B 94 -29.82 9.17 11.16
N TYR B 95 -30.04 7.89 10.84
CA TYR B 95 -30.94 7.48 9.78
C TYR B 95 -32.20 6.82 10.34
N CYS B 96 -33.32 7.03 9.65
CA CYS B 96 -34.53 6.24 9.90
C CYS B 96 -34.68 5.21 8.78
N ALA B 97 -35.18 4.02 9.14
CA ALA B 97 -35.28 2.92 8.20
C ALA B 97 -36.58 2.15 8.38
N ARG B 98 -37.26 1.85 7.27
CA ARG B 98 -38.45 1.01 7.30
C ARG B 98 -38.07 -0.42 6.95
N GLU B 99 -38.50 -1.36 7.79
CA GLU B 99 -38.00 -2.72 7.73
C GLU B 99 -39.12 -3.68 7.45
N PHE B 100 -39.57 -4.44 8.44
CA PHE B 100 -40.44 -5.58 8.23
C PHE B 100 -41.93 -5.20 8.12
N ASP B 101 -42.61 -5.89 7.20
CA ASP B 101 -44.02 -5.67 6.90
C ASP B 101 -44.84 -6.81 7.52
N LEU B 102 -45.37 -6.60 8.73
CA LEU B 102 -46.11 -7.70 9.35
C LEU B 102 -47.34 -8.08 8.56
N THR B 103 -47.72 -7.26 7.57
CA THR B 103 -48.87 -7.58 6.73
C THR B 103 -48.61 -8.80 5.85
N LYS B 104 -47.38 -8.97 5.33
CA LYS B 104 -47.02 -10.05 4.44
C LYS B 104 -45.97 -10.95 5.09
N ILE B 105 -45.50 -11.94 4.34
CA ILE B 105 -44.49 -12.89 4.83
C ILE B 105 -43.31 -12.98 3.88
N ILE B 106 -43.29 -12.12 2.87
CA ILE B 106 -42.21 -12.10 1.90
C ILE B 106 -41.22 -11.02 2.32
N MET B 107 -39.94 -11.37 2.32
CA MET B 107 -38.83 -10.46 2.57
C MET B 107 -38.85 -9.31 1.59
N VAL B 108 -38.82 -8.08 2.11
CA VAL B 108 -38.84 -6.87 1.30
C VAL B 108 -37.57 -6.10 1.63
N PRO B 109 -36.98 -5.35 0.71
CA PRO B 109 -35.77 -4.57 1.02
C PRO B 109 -36.06 -3.42 1.97
N PRO B 110 -35.19 -3.19 2.96
CA PRO B 110 -35.31 -1.99 3.80
C PRO B 110 -35.20 -0.70 2.97
N TYR B 111 -35.65 0.41 3.56
CA TYR B 111 -35.58 1.72 2.90
C TYR B 111 -35.16 2.74 3.93
N TRP B 112 -34.16 3.53 3.57
CA TRP B 112 -33.51 4.41 4.51
C TRP B 112 -33.75 5.85 4.09
N GLY B 113 -33.74 6.73 5.06
CA GLY B 113 -33.72 8.15 4.77
C GLY B 113 -32.34 8.59 4.34
N GLN B 114 -32.17 9.91 4.28
CA GLN B 114 -30.92 10.49 3.82
C GLN B 114 -29.95 10.81 4.95
N GLY B 115 -30.35 10.66 6.19
CA GLY B 115 -29.53 11.03 7.33
C GLY B 115 -29.78 12.46 7.79
N THR B 116 -29.55 12.68 9.09
CA THR B 116 -29.35 14.02 9.61
C THR B 116 -28.24 13.98 10.65
N LEU B 117 -27.39 15.02 10.64
CA LEU B 117 -26.23 15.08 11.53
C LEU B 117 -26.60 15.81 12.81
N VAL B 118 -26.40 15.15 13.94
CA VAL B 118 -26.43 15.83 15.23
C VAL B 118 -25.00 15.88 15.77
N THR B 119 -24.62 17.06 16.24
CA THR B 119 -23.31 17.29 16.81
C THR B 119 -23.51 17.65 18.28
N VAL B 120 -22.85 16.92 19.16
CA VAL B 120 -22.91 17.16 20.59
C VAL B 120 -21.64 17.94 20.93
N SER B 121 -21.78 19.25 21.10
CA SER B 121 -20.64 20.12 21.33
C SER B 121 -21.13 21.30 22.16
N SER B 122 -20.24 21.82 23.00
CA SER B 122 -20.59 22.98 23.80
C SER B 122 -20.33 24.30 23.07
N ALA B 123 -19.53 24.28 22.00
CA ALA B 123 -19.20 25.48 21.25
C ALA B 123 -20.43 26.06 20.57
N SER B 124 -20.27 27.28 20.09
CA SER B 124 -21.36 28.11 19.60
C SER B 124 -21.56 27.89 18.11
N THR B 125 -22.79 28.07 17.66
CA THR B 125 -23.03 28.10 16.24
C THR B 125 -22.34 29.33 15.63
N LYS B 126 -22.06 29.26 14.33
CA LYS B 126 -21.36 30.35 13.65
C LYS B 126 -21.48 30.14 12.15
N GLY B 127 -22.04 31.12 11.45
CA GLY B 127 -22.29 31.00 10.04
C GLY B 127 -21.07 31.32 9.20
N PRO B 128 -21.00 30.79 8.00
CA PRO B 128 -19.82 31.01 7.16
C PRO B 128 -19.85 32.35 6.44
N SER B 129 -18.67 32.80 6.05
CA SER B 129 -18.50 33.76 4.98
C SER B 129 -18.08 33.00 3.72
N VAL B 130 -18.52 33.49 2.56
CA VAL B 130 -18.26 32.85 1.27
C VAL B 130 -17.50 33.83 0.40
N PHE B 131 -16.39 33.36 -0.19
CA PHE B 131 -15.46 34.12 -1.02
C PHE B 131 -15.28 33.44 -2.36
N PRO B 132 -15.27 34.19 -3.45
CA PRO B 132 -15.11 33.57 -4.76
C PRO B 132 -13.68 33.12 -4.99
N LEU B 133 -13.53 32.01 -5.71
CA LEU B 133 -12.24 31.59 -6.24
C LEU B 133 -12.29 31.94 -7.73
N ALA B 134 -11.82 33.15 -8.06
CA ALA B 134 -12.04 33.70 -9.39
C ALA B 134 -11.23 32.91 -10.43
N PRO B 135 -11.72 32.82 -11.67
CA PRO B 135 -11.11 31.91 -12.62
C PRO B 135 -9.96 32.53 -13.40
N SER B 136 -9.51 31.80 -14.43
CA SER B 136 -8.27 31.97 -15.20
C SER B 136 -7.40 33.18 -14.88
N SER B 137 -7.44 34.19 -15.74
CA SER B 137 -6.52 35.32 -15.64
C SER B 137 -7.11 36.59 -16.26
N GLY B 143 -9.52 25.72 -24.34
CA GLY B 143 -9.05 25.77 -22.97
C GLY B 143 -10.08 25.43 -21.87
N THR B 144 -9.56 24.95 -20.74
CA THR B 144 -10.35 24.58 -19.57
C THR B 144 -9.92 25.47 -18.41
N ALA B 145 -10.88 26.20 -17.83
CA ALA B 145 -10.63 27.06 -16.69
C ALA B 145 -11.22 26.45 -15.43
N ALA B 146 -10.66 26.84 -14.28
CA ALA B 146 -11.15 26.37 -12.99
C ALA B 146 -11.58 27.55 -12.11
N LEU B 147 -12.71 27.40 -11.42
CA LEU B 147 -13.16 28.45 -10.51
C LEU B 147 -13.74 27.77 -9.28
N GLY B 148 -14.15 28.56 -8.30
CA GLY B 148 -14.76 27.97 -7.11
C GLY B 148 -15.19 28.96 -6.06
N CYS B 149 -15.40 28.40 -4.87
CA CYS B 149 -15.91 29.13 -3.71
C CYS B 149 -15.22 28.62 -2.47
N LEU B 150 -15.01 29.54 -1.53
CA LEU B 150 -14.28 29.27 -0.30
C LEU B 150 -15.18 29.63 0.86
N VAL B 151 -15.64 28.61 1.58
CA VAL B 151 -16.60 28.73 2.66
C VAL B 151 -15.80 28.70 3.96
N LYS B 152 -15.65 29.83 4.62
CA LYS B 152 -14.65 29.93 5.68
C LYS B 152 -15.32 30.29 7.01
N ASP B 153 -14.87 29.60 8.06
CA ASP B 153 -15.13 29.92 9.45
C ASP B 153 -16.58 29.66 9.83
N TYR B 154 -16.96 28.39 9.86
CA TYR B 154 -18.31 28.02 10.26
C TYR B 154 -18.23 26.91 11.30
N PHE B 155 -19.34 26.72 12.02
CA PHE B 155 -19.44 25.69 13.03
C PHE B 155 -20.91 25.49 13.38
N PRO B 156 -21.39 24.26 13.52
CA PRO B 156 -20.63 23.03 13.29
C PRO B 156 -20.75 22.59 11.85
N GLU B 157 -20.33 21.37 11.56
CA GLU B 157 -20.70 20.75 10.30
C GLU B 157 -22.19 20.41 10.34
N PRO B 158 -22.85 20.26 9.19
CA PRO B 158 -22.37 20.30 7.81
C PRO B 158 -22.62 21.62 7.11
N VAL B 159 -21.85 21.86 6.06
CA VAL B 159 -22.16 22.86 5.05
C VAL B 159 -22.37 22.13 3.73
N THR B 160 -23.38 22.56 2.98
CA THR B 160 -23.68 21.99 1.66
C THR B 160 -23.44 23.07 0.60
N VAL B 161 -22.78 22.67 -0.49
CA VAL B 161 -22.55 23.54 -1.63
C VAL B 161 -23.22 22.92 -2.85
N SER B 162 -23.86 23.75 -3.68
CA SER B 162 -24.23 23.36 -5.03
C SER B 162 -23.80 24.47 -5.99
N TRP B 163 -23.92 24.21 -7.29
CA TRP B 163 -23.53 25.17 -8.33
C TRP B 163 -24.70 25.38 -9.28
N ASN B 164 -24.99 26.65 -9.59
CA ASN B 164 -26.16 27.03 -10.38
C ASN B 164 -27.43 26.31 -9.93
N SER B 165 -27.66 26.31 -8.62
CA SER B 165 -28.85 25.67 -8.02
C SER B 165 -29.01 24.23 -8.48
N GLY B 166 -27.90 23.49 -8.49
CA GLY B 166 -27.93 22.14 -8.97
C GLY B 166 -27.92 21.98 -10.47
N ALA B 167 -27.96 23.05 -11.26
CA ALA B 167 -27.91 22.89 -12.71
C ALA B 167 -26.52 22.50 -13.19
N LEU B 168 -25.48 22.86 -12.44
CA LEU B 168 -24.10 22.58 -12.81
C LEU B 168 -23.56 21.46 -11.95
N THR B 169 -23.38 20.29 -12.53
CA THR B 169 -22.87 19.17 -11.78
C THR B 169 -21.59 18.56 -12.35
N SER B 170 -21.34 18.66 -13.66
CA SER B 170 -20.15 18.08 -14.26
C SER B 170 -18.91 18.86 -13.85
N GLY B 171 -17.95 18.18 -13.25
CA GLY B 171 -16.65 18.78 -12.99
C GLY B 171 -16.51 19.40 -11.63
N VAL B 172 -17.52 19.27 -10.77
CA VAL B 172 -17.47 19.80 -9.41
C VAL B 172 -16.66 18.85 -8.53
N HIS B 173 -15.81 19.43 -7.67
CA HIS B 173 -15.21 18.72 -6.55
C HIS B 173 -15.45 19.58 -5.33
N THR B 174 -16.27 19.10 -4.39
CA THR B 174 -16.40 19.72 -3.09
C THR B 174 -15.56 18.96 -2.08
N PHE B 175 -14.56 19.64 -1.54
CA PHE B 175 -13.59 19.00 -0.67
C PHE B 175 -14.16 18.75 0.72
N PRO B 176 -13.58 17.80 1.45
CA PRO B 176 -13.89 17.66 2.88
C PRO B 176 -13.54 18.93 3.65
N ALA B 177 -14.39 19.28 4.61
CA ALA B 177 -14.10 20.41 5.48
C ALA B 177 -12.83 20.17 6.25
N VAL B 178 -12.02 21.21 6.46
CA VAL B 178 -10.86 21.10 7.35
C VAL B 178 -11.18 21.87 8.61
N LEU B 179 -10.71 21.36 9.73
CA LEU B 179 -10.89 22.00 11.02
C LEU B 179 -9.64 22.79 11.33
N GLN B 180 -9.78 24.10 11.37
CA GLN B 180 -8.66 25.00 11.61
C GLN B 180 -8.37 25.05 13.10
N SER B 181 -7.20 25.63 13.43
CA SER B 181 -6.83 25.77 14.84
C SER B 181 -7.81 26.67 15.60
N SER B 182 -8.61 27.48 14.91
CA SER B 182 -9.56 28.34 15.59
C SER B 182 -10.78 27.58 16.12
N GLY B 183 -10.91 26.29 15.78
CA GLY B 183 -12.09 25.55 16.11
C GLY B 183 -13.21 25.68 15.09
N LEU B 184 -13.06 26.57 14.10
CA LEU B 184 -14.03 26.71 13.03
C LEU B 184 -13.60 25.89 11.83
N TYR B 185 -14.59 25.47 11.04
CA TYR B 185 -14.32 24.70 9.85
C TYR B 185 -14.10 25.60 8.64
N SER B 186 -13.57 25.00 7.58
CA SER B 186 -13.43 25.67 6.31
C SER B 186 -13.58 24.62 5.21
N LEU B 187 -14.04 25.06 4.04
CA LEU B 187 -14.33 24.13 2.97
C LEU B 187 -14.24 24.87 1.64
N SER B 188 -13.63 24.25 0.64
CA SER B 188 -13.62 24.83 -0.70
C SER B 188 -14.43 23.95 -1.65
N SER B 189 -15.03 24.57 -2.66
CA SER B 189 -15.66 23.85 -3.75
C SER B 189 -15.23 24.49 -5.07
N VAL B 190 -14.94 23.66 -6.08
CA VAL B 190 -14.35 24.11 -7.34
C VAL B 190 -15.03 23.41 -8.50
N VAL B 191 -14.96 24.03 -9.68
CA VAL B 191 -15.55 23.48 -10.89
C VAL B 191 -14.59 23.76 -12.03
N THR B 192 -14.46 22.80 -12.95
CA THR B 192 -13.77 23.02 -14.21
C THR B 192 -14.83 23.25 -15.29
N VAL B 193 -14.56 24.21 -16.16
CA VAL B 193 -15.56 24.83 -17.02
C VAL B 193 -14.85 25.27 -18.29
N PRO B 194 -15.49 25.21 -19.46
CA PRO B 194 -14.81 25.65 -20.68
C PRO B 194 -14.41 27.12 -20.58
N SER B 195 -13.22 27.43 -21.12
CA SER B 195 -12.68 28.79 -21.02
C SER B 195 -13.58 29.80 -21.72
N SER B 196 -14.14 29.44 -22.87
CA SER B 196 -14.92 30.40 -23.64
C SER B 196 -16.23 30.75 -22.92
N SER B 197 -16.82 29.79 -22.23
CA SER B 197 -18.07 29.99 -21.50
C SER B 197 -17.91 31.01 -20.38
N LEU B 198 -16.69 31.52 -20.15
CA LEU B 198 -16.46 32.43 -19.03
C LEU B 198 -17.02 33.82 -19.24
N GLY B 199 -17.32 34.21 -20.48
CA GLY B 199 -18.00 35.46 -20.71
C GLY B 199 -19.51 35.30 -20.77
N THR B 200 -19.95 34.19 -21.37
CA THR B 200 -21.37 33.97 -21.63
C THR B 200 -22.11 33.45 -20.41
N GLN B 201 -21.60 32.37 -19.81
CA GLN B 201 -22.31 31.57 -18.84
C GLN B 201 -22.15 32.10 -17.42
N THR B 202 -23.24 32.06 -16.65
CA THR B 202 -23.27 32.53 -15.28
C THR B 202 -22.89 31.40 -14.32
N TYR B 203 -22.06 31.72 -13.33
CA TYR B 203 -21.63 30.75 -12.33
C TYR B 203 -21.90 31.32 -10.95
N ILE B 204 -22.74 30.61 -10.19
CA ILE B 204 -23.10 30.95 -8.82
C ILE B 204 -22.93 29.70 -7.96
N CYS B 205 -22.34 29.86 -6.79
CA CYS B 205 -22.29 28.79 -5.82
C CYS B 205 -23.27 29.06 -4.68
N ASN B 206 -23.99 28.03 -4.29
CA ASN B 206 -25.03 28.11 -3.28
C ASN B 206 -24.55 27.40 -2.03
N VAL B 207 -24.18 28.15 -1.02
CA VAL B 207 -23.83 27.63 0.28
C VAL B 207 -25.05 27.69 1.19
N ASN B 208 -25.25 26.61 1.95
CA ASN B 208 -26.29 26.57 2.97
CA ASN B 208 -26.29 26.55 2.97
C ASN B 208 -25.70 25.92 4.21
N HIS B 209 -25.75 26.64 5.33
CA HIS B 209 -25.28 26.15 6.63
C HIS B 209 -26.46 26.23 7.60
N LYS B 210 -27.25 25.16 7.66
CA LYS B 210 -28.50 25.13 8.42
C LYS B 210 -28.33 25.56 9.88
N PRO B 211 -27.36 25.07 10.66
CA PRO B 211 -27.33 25.40 12.09
C PRO B 211 -27.31 26.89 12.40
N SER B 212 -27.00 27.74 11.42
CA SER B 212 -27.05 29.18 11.65
C SER B 212 -28.02 29.87 10.69
N ASN B 213 -28.79 29.09 9.92
CA ASN B 213 -29.76 29.60 8.94
C ASN B 213 -29.11 30.57 7.95
N THR B 214 -27.91 30.19 7.47
CA THR B 214 -27.20 30.88 6.40
C THR B 214 -27.54 30.25 5.06
N LYS B 215 -27.91 31.07 4.09
CA LYS B 215 -28.15 30.61 2.73
C LYS B 215 -27.67 31.72 1.83
N VAL B 216 -26.51 31.53 1.22
CA VAL B 216 -25.82 32.59 0.47
C VAL B 216 -25.51 32.09 -0.93
N ASP B 217 -25.71 32.98 -1.89
CA ASP B 217 -25.34 32.74 -3.28
C ASP B 217 -24.19 33.69 -3.58
N LYS B 218 -23.07 33.17 -4.06
CA LYS B 218 -21.98 34.02 -4.49
C LYS B 218 -21.78 33.84 -5.99
N LYS B 219 -21.89 34.94 -6.73
CA LYS B 219 -21.44 34.97 -8.11
C LYS B 219 -19.92 34.84 -8.16
N VAL B 220 -19.43 33.86 -8.93
CA VAL B 220 -18.01 33.70 -9.18
C VAL B 220 -17.73 34.16 -10.61
N GLU B 221 -16.89 35.19 -10.76
CA GLU B 221 -16.68 35.85 -12.03
C GLU B 221 -15.21 36.22 -12.20
N PRO B 222 -14.74 36.31 -13.45
CA PRO B 222 -13.34 36.75 -13.72
C PRO B 222 -12.97 38.09 -13.10
N LYS B 223 -11.71 38.48 -13.26
CA LYS B 223 -11.14 39.70 -12.67
C LYS B 223 -11.24 39.67 -11.15
N ALA C 1 -27.20 -11.40 20.38
CA ALA C 1 -27.12 -10.56 19.19
C ALA C 1 -26.20 -11.18 18.14
N ILE C 2 -26.78 -11.50 16.98
CA ILE C 2 -26.00 -12.05 15.89
C ILE C 2 -24.85 -11.11 15.54
N GLN C 3 -23.65 -11.66 15.46
CA GLN C 3 -22.45 -10.94 15.05
C GLN C 3 -22.12 -11.31 13.61
N LEU C 4 -21.78 -10.30 12.82
CA LEU C 4 -21.40 -10.48 11.44
C LEU C 4 -19.92 -10.17 11.28
N THR C 5 -19.23 -10.99 10.48
CA THR C 5 -17.80 -10.86 10.25
C THR C 5 -17.61 -10.69 8.75
N GLN C 6 -17.25 -9.49 8.34
CA GLN C 6 -17.12 -9.16 6.94
C GLN C 6 -15.64 -9.08 6.55
N SER C 7 -15.31 -9.59 5.37
CA SER C 7 -13.97 -9.66 4.87
C SER C 7 -13.98 -9.35 3.37
N PRO C 8 -12.97 -8.64 2.85
CA PRO C 8 -11.94 -8.00 3.68
C PRO C 8 -12.40 -6.61 4.06
N SER C 9 -11.69 -5.93 4.95
CA SER C 9 -12.13 -4.60 5.38
C SER C 9 -11.80 -3.51 4.35
N SER C 10 -10.90 -3.79 3.42
CA SER C 10 -10.61 -2.92 2.28
C SER C 10 -9.98 -3.76 1.19
N LEU C 11 -10.15 -3.31 -0.05
CA LEU C 11 -9.49 -3.94 -1.18
C LEU C 11 -9.41 -2.95 -2.32
N SER C 12 -8.45 -3.19 -3.21
CA SER C 12 -8.29 -2.44 -4.44
C SER C 12 -8.29 -3.40 -5.61
N ALA C 13 -8.83 -2.97 -6.74
CA ALA C 13 -8.94 -3.83 -7.90
C ALA C 13 -9.11 -2.96 -9.15
N SER C 14 -8.77 -3.52 -10.30
CA SER C 14 -8.85 -2.73 -11.52
C SER C 14 -10.25 -2.78 -12.11
N VAL C 15 -10.55 -1.77 -12.95
CA VAL C 15 -11.79 -1.78 -13.73
C VAL C 15 -11.91 -3.07 -14.51
N GLY C 16 -13.06 -3.73 -14.40
CA GLY C 16 -13.31 -4.98 -15.09
C GLY C 16 -12.95 -6.22 -14.29
N ASP C 17 -12.25 -6.05 -13.18
CA ASP C 17 -11.93 -7.20 -12.35
C ASP C 17 -13.16 -7.68 -11.60
N ARG C 18 -13.10 -8.92 -11.14
CA ARG C 18 -14.14 -9.49 -10.31
C ARG C 18 -13.77 -9.26 -8.85
N VAL C 19 -14.71 -8.74 -8.08
CA VAL C 19 -14.54 -8.40 -6.67
C VAL C 19 -15.50 -9.24 -5.85
N THR C 20 -14.99 -9.87 -4.81
CA THR C 20 -15.77 -10.78 -3.98
C THR C 20 -15.65 -10.32 -2.53
N ILE C 21 -16.80 -10.25 -1.83
CA ILE C 21 -16.87 -9.80 -0.45
C ILE C 21 -17.69 -10.82 0.31
N THR C 22 -17.27 -11.13 1.54
CA THR C 22 -17.94 -12.18 2.28
C THR C 22 -18.34 -11.73 3.67
N CYS C 23 -19.40 -12.36 4.17
CA CYS C 23 -19.99 -12.06 5.46
C CYS C 23 -20.23 -13.38 6.16
N ARG C 24 -19.82 -13.48 7.42
CA ARG C 24 -20.02 -14.69 8.21
C ARG C 24 -20.83 -14.35 9.46
N ALA C 25 -22.00 -14.98 9.58
CA ALA C 25 -22.92 -14.78 10.70
C ALA C 25 -22.63 -15.77 11.80
N SER C 26 -22.63 -15.29 13.05
CA SER C 26 -22.40 -16.13 14.22
C SER C 26 -23.53 -17.15 14.47
N GLN C 27 -24.58 -17.13 13.64
CA GLN C 27 -25.69 -18.06 13.74
C GLN C 27 -26.27 -18.27 12.36
N GLY C 28 -27.05 -19.35 12.21
CA GLY C 28 -27.86 -19.46 11.01
C GLY C 28 -28.82 -18.28 10.95
N ILE C 29 -28.94 -17.68 9.76
CA ILE C 29 -29.84 -16.56 9.53
C ILE C 29 -30.52 -16.83 8.19
N SER C 30 -30.47 -18.10 7.78
CA SER C 30 -30.87 -18.60 6.48
C SER C 30 -30.66 -17.58 5.37
N SER C 31 -31.71 -16.88 4.92
CA SER C 31 -31.54 -15.93 3.82
C SER C 31 -31.84 -14.50 4.24
N TYR C 32 -31.87 -14.22 5.55
CA TYR C 32 -32.34 -12.92 6.02
C TYR C 32 -31.16 -11.96 6.08
N LEU C 33 -30.74 -11.54 4.89
CA LEU C 33 -29.51 -10.80 4.69
C LEU C 33 -29.73 -9.75 3.62
N ALA C 34 -29.25 -8.54 3.87
CA ALA C 34 -29.13 -7.51 2.84
C ALA C 34 -27.67 -7.09 2.66
N TRP C 35 -27.33 -6.64 1.46
CA TRP C 35 -26.06 -5.99 1.16
C TRP C 35 -26.28 -4.51 0.82
N TYR C 36 -25.53 -3.63 1.46
CA TYR C 36 -25.63 -2.18 1.24
C TYR C 36 -24.39 -1.65 0.52
N GLN C 37 -24.63 -0.62 -0.30
CA GLN C 37 -23.60 0.20 -0.93
C GLN C 37 -23.72 1.61 -0.35
N GLN C 38 -22.60 2.19 0.08
CA GLN C 38 -22.61 3.56 0.58
C GLN C 38 -21.54 4.35 -0.15
N LYS C 39 -21.96 5.26 -1.03
CA LYS C 39 -21.00 6.10 -1.73
C LYS C 39 -20.60 7.28 -0.84
N PRO C 40 -19.49 7.99 -1.18
CA PRO C 40 -19.00 9.07 -0.30
C PRO C 40 -20.06 10.13 0.03
N GLY C 41 -20.30 10.33 1.33
CA GLY C 41 -21.24 11.33 1.76
C GLY C 41 -22.68 11.09 1.38
N LYS C 42 -23.05 9.83 1.13
CA LYS C 42 -24.43 9.46 0.85
C LYS C 42 -24.87 8.43 1.89
N ALA C 43 -26.17 8.16 1.90
CA ALA C 43 -26.75 7.18 2.80
C ALA C 43 -26.56 5.78 2.23
N PRO C 44 -26.48 4.76 3.09
CA PRO C 44 -26.41 3.39 2.57
C PRO C 44 -27.65 3.04 1.79
N LYS C 45 -27.45 2.33 0.69
CA LYS C 45 -28.52 1.91 -0.19
C LYS C 45 -28.43 0.41 -0.37
N VAL C 46 -29.60 -0.25 -0.39
CA VAL C 46 -29.66 -1.70 -0.49
C VAL C 46 -29.44 -2.11 -1.93
N LEU C 47 -28.48 -3.01 -2.15
CA LEU C 47 -28.28 -3.59 -3.47
C LEU C 47 -28.98 -4.91 -3.62
N ILE C 48 -28.90 -5.72 -2.58
CA ILE C 48 -29.43 -7.07 -2.57
C ILE C 48 -30.16 -7.27 -1.25
N TYR C 49 -31.35 -7.86 -1.29
CA TYR C 49 -32.07 -8.30 -0.11
C TYR C 49 -32.43 -9.77 -0.29
N ALA C 50 -32.68 -10.44 0.83
CA ALA C 50 -32.92 -11.89 0.81
C ALA C 50 -31.72 -12.62 0.20
N ALA C 51 -30.52 -12.17 0.56
CA ALA C 51 -29.27 -12.84 0.21
C ALA C 51 -28.95 -12.82 -1.28
N SER C 52 -29.97 -12.83 -2.15
CA SER C 52 -29.64 -12.88 -3.57
C SER C 52 -30.62 -12.17 -4.49
N THR C 53 -31.57 -11.39 -3.98
CA THR C 53 -32.49 -10.67 -4.86
C THR C 53 -31.95 -9.29 -5.18
N LEU C 54 -31.84 -9.00 -6.46
CA LEU C 54 -31.40 -7.67 -6.90
C LEU C 54 -32.48 -6.61 -6.66
N GLN C 55 -32.10 -5.51 -6.02
CA GLN C 55 -33.00 -4.38 -5.97
C GLN C 55 -33.14 -3.77 -7.35
N SER C 56 -34.29 -3.17 -7.61
CA SER C 56 -34.52 -2.50 -8.88
C SER C 56 -33.47 -1.42 -9.11
N GLY C 57 -33.13 -1.21 -10.37
CA GLY C 57 -32.07 -0.28 -10.71
C GLY C 57 -30.68 -0.89 -10.68
N VAL C 58 -30.35 -1.58 -9.60
CA VAL C 58 -29.02 -2.15 -9.40
C VAL C 58 -28.54 -2.87 -10.65
N PRO C 59 -27.36 -2.53 -11.18
CA PRO C 59 -26.81 -3.27 -12.33
C PRO C 59 -26.61 -4.73 -12.00
N SER C 60 -26.81 -5.58 -12.99
CA SER C 60 -26.63 -7.03 -12.82
C SER C 60 -25.18 -7.47 -12.69
N ARG C 61 -24.19 -6.56 -12.76
CA ARG C 61 -22.86 -6.87 -12.27
C ARG C 61 -22.89 -7.38 -10.84
N PHE C 62 -23.86 -6.91 -10.05
CA PHE C 62 -23.99 -7.30 -8.66
C PHE C 62 -24.87 -8.55 -8.51
N SER C 63 -24.47 -9.41 -7.57
CA SER C 63 -25.17 -10.65 -7.24
C SER C 63 -24.72 -11.08 -5.86
N GLY C 64 -25.53 -11.90 -5.22
CA GLY C 64 -25.21 -12.40 -3.90
C GLY C 64 -25.58 -13.86 -3.80
N SER C 65 -24.96 -14.52 -2.83
CA SER C 65 -25.18 -15.95 -2.65
C SER C 65 -24.89 -16.30 -1.21
N GLY C 66 -25.33 -17.50 -0.84
CA GLY C 66 -25.15 -18.03 0.49
C GLY C 66 -26.48 -18.21 1.20
N SER C 67 -26.40 -18.94 2.31
CA SER C 67 -27.57 -19.25 3.11
C SER C 67 -27.12 -19.93 4.39
N GLY C 68 -27.59 -19.44 5.53
CA GLY C 68 -27.17 -20.01 6.77
C GLY C 68 -26.24 -19.08 7.51
N THR C 69 -24.92 -19.28 7.34
CA THR C 69 -23.93 -18.46 8.00
C THR C 69 -22.96 -17.75 7.06
N ASP C 70 -22.87 -18.14 5.78
CA ASP C 70 -21.82 -17.67 4.89
C ASP C 70 -22.40 -17.06 3.63
N PHE C 71 -22.20 -15.76 3.44
CA PHE C 71 -22.77 -15.04 2.34
C PHE C 71 -21.68 -14.32 1.56
N THR C 72 -21.95 -14.10 0.28
CA THR C 72 -20.95 -13.57 -0.64
C THR C 72 -21.58 -12.53 -1.56
N LEU C 73 -20.92 -11.38 -1.68
CA LEU C 73 -21.35 -10.32 -2.59
C LEU C 73 -20.36 -10.27 -3.74
N THR C 74 -20.87 -10.35 -4.97
CA THR C 74 -19.99 -10.36 -6.14
C THR C 74 -20.35 -9.21 -7.07
N ILE C 75 -19.35 -8.39 -7.38
CA ILE C 75 -19.34 -7.51 -8.54
C ILE C 75 -18.52 -8.21 -9.61
N SER C 76 -19.18 -8.63 -10.70
CA SER C 76 -18.50 -9.46 -11.69
C SER C 76 -17.49 -8.66 -12.50
N SER C 77 -17.75 -7.38 -12.77
CA SER C 77 -16.83 -6.54 -13.53
C SER C 77 -16.80 -5.16 -12.90
N LEU C 78 -15.79 -4.90 -12.06
CA LEU C 78 -15.73 -3.65 -11.31
C LEU C 78 -15.71 -2.45 -12.25
N GLN C 79 -16.58 -1.49 -11.98
CA GLN C 79 -16.70 -0.27 -12.76
C GLN C 79 -16.27 0.92 -11.91
N PRO C 80 -15.84 2.01 -12.52
CA PRO C 80 -15.42 3.18 -11.73
C PRO C 80 -16.45 3.66 -10.73
N GLU C 81 -17.75 3.62 -11.07
CA GLU C 81 -18.77 4.14 -10.16
C GLU C 81 -19.03 3.21 -9.00
N ASP C 82 -18.28 2.10 -8.92
CA ASP C 82 -18.44 1.14 -7.84
C ASP C 82 -17.59 1.48 -6.64
N PHE C 83 -16.90 2.61 -6.67
CA PHE C 83 -16.16 3.04 -5.49
C PHE C 83 -17.13 3.33 -4.36
N ALA C 84 -17.01 2.60 -3.25
CA ALA C 84 -17.97 2.71 -2.16
C ALA C 84 -17.47 1.88 -0.99
N THR C 85 -18.17 2.00 0.13
CA THR C 85 -18.03 1.06 1.24
C THR C 85 -19.26 0.18 1.27
N TYR C 86 -19.07 -1.13 1.36
CA TYR C 86 -20.17 -2.08 1.30
C TYR C 86 -20.40 -2.69 2.68
N TYR C 87 -21.66 -2.87 3.06
CA TYR C 87 -21.96 -3.54 4.32
C TYR C 87 -22.96 -4.67 4.12
N CYS C 88 -22.83 -5.70 4.95
CA CYS C 88 -23.85 -6.72 5.10
C CYS C 88 -24.62 -6.42 6.38
N GLN C 89 -25.92 -6.71 6.34
CA GLN C 89 -26.79 -6.55 7.49
C GLN C 89 -27.52 -7.87 7.69
N GLN C 90 -27.49 -8.36 8.91
CA GLN C 90 -28.33 -9.47 9.34
C GLN C 90 -29.73 -8.93 9.62
N LEU C 91 -30.76 -9.65 9.14
CA LEU C 91 -32.17 -9.27 9.33
C LEU C 91 -32.99 -10.34 10.05
N LYS C 92 -32.34 -11.38 10.55
CA LYS C 92 -33.09 -12.41 11.27
C LYS C 92 -33.78 -11.84 12.52
N SER C 93 -33.08 -11.00 13.28
CA SER C 93 -33.60 -10.71 14.61
C SER C 93 -33.01 -9.41 15.15
N TYR C 94 -33.87 -8.58 15.77
CA TYR C 94 -33.40 -7.40 16.46
C TYR C 94 -32.54 -7.81 17.65
N PRO C 95 -31.56 -6.99 18.05
CA PRO C 95 -31.00 -5.77 17.44
C PRO C 95 -30.32 -6.06 16.11
N LEU C 96 -30.68 -5.31 15.07
CA LEU C 96 -30.09 -5.57 13.77
C LEU C 96 -28.60 -5.24 13.82
N THR C 97 -27.79 -6.02 13.13
CA THR C 97 -26.35 -5.84 13.24
C THR C 97 -25.72 -5.82 11.86
N PHE C 98 -24.53 -5.23 11.77
CA PHE C 98 -23.84 -5.01 10.50
C PHE C 98 -22.42 -5.57 10.53
N GLY C 99 -21.94 -5.95 9.34
CA GLY C 99 -20.52 -6.16 9.17
C GLY C 99 -19.75 -4.86 9.26
N GLY C 100 -18.43 -4.98 9.38
CA GLY C 100 -17.58 -3.80 9.58
C GLY C 100 -17.38 -2.93 8.37
N GLY C 101 -17.77 -3.39 7.19
CA GLY C 101 -17.59 -2.60 5.99
C GLY C 101 -16.42 -3.12 5.14
N THR C 102 -16.48 -2.79 3.85
CA THR C 102 -15.43 -3.13 2.91
C THR C 102 -15.24 -1.95 1.99
N LYS C 103 -14.20 -1.14 2.25
CA LYS C 103 -13.88 -0.07 1.32
C LYS C 103 -13.35 -0.66 0.03
N VAL C 104 -13.95 -0.28 -1.09
CA VAL C 104 -13.56 -0.75 -2.41
C VAL C 104 -12.99 0.44 -3.16
N GLU C 105 -11.67 0.41 -3.40
CA GLU C 105 -10.95 1.39 -4.23
C GLU C 105 -10.70 0.82 -5.62
N ILE C 106 -10.44 1.71 -6.57
CA ILE C 106 -10.16 1.30 -7.94
C ILE C 106 -8.68 1.57 -8.25
N THR C 107 -8.03 0.55 -8.82
CA THR C 107 -6.66 0.66 -9.33
C THR C 107 -6.69 1.26 -10.74
N ARG C 108 -5.85 2.25 -10.98
CA ARG C 108 -5.91 3.07 -12.17
C ARG C 108 -4.49 3.30 -12.69
N THR C 109 -4.35 3.77 -13.94
CA THR C 109 -3.05 4.23 -14.43
C THR C 109 -2.69 5.58 -13.82
N VAL C 110 -1.42 5.99 -13.99
CA VAL C 110 -0.94 7.23 -13.39
C VAL C 110 -1.48 8.42 -14.16
N ALA C 111 -2.00 9.41 -13.45
CA ALA C 111 -2.46 10.67 -14.04
C ALA C 111 -1.84 11.82 -13.27
N ALA C 112 -1.21 12.74 -13.99
CA ALA C 112 -0.65 13.93 -13.35
C ALA C 112 -1.76 14.90 -12.93
N PRO C 113 -1.52 15.70 -11.89
CA PRO C 113 -2.48 16.76 -11.53
C PRO C 113 -2.41 17.95 -12.48
N SER C 114 -3.57 18.56 -12.72
CA SER C 114 -3.63 19.91 -13.26
C SER C 114 -3.68 20.87 -12.07
N VAL C 115 -2.82 21.89 -12.10
CA VAL C 115 -2.60 22.76 -10.95
C VAL C 115 -3.16 24.14 -11.25
N PHE C 116 -3.90 24.70 -10.29
CA PHE C 116 -4.41 26.07 -10.34
C PHE C 116 -4.13 26.76 -9.01
N ILE C 117 -3.85 28.05 -9.09
CA ILE C 117 -3.67 28.86 -7.88
C ILE C 117 -4.72 29.96 -7.91
N PHE C 118 -5.15 30.39 -6.71
CA PHE C 118 -6.26 31.33 -6.56
C PHE C 118 -5.91 32.37 -5.51
N PRO C 119 -5.83 33.64 -5.88
CA PRO C 119 -5.50 34.67 -4.91
C PRO C 119 -6.65 34.90 -3.95
N PRO C 120 -6.39 35.42 -2.75
CA PRO C 120 -7.50 35.80 -1.88
C PRO C 120 -8.37 36.85 -2.58
N SER C 121 -9.62 36.94 -2.13
CA SER C 121 -10.59 37.82 -2.76
C SER C 121 -10.47 39.22 -2.18
N ASP C 122 -10.88 40.18 -3.00
CA ASP C 122 -11.21 41.54 -2.54
C ASP C 122 -11.94 41.55 -1.20
N GLU C 123 -13.08 40.83 -1.11
CA GLU C 123 -13.90 40.84 0.10
C GLU C 123 -13.08 40.42 1.32
N GLN C 124 -12.46 39.23 1.26
CA GLN C 124 -11.86 38.65 2.46
C GLN C 124 -10.72 39.52 3.00
N LEU C 125 -10.02 40.23 2.12
CA LEU C 125 -8.95 41.11 2.57
C LEU C 125 -9.44 42.15 3.58
N LYS C 126 -10.64 42.71 3.34
CA LYS C 126 -11.25 43.65 4.27
C LYS C 126 -11.43 43.08 5.68
N SER C 127 -11.49 41.75 5.81
CA SER C 127 -11.70 41.12 7.11
C SER C 127 -10.42 40.99 7.94
N GLY C 128 -9.24 41.03 7.33
CA GLY C 128 -8.00 40.97 8.08
C GLY C 128 -7.23 39.68 7.96
N THR C 129 -7.74 38.67 7.27
CA THR C 129 -6.96 37.51 6.88
C THR C 129 -6.99 37.36 5.37
N ALA C 130 -6.04 36.59 4.84
CA ALA C 130 -5.94 36.30 3.41
C ALA C 130 -5.75 34.80 3.23
N SER C 131 -6.55 34.22 2.34
CA SER C 131 -6.55 32.79 2.08
C SER C 131 -6.12 32.57 0.64
N VAL C 132 -5.03 31.81 0.46
CA VAL C 132 -4.47 31.53 -0.84
C VAL C 132 -4.67 30.05 -1.09
N VAL C 133 -5.38 29.71 -2.17
CA VAL C 133 -5.80 28.34 -2.40
C VAL C 133 -5.11 27.80 -3.64
N CYS C 134 -4.67 26.54 -3.56
CA CYS C 134 -4.03 25.83 -4.65
C CYS C 134 -4.77 24.52 -4.90
N LEU C 135 -5.16 24.31 -6.15
CA LEU C 135 -5.96 23.15 -6.56
C LEU C 135 -5.10 22.15 -7.34
N LEU C 136 -5.22 20.87 -6.98
CA LEU C 136 -4.63 19.77 -7.73
C LEU C 136 -5.79 18.90 -8.22
N ASN C 137 -6.02 18.89 -9.52
CA ASN C 137 -7.23 18.31 -10.10
C ASN C 137 -6.92 17.02 -10.85
N ASN C 138 -7.66 15.96 -10.50
CA ASN C 138 -7.75 14.74 -11.29
C ASN C 138 -6.38 14.09 -11.54
N PHE C 139 -5.72 13.68 -10.45
CA PHE C 139 -4.45 12.96 -10.49
C PHE C 139 -4.54 11.59 -9.83
N TYR C 140 -3.55 10.75 -10.11
CA TYR C 140 -3.53 9.42 -9.50
C TYR C 140 -2.10 8.91 -9.50
N PRO C 141 -1.61 8.30 -8.40
CA PRO C 141 -2.28 7.96 -7.14
C PRO C 141 -2.44 9.14 -6.17
N ARG C 142 -2.91 8.83 -4.94
CA ARG C 142 -3.27 9.85 -3.96
CA ARG C 142 -3.28 9.86 -3.96
C ARG C 142 -2.07 10.69 -3.53
N GLU C 143 -0.92 10.05 -3.32
CA GLU C 143 0.27 10.75 -2.79
C GLU C 143 0.60 12.01 -3.58
N ALA C 144 0.85 13.10 -2.86
CA ALA C 144 1.18 14.38 -3.47
C ALA C 144 1.74 15.30 -2.39
N LYS C 145 2.61 16.22 -2.80
CA LYS C 145 3.19 17.20 -1.88
C LYS C 145 2.96 18.57 -2.47
N VAL C 146 2.48 19.51 -1.64
CA VAL C 146 2.37 20.92 -1.99
C VAL C 146 3.31 21.69 -1.10
N GLN C 147 4.14 22.53 -1.70
CA GLN C 147 4.97 23.46 -0.97
C GLN C 147 4.55 24.89 -1.32
N TRP C 148 4.34 25.69 -0.30
CA TRP C 148 4.03 27.10 -0.51
C TRP C 148 5.30 27.91 -0.44
N LYS C 149 5.44 28.87 -1.36
CA LYS C 149 6.58 29.78 -1.38
C LYS C 149 6.08 31.22 -1.49
N VAL C 150 6.51 32.06 -0.55
CA VAL C 150 6.15 33.49 -0.55
C VAL C 150 7.41 34.31 -0.71
N ASP C 151 7.53 34.98 -1.87
CA ASP C 151 8.76 35.64 -2.29
C ASP C 151 9.95 34.70 -2.13
N ASN C 152 9.73 33.43 -2.49
CA ASN C 152 10.71 32.34 -2.53
C ASN C 152 10.99 31.78 -1.14
N ALA C 153 10.39 32.32 -0.08
CA ALA C 153 10.53 31.76 1.26
C ALA C 153 9.54 30.60 1.46
N LEU C 154 10.06 29.41 1.79
CA LEU C 154 9.23 28.23 1.99
C LEU C 154 8.38 28.34 3.26
N GLN C 155 7.07 28.17 3.11
CA GLN C 155 6.14 28.33 4.21
C GLN C 155 5.95 27.02 4.97
N SER C 156 5.75 27.17 6.28
CA SER C 156 5.59 26.01 7.16
C SER C 156 4.69 26.43 8.29
N GLY C 157 3.75 25.54 8.64
CA GLY C 157 2.83 25.79 9.73
C GLY C 157 1.55 26.50 9.37
N ASN C 158 1.41 26.99 8.14
CA ASN C 158 0.27 27.84 7.78
C ASN C 158 -0.48 27.33 6.55
N SER C 159 -0.48 26.02 6.33
CA SER C 159 -1.24 25.43 5.25
C SER C 159 -2.03 24.22 5.75
N GLN C 160 -3.25 24.06 5.23
CA GLN C 160 -4.04 22.85 5.44
C GLN C 160 -4.60 22.41 4.11
N GLU C 161 -4.64 21.09 3.91
CA GLU C 161 -5.17 20.53 2.68
C GLU C 161 -6.26 19.52 3.00
N SER C 162 -7.07 19.23 1.99
CA SER C 162 -7.92 18.04 2.06
C SER C 162 -8.03 17.48 0.66
N VAL C 163 -8.40 16.20 0.61
CA VAL C 163 -8.44 15.42 -0.62
C VAL C 163 -9.83 14.85 -0.79
N THR C 164 -10.29 14.77 -2.02
CA THR C 164 -11.55 14.08 -2.25
C THR C 164 -11.35 12.57 -2.33
N GLU C 165 -12.46 11.85 -2.20
CA GLU C 165 -12.50 10.44 -2.48
C GLU C 165 -12.36 10.20 -3.97
N GLN C 166 -12.15 8.94 -4.35
CA GLN C 166 -11.90 8.62 -5.75
C GLN C 166 -13.10 8.99 -6.62
N ASP C 167 -12.85 9.78 -7.67
CA ASP C 167 -13.90 10.22 -8.56
C ASP C 167 -14.65 9.05 -9.18
N SER C 168 -15.97 9.19 -9.28
CA SER C 168 -16.84 8.09 -9.69
C SER C 168 -16.84 7.86 -11.21
N LYS C 169 -16.26 8.78 -11.98
CA LYS C 169 -16.13 8.57 -13.42
C LYS C 169 -14.72 8.13 -13.85
N ASP C 170 -13.67 8.78 -13.34
CA ASP C 170 -12.31 8.51 -13.80
C ASP C 170 -11.39 8.04 -12.67
N SER C 171 -11.95 7.71 -11.52
CA SER C 171 -11.25 7.14 -10.37
C SER C 171 -10.04 7.98 -9.90
N THR C 172 -9.90 9.25 -10.31
CA THR C 172 -8.77 10.05 -9.85
C THR C 172 -9.08 10.74 -8.52
N TYR C 173 -8.12 11.50 -8.00
CA TYR C 173 -8.34 12.31 -6.81
C TYR C 173 -8.21 13.80 -7.14
N SER C 174 -8.68 14.64 -6.21
CA SER C 174 -8.40 16.07 -6.25
C SER C 174 -8.02 16.55 -4.85
N LEU C 175 -7.17 17.58 -4.79
CA LEU C 175 -6.65 18.07 -3.52
C LEU C 175 -6.66 19.58 -3.51
N SER C 176 -6.85 20.15 -2.32
CA SER C 176 -6.99 21.60 -2.17
C SER C 176 -6.19 22.04 -0.95
N SER C 177 -5.09 22.75 -1.19
CA SER C 177 -4.26 23.30 -0.12
C SER C 177 -4.60 24.78 0.07
N THR C 178 -4.73 25.22 1.31
CA THR C 178 -5.05 26.61 1.63
C THR C 178 -4.00 27.18 2.58
N LEU C 179 -3.35 28.27 2.15
CA LEU C 179 -2.40 29.03 2.95
C LEU C 179 -3.09 30.23 3.60
N THR C 180 -2.92 30.39 4.91
CA THR C 180 -3.62 31.43 5.66
C THR C 180 -2.60 32.39 6.24
N LEU C 181 -2.74 33.66 5.89
CA LEU C 181 -1.86 34.72 6.36
C LEU C 181 -2.71 35.88 6.83
N SER C 182 -2.17 36.66 7.76
CA SER C 182 -2.79 37.92 8.12
C SER C 182 -2.74 38.88 6.93
N LYS C 183 -3.63 39.87 6.95
CA LYS C 183 -3.65 40.87 5.89
C LYS C 183 -2.30 41.58 5.79
N ALA C 184 -1.72 41.94 6.95
CA ALA C 184 -0.43 42.62 6.98
C ALA C 184 0.65 41.78 6.30
N ASP C 185 0.85 40.55 6.77
CA ASP C 185 1.88 39.69 6.18
C ASP C 185 1.67 39.52 4.69
N TYR C 186 0.42 39.24 4.28
CA TYR C 186 0.14 39.02 2.88
C TYR C 186 0.59 40.21 2.02
N GLU C 187 0.36 41.43 2.49
CA GLU C 187 0.69 42.62 1.73
C GLU C 187 2.18 42.96 1.76
N LYS C 188 2.95 42.37 2.67
CA LYS C 188 4.40 42.59 2.71
C LYS C 188 5.14 41.87 1.60
N HIS C 189 4.47 41.11 0.74
CA HIS C 189 5.16 40.28 -0.23
C HIS C 189 4.43 40.29 -1.56
N LYS C 190 5.17 39.97 -2.62
CA LYS C 190 4.67 40.07 -3.99
C LYS C 190 4.34 38.73 -4.64
N VAL C 191 5.23 37.74 -4.56
CA VAL C 191 5.12 36.51 -5.35
C VAL C 191 4.58 35.38 -4.48
N TYR C 192 3.50 34.77 -4.93
CA TYR C 192 2.83 33.69 -4.22
C TYR C 192 2.86 32.45 -5.11
N ALA C 193 3.44 31.37 -4.60
CA ALA C 193 3.76 30.21 -5.42
C ALA C 193 3.27 28.92 -4.78
N CYS C 194 2.67 28.09 -5.59
CA CYS C 194 2.28 26.74 -5.21
C CYS C 194 3.15 25.78 -6.01
N GLU C 195 4.00 25.00 -5.33
CA GLU C 195 4.89 24.03 -5.96
C GLU C 195 4.43 22.61 -5.66
N VAL C 196 4.13 21.87 -6.71
CA VAL C 196 3.45 20.58 -6.61
C VAL C 196 4.37 19.47 -7.10
N THR C 197 4.56 18.44 -6.26
CA THR C 197 5.30 17.23 -6.63
C THR C 197 4.35 16.04 -6.74
N HIS C 198 4.41 15.34 -7.87
CA HIS C 198 3.59 14.15 -8.05
C HIS C 198 4.19 13.23 -9.10
N GLN C 199 4.08 11.92 -8.86
CA GLN C 199 4.66 10.87 -9.68
C GLN C 199 4.40 11.01 -11.17
N GLY C 200 3.34 11.71 -11.57
CA GLY C 200 3.00 11.84 -12.97
C GLY C 200 3.64 13.01 -13.68
N LEU C 201 4.28 13.90 -12.93
CA LEU C 201 5.01 15.03 -13.50
C LEU C 201 6.50 14.69 -13.55
N SER C 202 7.16 15.02 -14.67
CA SER C 202 8.60 14.81 -14.76
C SER C 202 9.34 15.63 -13.73
N SER C 203 8.87 16.86 -13.49
CA SER C 203 9.49 17.78 -12.56
C SER C 203 8.39 18.55 -11.86
N PRO C 204 8.62 18.99 -10.63
CA PRO C 204 7.61 19.78 -9.92
C PRO C 204 7.05 20.93 -10.75
N VAL C 205 5.73 21.05 -10.74
CA VAL C 205 5.03 22.18 -11.34
C VAL C 205 4.86 23.27 -10.31
N THR C 206 5.12 24.51 -10.72
CA THR C 206 4.83 25.66 -9.90
C THR C 206 3.80 26.53 -10.59
N LYS C 207 2.76 26.93 -9.86
CA LYS C 207 1.79 27.89 -10.33
C LYS C 207 1.84 29.10 -9.39
N SER C 208 1.81 30.31 -9.95
CA SER C 208 2.10 31.46 -9.10
C SER C 208 1.42 32.70 -9.63
N PHE C 209 1.25 33.68 -8.75
CA PHE C 209 0.74 34.98 -9.14
C PHE C 209 1.54 36.05 -8.42
N ASN C 210 1.36 37.30 -8.86
CA ASN C 210 1.90 38.47 -8.20
C ASN C 210 0.76 39.24 -7.59
N ARG C 211 0.88 39.60 -6.32
CA ARG C 211 -0.18 40.32 -5.63
C ARG C 211 -0.57 41.60 -6.39
N GLY C 212 -1.88 41.82 -6.51
CA GLY C 212 -2.40 42.96 -7.24
C GLY C 212 -2.14 42.91 -8.73
N GLU C 213 -2.59 41.85 -9.41
CA GLU C 213 -2.44 41.67 -10.86
C GLU C 213 -1.06 42.04 -11.36
N THR D 13 94.82 11.52 -8.88
CA THR D 13 95.34 10.33 -8.16
C THR D 13 94.17 9.38 -7.84
N ASN D 14 93.08 9.92 -7.30
CA ASN D 14 91.92 9.09 -6.89
C ASN D 14 91.26 8.48 -8.13
N LEU D 15 90.80 7.23 -8.04
CA LEU D 15 90.06 6.63 -9.17
C LEU D 15 88.60 7.06 -9.05
N CYS D 16 87.89 7.22 -10.17
CA CYS D 16 86.51 7.77 -10.09
C CYS D 16 85.50 6.71 -9.59
N PRO D 17 84.42 7.02 -8.81
CA PRO D 17 83.49 6.01 -8.31
C PRO D 17 82.41 5.64 -9.32
N PHE D 18 82.83 5.25 -10.53
CA PHE D 18 81.85 4.87 -11.53
C PHE D 18 81.17 3.57 -11.16
N GLY D 19 81.89 2.66 -10.50
CA GLY D 19 81.25 1.44 -10.02
C GLY D 19 80.10 1.72 -9.07
N GLU D 20 80.24 2.76 -8.24
CA GLU D 20 79.17 3.19 -7.36
C GLU D 20 77.93 3.61 -8.15
N VAL D 21 78.14 4.30 -9.27
CA VAL D 21 77.02 4.70 -10.12
C VAL D 21 76.44 3.48 -10.84
N PHE D 22 77.30 2.70 -11.51
CA PHE D 22 76.87 1.66 -12.43
C PHE D 22 76.44 0.40 -11.71
N ASN D 23 77.11 0.05 -10.62
CA ASN D 23 76.86 -1.21 -9.94
C ASN D 23 75.98 -1.02 -8.71
N ALA D 24 75.44 0.20 -8.52
CA ALA D 24 74.50 0.49 -7.44
C ALA D 24 73.37 -0.53 -7.43
N THR D 25 73.10 -1.05 -6.24
CA THR D 25 72.08 -2.08 -6.10
C THR D 25 70.69 -1.52 -6.40
N ARG D 26 70.37 -0.35 -5.84
CA ARG D 26 69.11 0.33 -6.09
C ARG D 26 69.33 1.46 -7.09
N PHE D 27 68.47 1.53 -8.11
CA PHE D 27 68.47 2.58 -9.11
C PHE D 27 67.22 3.44 -8.94
N ALA D 28 67.29 4.67 -9.45
CA ALA D 28 66.22 5.64 -9.29
C ALA D 28 65.11 5.42 -10.32
N SER D 29 63.93 5.95 -10.03
CA SER D 29 62.88 6.04 -11.06
C SER D 29 63.24 7.15 -12.05
N VAL D 30 62.75 7.01 -13.28
CA VAL D 30 63.15 7.97 -14.31
C VAL D 30 62.52 9.35 -14.05
N TYR D 31 61.28 9.39 -13.54
CA TYR D 31 60.70 10.68 -13.20
C TYR D 31 61.50 11.35 -12.09
N ALA D 32 62.09 10.54 -11.20
CA ALA D 32 62.91 11.09 -10.13
C ALA D 32 64.39 10.79 -10.35
N TRP D 33 64.88 11.00 -11.58
CA TRP D 33 66.22 10.56 -11.96
C TRP D 33 67.30 11.16 -11.06
N ASN D 34 68.29 10.35 -10.74
CA ASN D 34 69.37 10.71 -9.82
C ASN D 34 70.54 11.35 -10.57
N ARG D 35 71.17 12.35 -9.96
CA ARG D 35 72.36 12.98 -10.53
C ARG D 35 73.52 12.93 -9.53
N LYS D 36 74.65 12.35 -9.96
CA LYS D 36 75.84 12.27 -9.13
C LYS D 36 76.96 13.06 -9.79
N ARG D 37 77.52 14.02 -9.05
CA ARG D 37 78.67 14.78 -9.51
C ARG D 37 79.95 14.00 -9.28
N ILE D 38 80.72 13.82 -10.35
CA ILE D 38 82.04 13.21 -10.29
C ILE D 38 83.07 14.33 -10.38
N SER D 39 84.02 14.34 -9.44
CA SER D 39 85.01 15.40 -9.39
C SER D 39 86.23 14.93 -8.62
N ASN D 40 87.38 15.54 -8.93
CA ASN D 40 88.66 15.28 -8.27
C ASN D 40 89.09 13.81 -8.40
N CYS D 41 89.19 13.34 -9.65
CA CYS D 41 89.55 11.94 -9.81
C CYS D 41 90.01 11.65 -11.23
N VAL D 42 90.66 10.49 -11.36
CA VAL D 42 91.12 9.96 -12.64
C VAL D 42 90.12 8.89 -13.07
N ALA D 43 89.53 9.06 -14.24
CA ALA D 43 88.62 8.08 -14.81
C ALA D 43 89.23 7.46 -16.06
N ASP D 44 89.04 6.15 -16.24
CA ASP D 44 89.37 5.52 -17.52
C ASP D 44 88.09 5.02 -18.16
N TYR D 45 87.60 5.77 -19.14
CA TYR D 45 86.35 5.48 -19.81
C TYR D 45 86.48 4.35 -20.82
N SER D 46 87.68 3.99 -21.23
CA SER D 46 87.77 2.88 -22.17
C SER D 46 87.63 1.54 -21.46
N VAL D 47 88.08 1.43 -20.20
CA VAL D 47 87.73 0.27 -19.38
C VAL D 47 86.22 0.21 -19.20
N LEU D 48 85.58 1.37 -19.07
CA LEU D 48 84.12 1.43 -18.98
C LEU D 48 83.48 0.80 -20.19
N TYR D 49 83.80 1.30 -21.38
CA TYR D 49 83.23 0.73 -22.62
C TYR D 49 83.62 -0.75 -22.70
N ASN D 50 84.83 -1.13 -22.31
CA ASN D 50 85.21 -2.55 -22.49
C ASN D 50 84.76 -3.38 -21.29
N SER D 51 84.02 -2.79 -20.35
CA SER D 51 83.66 -3.52 -19.10
C SER D 51 82.61 -4.60 -19.36
N ALA D 52 81.36 -4.18 -19.56
CA ALA D 52 80.27 -5.14 -19.81
C ALA D 52 79.85 -5.03 -21.26
N SER D 53 79.01 -5.95 -21.72
CA SER D 53 78.47 -5.78 -23.09
C SER D 53 77.18 -4.96 -22.98
N PHE D 54 77.27 -3.69 -22.56
CA PHE D 54 76.10 -2.79 -22.52
C PHE D 54 75.41 -2.82 -23.88
N SER D 55 74.07 -2.91 -23.90
CA SER D 55 73.35 -2.99 -25.15
C SER D 55 73.26 -1.65 -25.84
N THR D 56 73.55 -0.56 -25.14
CA THR D 56 73.50 0.78 -25.71
C THR D 56 74.70 1.56 -25.17
N PHE D 57 75.49 2.11 -26.08
CA PHE D 57 76.67 2.90 -25.69
C PHE D 57 76.86 3.95 -26.78
N LYS D 58 76.15 5.05 -26.64
CA LYS D 58 76.09 6.09 -27.65
C LYS D 58 76.67 7.37 -27.10
N CYS D 59 77.61 7.96 -27.83
CA CYS D 59 78.31 9.16 -27.39
C CYS D 59 78.04 10.30 -28.35
N TYR D 60 78.04 11.51 -27.81
CA TYR D 60 77.69 12.72 -28.55
C TYR D 60 78.73 13.79 -28.28
N GLY D 61 79.43 14.24 -29.33
CA GLY D 61 80.47 15.24 -29.19
C GLY D 61 81.76 14.72 -28.61
N VAL D 62 81.95 13.40 -28.58
CA VAL D 62 83.11 12.78 -27.96
C VAL D 62 82.99 11.28 -28.24
N SER D 63 84.07 10.54 -28.01
CA SER D 63 84.14 9.09 -28.19
C SER D 63 84.84 8.47 -27.00
N PRO D 64 84.57 7.18 -26.71
CA PRO D 64 85.18 6.59 -25.51
C PRO D 64 86.69 6.63 -25.49
N THR D 65 87.38 6.45 -26.64
CA THR D 65 88.83 6.48 -26.64
C THR D 65 89.37 7.89 -26.44
N LYS D 66 88.83 8.87 -27.17
CA LYS D 66 89.24 10.26 -26.97
C LYS D 66 88.96 10.74 -25.55
N LEU D 67 88.02 10.09 -24.84
CA LEU D 67 87.66 10.49 -23.49
C LEU D 67 88.84 10.45 -22.54
N ASN D 68 89.80 9.55 -22.78
CA ASN D 68 90.96 9.44 -21.89
C ASN D 68 91.97 10.56 -22.08
N ASP D 69 92.06 11.14 -23.29
CA ASP D 69 92.94 12.30 -23.47
C ASP D 69 92.39 13.52 -22.74
N LEU D 70 91.08 13.72 -22.79
CA LEU D 70 90.53 15.00 -22.42
C LEU D 70 90.38 15.13 -20.90
N CYS D 71 90.23 16.39 -20.47
CA CYS D 71 90.05 16.76 -19.08
C CYS D 71 88.87 17.71 -18.99
N PHE D 72 87.96 17.43 -18.07
CA PHE D 72 86.78 18.26 -17.87
C PHE D 72 86.72 18.70 -16.41
N THR D 73 86.00 19.81 -16.19
CA THR D 73 85.81 20.35 -14.85
C THR D 73 85.05 19.39 -13.95
N ASN D 74 83.76 19.20 -14.22
CA ASN D 74 82.92 18.22 -13.55
C ASN D 74 82.33 17.25 -14.56
N VAL D 75 82.09 16.03 -14.12
CA VAL D 75 81.37 15.04 -14.90
C VAL D 75 80.13 14.63 -14.11
N TYR D 76 78.99 14.53 -14.80
CA TYR D 76 77.75 14.11 -14.17
C TYR D 76 77.37 12.70 -14.63
N ALA D 77 76.87 11.91 -13.67
CA ALA D 77 76.24 10.62 -13.94
C ALA D 77 74.76 10.72 -13.57
N ASP D 78 73.89 10.68 -14.59
CA ASP D 78 72.44 10.61 -14.40
C ASP D 78 72.02 9.16 -14.62
N SER D 79 71.36 8.57 -13.62
CA SER D 79 71.00 7.15 -13.66
C SER D 79 69.54 6.94 -13.29
N PHE D 80 68.90 6.05 -14.04
CA PHE D 80 67.49 5.73 -13.82
C PHE D 80 67.17 4.42 -14.53
N VAL D 81 65.96 3.93 -14.26
CA VAL D 81 65.39 2.77 -14.93
C VAL D 81 64.25 3.22 -15.83
N ILE D 82 64.19 2.65 -17.03
CA ILE D 82 63.06 2.81 -17.94
C ILE D 82 62.74 1.43 -18.47
N ARG D 83 62.01 1.35 -19.58
CA ARG D 83 61.79 0.07 -20.22
C ARG D 83 62.41 0.02 -21.62
N GLY D 84 62.70 -1.20 -22.07
CA GLY D 84 63.43 -1.40 -23.31
C GLY D 84 62.94 -0.55 -24.48
N ASP D 85 61.63 -0.48 -24.68
CA ASP D 85 61.16 0.28 -25.85
C ASP D 85 61.27 1.79 -25.65
N GLU D 86 61.71 2.26 -24.49
CA GLU D 86 61.90 3.69 -24.26
C GLU D 86 63.37 4.13 -24.31
N VAL D 87 64.32 3.19 -24.44
CA VAL D 87 65.74 3.54 -24.47
C VAL D 87 66.02 4.50 -25.61
N ARG D 88 65.43 4.25 -26.78
CA ARG D 88 65.64 5.12 -27.94
C ARG D 88 65.29 6.57 -27.66
N GLN D 89 64.62 6.87 -26.54
CA GLN D 89 64.22 8.24 -26.21
C GLN D 89 65.30 9.01 -25.47
N ILE D 90 66.20 8.32 -24.78
CA ILE D 90 67.32 8.93 -24.08
C ILE D 90 68.39 9.31 -25.09
N ALA D 91 68.15 10.38 -25.85
CA ALA D 91 69.05 10.90 -26.87
C ALA D 91 68.57 12.31 -27.22
N PRO D 92 69.47 13.22 -27.60
CA PRO D 92 69.05 14.61 -27.86
C PRO D 92 68.09 14.70 -29.04
N GLY D 93 67.15 15.65 -28.95
CA GLY D 93 66.18 15.84 -30.01
C GLY D 93 65.07 14.81 -30.09
N GLN D 94 64.95 13.92 -29.12
CA GLN D 94 63.92 12.88 -29.14
C GLN D 94 62.60 13.40 -28.57
N THR D 95 61.49 12.83 -29.04
CA THR D 95 60.17 13.06 -28.45
C THR D 95 59.66 11.79 -27.77
N GLY D 96 58.52 11.93 -27.10
CA GLY D 96 57.90 10.85 -26.38
C GLY D 96 57.81 11.15 -24.90
N LYS D 97 57.21 10.21 -24.18
CA LYS D 97 56.78 10.49 -22.82
C LYS D 97 57.98 10.60 -21.89
N ILE D 98 58.97 9.71 -22.06
CA ILE D 98 60.20 9.83 -21.28
C ILE D 98 60.97 11.08 -21.66
N ALA D 99 61.08 11.36 -22.96
CA ALA D 99 61.85 12.51 -23.40
C ALA D 99 61.17 13.82 -22.99
N ASP D 100 59.85 13.89 -23.09
CA ASP D 100 59.14 15.15 -22.84
C ASP D 100 58.79 15.36 -21.37
N TYR D 101 58.31 14.32 -20.69
CA TYR D 101 57.72 14.44 -19.35
C TYR D 101 58.62 13.92 -18.24
N ASN D 102 59.82 13.43 -18.55
CA ASN D 102 60.65 12.81 -17.52
C ASN D 102 62.12 13.24 -17.58
N TYR D 103 62.76 13.18 -18.76
CA TYR D 103 64.21 13.36 -18.84
C TYR D 103 64.57 13.81 -20.26
N LYS D 104 64.86 15.10 -20.41
CA LYS D 104 65.22 15.68 -21.70
C LYS D 104 66.71 15.97 -21.77
N LEU D 105 67.34 15.57 -22.88
CA LEU D 105 68.76 15.89 -23.11
C LEU D 105 68.89 17.14 -23.97
N PRO D 106 69.73 18.10 -23.61
CA PRO D 106 69.89 19.30 -24.44
C PRO D 106 70.42 18.95 -25.82
N ASP D 107 70.27 19.89 -26.76
CA ASP D 107 70.78 19.65 -28.11
C ASP D 107 72.30 19.74 -28.17
N ASP D 108 72.89 20.62 -27.38
CA ASP D 108 74.32 20.71 -27.19
C ASP D 108 74.86 19.57 -26.33
N PHE D 109 74.10 18.48 -26.19
CA PHE D 109 74.45 17.44 -25.23
C PHE D 109 75.79 16.83 -25.60
N THR D 110 76.71 16.79 -24.63
CA THR D 110 78.04 16.26 -24.85
C THR D 110 78.29 15.21 -23.77
N GLY D 111 78.17 13.94 -24.15
CA GLY D 111 78.34 12.84 -23.23
C GLY D 111 77.93 11.54 -23.89
N CYS D 112 77.70 10.52 -23.06
CA CYS D 112 77.40 9.17 -23.53
C CYS D 112 76.16 8.62 -22.84
N VAL D 113 75.38 7.87 -23.59
CA VAL D 113 74.16 7.24 -23.08
C VAL D 113 74.44 5.75 -23.01
N ILE D 114 74.35 5.19 -21.80
CA ILE D 114 74.71 3.80 -21.53
C ILE D 114 73.53 3.11 -20.87
N ALA D 115 73.02 2.05 -21.51
CA ALA D 115 71.91 1.30 -20.96
C ALA D 115 72.18 -0.20 -21.04
N TRP D 116 71.55 -0.96 -20.14
CA TRP D 116 71.67 -2.41 -20.16
C TRP D 116 70.45 -3.02 -19.50
N ASN D 117 70.11 -4.24 -19.93
CA ASN D 117 68.91 -4.93 -19.47
C ASN D 117 69.05 -5.40 -18.04
N SER D 118 68.03 -5.15 -17.20
CA SER D 118 68.10 -5.50 -15.79
C SER D 118 66.90 -6.31 -15.33
N ASN D 119 66.26 -7.04 -16.27
CA ASN D 119 65.19 -7.97 -15.93
C ASN D 119 65.56 -8.83 -14.72
N ASN D 120 66.76 -9.41 -14.73
CA ASN D 120 67.28 -10.20 -13.62
C ASN D 120 67.28 -9.45 -12.29
N LEU D 121 67.31 -8.13 -12.30
CA LEU D 121 67.41 -7.32 -11.08
C LEU D 121 66.11 -6.64 -10.68
N ASP D 122 65.40 -6.03 -11.63
CA ASP D 122 64.33 -5.09 -11.30
C ASP D 122 62.93 -5.65 -11.51
N SER D 123 62.78 -6.89 -12.00
CA SER D 123 61.45 -7.44 -12.20
C SER D 123 61.06 -8.39 -11.07
N LYS D 124 59.75 -8.54 -10.86
CA LYS D 124 59.16 -9.44 -9.87
C LYS D 124 57.95 -10.13 -10.48
N VAL D 125 57.56 -11.26 -9.87
CA VAL D 125 56.51 -12.10 -10.44
C VAL D 125 55.15 -11.42 -10.36
N GLY D 126 54.79 -10.89 -9.19
CA GLY D 126 53.57 -10.11 -9.19
C GLY D 126 53.69 -8.76 -9.84
N GLY D 127 54.90 -8.38 -10.25
CA GLY D 127 55.21 -7.06 -10.78
C GLY D 127 56.00 -6.27 -9.77
N ASN D 128 56.98 -5.50 -10.24
CA ASN D 128 57.64 -4.49 -9.42
C ASN D 128 56.93 -3.17 -9.67
N TYR D 129 56.19 -2.69 -8.69
CA TYR D 129 55.46 -1.44 -8.86
C TYR D 129 56.27 -0.22 -8.43
N ASN D 130 57.49 -0.43 -7.93
CA ASN D 130 58.32 0.66 -7.38
C ASN D 130 58.98 1.53 -8.45
N TYR D 131 59.20 1.04 -9.68
CA TYR D 131 59.75 1.89 -10.72
C TYR D 131 58.60 2.57 -11.46
N LEU D 132 58.72 3.89 -11.65
CA LEU D 132 57.64 4.68 -12.18
C LEU D 132 58.14 5.69 -13.21
N TYR D 133 57.23 6.05 -14.11
CA TYR D 133 57.42 7.16 -15.02
C TYR D 133 56.18 8.04 -15.03
N ARG D 134 56.38 9.33 -15.33
CA ARG D 134 55.29 10.28 -15.44
C ARG D 134 54.66 10.20 -16.83
N LEU D 135 53.35 9.96 -16.87
CA LEU D 135 52.63 9.86 -18.14
C LEU D 135 52.09 11.21 -18.61
N PHE D 136 51.87 12.14 -17.70
CA PHE D 136 51.08 13.34 -17.97
C PHE D 136 51.82 14.56 -17.46
N ARG D 137 51.82 15.61 -18.28
CA ARG D 137 52.35 16.88 -17.84
C ARG D 137 51.75 18.02 -18.65
N LYS D 138 51.47 19.13 -17.96
CA LYS D 138 50.86 20.29 -18.60
C LYS D 138 51.79 20.96 -19.60
N SER D 139 53.11 20.76 -19.47
CA SER D 139 54.10 21.26 -20.43
C SER D 139 55.30 20.33 -20.45
N ASN D 140 56.02 20.37 -21.58
CA ASN D 140 57.26 19.63 -21.73
C ASN D 140 58.31 20.07 -20.72
N LEU D 141 59.21 19.17 -20.40
CA LEU D 141 60.37 19.51 -19.59
C LEU D 141 61.41 20.30 -20.39
N LYS D 142 62.13 21.15 -19.69
CA LYS D 142 63.38 21.68 -20.22
C LYS D 142 64.46 20.61 -20.07
N PRO D 143 65.46 20.63 -20.96
CA PRO D 143 66.59 19.69 -20.82
C PRO D 143 67.23 19.76 -19.44
N PHE D 144 67.41 18.59 -18.84
CA PHE D 144 68.03 18.39 -17.54
C PHE D 144 67.17 18.88 -16.38
N GLU D 145 65.87 19.03 -16.58
CA GLU D 145 64.99 19.41 -15.49
C GLU D 145 64.35 18.19 -14.86
N ARG D 146 64.00 18.31 -13.58
CA ARG D 146 63.42 17.21 -12.81
C ARG D 146 62.09 17.64 -12.22
N ASP D 147 61.03 16.86 -12.47
CA ASP D 147 59.70 17.11 -11.91
C ASP D 147 59.27 15.90 -11.08
N ILE D 148 59.17 16.10 -9.76
CA ILE D 148 58.76 15.03 -8.87
C ILE D 148 57.36 15.25 -8.30
N SER D 149 56.63 16.25 -8.79
CA SER D 149 55.34 16.59 -8.22
C SER D 149 54.32 15.46 -8.47
N THR D 150 53.34 15.37 -7.57
CA THR D 150 52.35 14.28 -7.62
C THR D 150 50.92 14.82 -7.67
N GLU D 151 50.74 16.05 -8.12
CA GLU D 151 49.40 16.62 -8.23
C GLU D 151 48.59 15.83 -9.25
N ILE D 152 47.31 15.57 -8.92
CA ILE D 152 46.41 14.87 -9.83
C ILE D 152 46.29 15.63 -11.13
N TYR D 153 46.30 14.92 -12.25
CA TYR D 153 46.44 15.56 -13.55
C TYR D 153 45.09 15.71 -14.20
N GLN D 154 44.79 16.93 -14.62
CA GLN D 154 43.48 17.22 -15.18
C GLN D 154 43.52 16.93 -16.67
N ALA D 155 43.09 15.73 -17.05
CA ALA D 155 42.99 15.36 -18.46
C ALA D 155 41.76 15.94 -19.15
N GLY D 156 40.81 16.49 -18.39
CA GLY D 156 39.62 17.06 -19.02
C GLY D 156 39.38 18.51 -18.69
N SER D 157 38.19 19.02 -19.00
CA SER D 157 37.89 20.42 -18.71
C SER D 157 37.48 20.64 -17.25
N THR D 158 37.45 19.60 -16.46
CA THR D 158 36.87 19.65 -15.13
C THR D 158 37.96 19.62 -14.09
N PRO D 159 37.92 20.49 -13.08
CA PRO D 159 38.91 20.42 -12.01
C PRO D 159 38.82 19.11 -11.25
N CYS D 160 39.91 18.77 -10.57
CA CYS D 160 40.08 17.47 -9.95
C CYS D 160 40.01 17.49 -8.44
N ASN D 161 40.18 18.67 -7.84
CA ASN D 161 40.13 18.85 -6.39
C ASN D 161 41.02 17.85 -5.65
N GLY D 162 42.22 17.64 -6.18
CA GLY D 162 43.20 16.80 -5.52
C GLY D 162 42.78 15.35 -5.37
N VAL D 163 41.79 14.90 -6.13
CA VAL D 163 41.29 13.55 -6.02
C VAL D 163 41.14 12.98 -7.43
N GLU D 164 41.24 11.66 -7.54
CA GLU D 164 41.15 10.99 -8.84
C GLU D 164 39.70 10.68 -9.21
N GLY D 165 39.44 10.58 -10.51
CA GLY D 165 38.11 10.32 -11.02
C GLY D 165 38.13 10.50 -12.53
N PHE D 166 36.95 10.62 -13.13
CA PHE D 166 36.90 10.73 -14.59
C PHE D 166 37.82 11.84 -15.10
N ASN D 167 38.74 11.47 -16.01
CA ASN D 167 39.72 12.41 -16.59
C ASN D 167 40.50 13.16 -15.51
N CYS D 168 40.76 12.49 -14.39
CA CYS D 168 41.50 13.04 -13.25
C CYS D 168 42.35 11.89 -12.72
N TYR D 169 43.60 11.84 -13.15
CA TYR D 169 44.44 10.66 -13.01
C TYR D 169 45.81 11.01 -12.43
N PHE D 170 46.19 10.30 -11.39
CA PHE D 170 47.51 10.37 -10.79
C PHE D 170 48.57 10.19 -11.88
N PRO D 171 49.48 11.16 -12.07
CA PRO D 171 50.30 11.15 -13.30
C PRO D 171 51.33 10.03 -13.37
N LEU D 172 51.91 9.62 -12.23
CA LEU D 172 52.96 8.61 -12.27
C LEU D 172 52.35 7.24 -12.54
N GLN D 173 52.91 6.52 -13.51
CA GLN D 173 52.52 5.15 -13.83
C GLN D 173 53.59 4.19 -13.30
N SER D 174 53.14 3.03 -12.82
CA SER D 174 54.05 1.93 -12.52
C SER D 174 54.39 1.16 -13.79
N TYR D 175 55.68 0.89 -13.97
CA TYR D 175 56.10 -0.05 -15.00
C TYR D 175 55.57 -1.45 -14.71
N GLY D 176 55.58 -1.87 -13.44
CA GLY D 176 55.15 -3.21 -13.07
C GLY D 176 55.97 -4.30 -13.71
N PHE D 177 57.29 -4.16 -13.67
CA PHE D 177 58.19 -5.08 -14.37
C PHE D 177 57.98 -6.52 -13.90
N GLN D 178 57.72 -7.41 -14.85
CA GLN D 178 57.54 -8.81 -14.60
C GLN D 178 58.53 -9.58 -15.47
N PRO D 179 59.22 -10.60 -14.92
CA PRO D 179 60.28 -11.25 -15.71
C PRO D 179 59.78 -11.86 -17.00
N THR D 180 58.50 -12.20 -17.09
CA THR D 180 57.96 -12.79 -18.31
C THR D 180 57.56 -11.76 -19.35
N ASN D 181 57.86 -10.48 -19.12
CA ASN D 181 57.51 -9.45 -20.09
C ASN D 181 58.33 -9.62 -21.37
N GLY D 182 57.74 -9.19 -22.48
CA GLY D 182 58.52 -9.00 -23.69
C GLY D 182 59.63 -7.99 -23.46
N VAL D 183 60.75 -8.17 -24.17
CA VAL D 183 61.97 -7.41 -23.88
C VAL D 183 61.70 -5.90 -23.85
N GLY D 184 60.91 -5.40 -24.81
CA GLY D 184 60.56 -4.00 -24.85
C GLY D 184 59.81 -3.49 -23.64
N TYR D 185 59.32 -4.39 -22.77
CA TYR D 185 58.66 -4.03 -21.51
C TYR D 185 59.50 -4.41 -20.30
N GLN D 186 60.72 -4.90 -20.51
CA GLN D 186 61.62 -5.23 -19.41
C GLN D 186 62.36 -3.98 -18.95
N PRO D 187 62.83 -3.97 -17.71
CA PRO D 187 63.57 -2.80 -17.22
C PRO D 187 64.99 -2.73 -17.77
N TYR D 188 65.41 -1.50 -18.10
CA TYR D 188 66.79 -1.20 -18.49
C TYR D 188 67.33 -0.11 -17.58
N ARG D 189 68.45 -0.39 -16.93
CA ARG D 189 69.18 0.66 -16.24
C ARG D 189 69.94 1.51 -17.24
N VAL D 190 69.90 2.82 -17.03
CA VAL D 190 70.54 3.78 -17.91
C VAL D 190 71.48 4.62 -17.07
N VAL D 191 72.65 4.93 -17.61
CA VAL D 191 73.54 5.94 -17.07
C VAL D 191 73.86 6.92 -18.18
N VAL D 192 73.70 8.21 -17.91
CA VAL D 192 74.00 9.26 -18.87
C VAL D 192 75.15 10.05 -18.30
N LEU D 193 76.33 9.92 -18.91
CA LEU D 193 77.50 10.70 -18.53
C LEU D 193 77.52 12.00 -19.32
N SER D 194 77.47 13.12 -18.62
CA SER D 194 77.62 14.41 -19.27
C SER D 194 78.92 15.04 -18.82
N PHE D 195 79.65 15.61 -19.77
CA PHE D 195 80.94 16.24 -19.51
C PHE D 195 80.80 17.74 -19.63
N GLU D 196 81.27 18.44 -18.61
CA GLU D 196 81.14 19.92 -18.57
C GLU D 196 82.54 20.54 -18.45
N LEU D 197 82.96 21.27 -19.48
CA LEU D 197 84.26 21.98 -19.44
C LEU D 197 83.97 23.47 -19.29
N LEU D 198 83.92 23.93 -18.05
CA LEU D 198 83.59 25.36 -17.80
C LEU D 198 84.88 26.08 -17.42
N HIS D 199 84.81 27.40 -17.22
CA HIS D 199 86.02 28.21 -16.90
C HIS D 199 86.47 27.91 -15.49
N ALA D 200 87.25 26.83 -15.31
CA ALA D 200 87.71 26.41 -13.98
C ALA D 200 88.71 25.27 -14.15
N PRO D 201 89.58 25.00 -13.17
CA PRO D 201 90.51 23.86 -13.24
C PRO D 201 89.95 22.53 -13.74
N ALA D 202 90.64 21.89 -14.67
CA ALA D 202 90.27 20.56 -15.17
C ALA D 202 90.50 19.53 -14.07
N THR D 203 89.41 18.96 -13.54
CA THR D 203 89.43 18.17 -12.32
C THR D 203 89.14 16.69 -12.51
N VAL D 204 88.33 16.31 -13.49
CA VAL D 204 88.14 14.91 -13.84
C VAL D 204 88.92 14.67 -15.12
N CYS D 205 90.03 13.96 -15.00
CA CYS D 205 90.92 13.74 -16.13
C CYS D 205 91.01 12.25 -16.42
N GLY D 206 91.30 11.93 -17.67
CA GLY D 206 91.64 10.59 -18.03
C GLY D 206 93.03 10.23 -17.56
N PRO D 207 93.48 9.02 -17.91
CA PRO D 207 94.86 8.62 -17.57
C PRO D 207 95.91 9.29 -18.43
N LYS D 208 95.59 9.74 -19.65
CA LYS D 208 96.56 10.40 -20.51
C LYS D 208 96.61 11.91 -20.33
N LYS D 209 95.72 12.49 -19.51
CA LYS D 209 95.71 13.91 -19.17
C LYS D 209 95.75 14.82 -20.40
N GLN E 1 33.57 -10.14 -26.14
CA GLN E 1 32.61 -9.42 -25.27
C GLN E 1 33.25 -9.21 -23.90
N VAL E 2 32.74 -8.25 -23.11
CA VAL E 2 33.34 -7.95 -21.83
C VAL E 2 32.93 -9.01 -20.82
N GLN E 3 33.91 -9.57 -20.11
CA GLN E 3 33.66 -10.60 -19.11
C GLN E 3 34.41 -10.21 -17.85
N MET E 4 33.69 -10.09 -16.73
CA MET E 4 34.28 -10.08 -15.41
C MET E 4 33.68 -11.21 -14.60
N VAL E 5 34.51 -12.17 -14.21
CA VAL E 5 34.07 -13.30 -13.40
C VAL E 5 34.84 -13.28 -12.10
N GLU E 6 34.12 -13.35 -10.99
CA GLU E 6 34.72 -13.22 -9.68
C GLU E 6 34.59 -14.53 -8.89
N SER E 7 35.63 -14.84 -8.13
CA SER E 7 35.75 -16.11 -7.41
C SER E 7 36.29 -15.79 -6.03
N GLY E 8 36.30 -16.80 -5.16
CA GLY E 8 36.84 -16.65 -3.83
C GLY E 8 35.84 -16.34 -2.73
N GLY E 9 34.54 -16.28 -3.05
CA GLY E 9 33.55 -16.05 -2.01
C GLY E 9 33.31 -17.29 -1.17
N GLY E 10 32.55 -17.11 -0.09
CA GLY E 10 32.18 -18.23 0.73
C GLY E 10 32.23 -17.87 2.21
N LEU E 11 32.30 -18.92 3.04
CA LEU E 11 32.22 -18.77 4.49
C LEU E 11 33.60 -18.46 5.06
N VAL E 12 33.66 -17.48 5.97
CA VAL E 12 34.90 -17.12 6.62
C VAL E 12 34.59 -16.71 8.06
N ARG E 13 35.38 -17.24 9.00
CA ARG E 13 35.17 -16.93 10.40
C ARG E 13 35.42 -15.45 10.66
N PRO E 14 34.67 -14.84 11.60
CA PRO E 14 34.91 -13.43 11.95
C PRO E 14 36.34 -13.23 12.43
N GLY E 15 36.91 -12.08 12.09
CA GLY E 15 38.31 -11.83 12.33
C GLY E 15 39.26 -12.54 11.39
N GLY E 16 38.75 -13.45 10.56
CA GLY E 16 39.58 -14.20 9.65
C GLY E 16 39.92 -13.42 8.38
N SER E 17 40.36 -14.17 7.37
CA SER E 17 40.89 -13.58 6.15
C SER E 17 40.33 -14.28 4.93
N LEU E 18 40.09 -13.51 3.87
CA LEU E 18 39.57 -14.05 2.63
C LEU E 18 40.12 -13.21 1.49
N ARG E 19 40.31 -13.85 0.32
CA ARG E 19 40.90 -13.17 -0.82
C ARG E 19 40.07 -13.40 -2.08
N LEU E 20 39.57 -12.31 -2.67
CA LEU E 20 38.72 -12.36 -3.84
C LEU E 20 39.50 -12.10 -5.12
N SER E 21 39.00 -12.65 -6.22
CA SER E 21 39.65 -12.53 -7.51
C SER E 21 38.63 -12.11 -8.56
N CYS E 22 39.12 -11.49 -9.62
CA CYS E 22 38.25 -11.03 -10.70
C CYS E 22 39.01 -11.19 -12.00
N ALA E 23 38.62 -12.20 -12.78
CA ALA E 23 39.23 -12.48 -14.07
C ALA E 23 38.50 -11.69 -15.15
N ALA E 24 39.25 -10.93 -15.93
CA ALA E 24 38.70 -10.06 -16.95
C ALA E 24 39.17 -10.50 -18.34
N SER E 25 38.42 -10.10 -19.35
CA SER E 25 38.73 -10.36 -20.76
C SER E 25 37.78 -9.53 -21.62
N GLY E 26 38.21 -9.23 -22.85
CA GLY E 26 37.42 -8.48 -23.80
C GLY E 26 37.82 -7.02 -23.93
N PHE E 27 38.74 -6.57 -23.10
CA PHE E 27 39.26 -5.21 -23.19
C PHE E 27 40.76 -5.26 -22.88
N THR E 28 41.42 -4.12 -23.01
CA THR E 28 42.82 -4.04 -22.62
C THR E 28 42.88 -3.76 -21.12
N PHE E 29 43.07 -4.82 -20.34
CA PHE E 29 42.88 -4.73 -18.90
C PHE E 29 43.74 -3.64 -18.27
N SER E 30 45.00 -3.54 -18.69
CA SER E 30 45.94 -2.63 -18.04
C SER E 30 45.61 -1.16 -18.31
N ASP E 31 44.64 -0.86 -19.17
CA ASP E 31 44.25 0.52 -19.48
C ASP E 31 43.27 1.13 -18.46
N TYR E 32 42.60 0.31 -17.64
CA TYR E 32 41.41 0.74 -16.90
C TYR E 32 41.63 0.80 -15.40
N TYR E 33 41.15 1.87 -14.78
CA TYR E 33 40.86 1.82 -13.34
C TYR E 33 39.85 0.71 -13.03
N MET E 34 39.98 0.12 -11.84
CA MET E 34 39.13 -0.98 -11.40
C MET E 34 38.75 -0.76 -9.96
N SER E 35 37.53 -1.20 -9.62
CA SER E 35 37.01 -1.01 -8.27
C SER E 35 36.39 -2.30 -7.75
N TRP E 36 36.35 -2.39 -6.42
CA TRP E 36 35.48 -3.34 -5.74
C TRP E 36 34.31 -2.56 -5.15
N ILE E 37 33.10 -3.11 -5.32
CA ILE E 37 31.87 -2.54 -4.77
C ILE E 37 31.09 -3.68 -4.13
N ARG E 38 30.44 -3.42 -3.00
CA ARG E 38 29.75 -4.47 -2.26
C ARG E 38 28.32 -4.03 -1.93
N GLN E 39 27.46 -5.03 -1.71
CA GLN E 39 26.04 -4.81 -1.44
C GLN E 39 25.61 -5.80 -0.37
N ALA E 40 25.44 -5.34 0.87
CA ALA E 40 24.97 -6.23 1.93
C ALA E 40 23.54 -6.69 1.64
N PRO E 41 23.16 -7.90 2.09
CA PRO E 41 21.82 -8.43 1.76
C PRO E 41 20.71 -7.42 2.00
N GLY E 42 19.91 -7.14 0.96
CA GLY E 42 18.80 -6.19 1.01
C GLY E 42 19.20 -4.73 1.08
N LYS E 43 20.44 -4.38 0.83
CA LYS E 43 20.90 -3.01 1.05
C LYS E 43 21.27 -2.35 -0.27
N GLY E 44 21.80 -1.14 -0.17
CA GLY E 44 22.24 -0.39 -1.34
C GLY E 44 23.66 -0.73 -1.73
N LEU E 45 24.21 0.08 -2.63
CA LEU E 45 25.51 -0.16 -3.23
C LEU E 45 26.58 0.65 -2.52
N GLU E 46 27.68 0.00 -2.13
CA GLU E 46 28.78 0.66 -1.44
C GLU E 46 30.07 0.41 -2.22
N TRP E 47 30.59 1.45 -2.87
CA TRP E 47 31.94 1.41 -3.38
C TRP E 47 32.91 1.33 -2.21
N ILE E 48 34.04 0.60 -2.39
CA ILE E 48 35.02 0.49 -1.31
C ILE E 48 36.50 0.62 -1.69
N SER E 49 36.87 0.34 -2.94
CA SER E 49 38.28 0.38 -3.28
C SER E 49 38.46 0.64 -4.78
N TYR E 50 39.55 1.34 -5.10
CA TYR E 50 39.94 1.55 -6.49
C TYR E 50 41.44 1.39 -6.64
N ILE E 51 41.83 0.95 -7.82
CA ILE E 51 43.23 0.86 -8.23
C ILE E 51 43.33 1.44 -9.63
N SER E 52 44.38 2.24 -9.85
CA SER E 52 44.61 2.83 -11.16
C SER E 52 45.13 1.78 -12.12
N SER E 53 45.05 2.11 -13.42
CA SER E 53 45.43 1.19 -14.49
C SER E 53 46.71 0.44 -14.20
N SER E 54 47.77 1.17 -13.81
CA SER E 54 49.12 0.62 -13.64
C SER E 54 49.37 0.07 -12.24
N GLY E 55 48.54 0.40 -11.26
CA GLY E 55 48.82 0.02 -9.88
C GLY E 55 49.59 1.04 -9.09
N SER E 56 49.75 2.26 -9.62
CA SER E 56 50.52 3.29 -8.94
C SER E 56 49.73 4.01 -7.85
N SER E 57 48.40 4.05 -7.94
CA SER E 57 47.61 4.71 -6.92
C SER E 57 46.47 3.78 -6.53
N MET E 58 46.06 3.90 -5.27
CA MET E 58 44.90 3.17 -4.80
C MET E 58 44.37 3.80 -3.52
N ASN E 59 43.06 3.68 -3.30
CA ASN E 59 42.49 4.20 -2.06
C ASN E 59 41.25 3.40 -1.66
N TYR E 60 40.81 3.64 -0.43
CA TYR E 60 39.79 2.81 0.21
C TYR E 60 38.77 3.68 0.93
N ALA E 61 37.57 3.13 1.08
CA ALA E 61 36.54 3.74 1.91
C ALA E 61 36.85 3.49 3.38
N ASP E 62 36.33 4.39 4.23
CA ASP E 62 36.68 4.36 5.65
C ASP E 62 36.22 3.08 6.33
N SER E 63 35.14 2.47 5.87
CA SER E 63 34.69 1.24 6.48
C SER E 63 35.65 0.07 6.31
N VAL E 64 36.79 0.27 5.64
CA VAL E 64 37.52 -0.86 5.09
C VAL E 64 39.03 -0.60 5.08
N LYS E 65 39.42 0.66 5.24
CA LYS E 65 40.82 1.05 5.23
C LYS E 65 41.63 0.23 6.25
N GLY E 66 42.85 -0.15 5.86
CA GLY E 66 43.71 -0.86 6.78
C GLY E 66 43.44 -2.36 6.86
N ARG E 67 42.16 -2.74 6.78
CA ARG E 67 41.82 -4.16 6.82
C ARG E 67 41.84 -4.81 5.44
N PHE E 68 41.59 -4.02 4.39
CA PHE E 68 41.43 -4.48 3.02
C PHE E 68 42.57 -3.97 2.15
N THR E 69 42.98 -4.80 1.18
CA THR E 69 44.08 -4.49 0.28
C THR E 69 43.65 -4.85 -1.14
N ILE E 70 43.68 -3.87 -2.03
CA ILE E 70 43.41 -4.11 -3.43
C ILE E 70 44.74 -4.29 -4.14
N SER E 71 44.70 -4.97 -5.29
CA SER E 71 45.87 -5.18 -6.13
C SER E 71 45.39 -5.67 -7.49
N ARG E 72 46.34 -5.76 -8.42
CA ARG E 72 46.04 -6.22 -9.77
C ARG E 72 47.28 -6.84 -10.37
N ASP E 73 47.07 -7.76 -11.30
CA ASP E 73 48.14 -8.38 -12.10
C ASP E 73 47.78 -8.14 -13.56
N ASN E 74 48.46 -7.18 -14.19
CA ASN E 74 48.10 -6.82 -15.55
C ASN E 74 48.53 -7.88 -16.55
N ALA E 75 49.48 -8.74 -16.18
CA ALA E 75 49.90 -9.79 -17.08
C ALA E 75 48.86 -10.90 -17.16
N LYS E 76 48.10 -11.10 -16.08
CA LYS E 76 47.08 -12.13 -15.99
C LYS E 76 45.67 -11.61 -16.19
N ASN E 77 45.49 -10.30 -16.39
CA ASN E 77 44.16 -9.68 -16.51
C ASN E 77 43.30 -9.96 -15.28
N SER E 78 43.78 -9.51 -14.12
CA SER E 78 43.23 -9.99 -12.86
C SER E 78 43.28 -8.92 -11.80
N LEU E 79 42.17 -8.78 -11.07
CA LEU E 79 42.01 -7.86 -9.95
C LEU E 79 41.87 -8.68 -8.68
N PHE E 80 42.39 -8.16 -7.57
CA PHE E 80 42.31 -8.87 -6.32
C PHE E 80 41.87 -7.92 -5.21
N LEU E 81 41.24 -8.50 -4.18
CA LEU E 81 40.91 -7.80 -2.95
C LEU E 81 41.27 -8.73 -1.79
N GLN E 82 42.24 -8.33 -0.99
CA GLN E 82 42.62 -9.10 0.19
C GLN E 82 41.86 -8.53 1.38
N MET E 83 41.15 -9.39 2.09
CA MET E 83 40.27 -8.95 3.17
C MET E 83 40.79 -9.53 4.48
N ASN E 84 41.05 -8.65 5.44
CA ASN E 84 41.58 -9.04 6.74
C ASN E 84 40.68 -8.51 7.84
N SER E 85 40.76 -9.14 9.00
CA SER E 85 40.01 -8.70 10.19
C SER E 85 38.52 -8.55 9.85
N LEU E 86 37.93 -9.64 9.39
CA LEU E 86 36.56 -9.57 8.86
C LEU E 86 35.55 -9.49 9.99
N ARG E 87 34.35 -9.02 9.64
CA ARG E 87 33.32 -8.68 10.60
C ARG E 87 31.94 -8.87 9.98
N ALA E 88 30.92 -8.97 10.85
CA ALA E 88 29.55 -9.21 10.39
C ALA E 88 29.12 -8.17 9.37
N GLU E 89 29.45 -6.90 9.59
CA GLU E 89 29.14 -5.83 8.65
C GLU E 89 29.76 -6.04 7.28
N ASP E 90 30.80 -6.88 7.17
CA ASP E 90 31.44 -7.12 5.88
C ASP E 90 30.69 -8.14 5.03
N THR E 91 29.69 -8.84 5.59
CA THR E 91 28.95 -9.84 4.84
C THR E 91 28.14 -9.16 3.75
N ALA E 92 28.37 -9.55 2.51
CA ALA E 92 27.81 -8.85 1.35
C ALA E 92 28.19 -9.62 0.10
N VAL E 93 27.63 -9.18 -1.02
CA VAL E 93 28.05 -9.61 -2.34
C VAL E 93 29.05 -8.59 -2.87
N TYR E 94 30.20 -9.07 -3.36
CA TYR E 94 31.28 -8.22 -3.83
C TYR E 94 31.35 -8.25 -5.35
N TYR E 95 31.34 -7.07 -5.95
CA TYR E 95 31.43 -6.88 -7.39
C TYR E 95 32.77 -6.25 -7.74
N CYS E 96 33.37 -6.71 -8.84
CA CYS E 96 34.47 -5.97 -9.43
C CYS E 96 33.92 -5.21 -10.64
N ALA E 97 34.49 -4.03 -10.90
CA ALA E 97 34.01 -3.13 -11.93
C ALA E 97 35.19 -2.44 -12.61
N ARG E 98 35.11 -2.30 -13.93
CA ARG E 98 36.10 -1.55 -14.67
C ARG E 98 35.52 -0.21 -15.06
N GLU E 99 36.22 0.87 -14.70
CA GLU E 99 35.70 2.22 -14.84
C GLU E 99 36.51 2.98 -15.87
N PHE E 100 37.43 3.85 -15.47
CA PHE E 100 37.97 4.86 -16.36
C PHE E 100 39.10 4.34 -17.25
N ASP E 101 39.05 4.70 -18.53
CA ASP E 101 40.09 4.36 -19.50
C ASP E 101 41.10 5.50 -19.60
N LEU E 102 42.19 5.37 -18.85
CA LEU E 102 43.36 6.25 -18.85
C LEU E 102 43.82 6.67 -20.24
N THR E 103 43.64 5.79 -21.22
CA THR E 103 44.11 6.01 -22.59
C THR E 103 43.30 7.10 -23.32
N LYS E 104 42.00 7.14 -23.10
CA LYS E 104 41.08 8.00 -23.83
C LYS E 104 40.61 9.15 -22.94
N ILE E 105 39.87 10.08 -23.53
CA ILE E 105 39.24 11.16 -22.79
C ILE E 105 37.71 11.12 -22.85
N ILE E 106 37.14 10.09 -23.49
CA ILE E 106 35.70 9.93 -23.65
C ILE E 106 35.18 9.11 -22.48
N MET E 107 33.96 9.42 -22.05
CA MET E 107 33.30 8.61 -21.04
C MET E 107 32.84 7.29 -21.64
N VAL E 108 33.09 6.22 -20.91
CA VAL E 108 32.74 4.88 -21.34
C VAL E 108 31.89 4.29 -20.23
N PRO E 109 30.93 3.42 -20.52
CA PRO E 109 30.11 2.82 -19.46
C PRO E 109 30.94 1.88 -18.60
N PRO E 110 30.78 1.95 -17.27
CA PRO E 110 31.33 0.90 -16.41
C PRO E 110 30.82 -0.49 -16.81
N TYR E 111 31.52 -1.52 -16.34
CA TYR E 111 31.18 -2.91 -16.58
C TYR E 111 31.48 -3.67 -15.29
N TRP E 112 30.51 -4.47 -14.85
CA TRP E 112 30.58 -5.12 -13.54
C TRP E 112 30.63 -6.63 -13.72
N GLY E 113 31.27 -7.30 -12.78
CA GLY E 113 31.12 -8.74 -12.68
C GLY E 113 29.72 -9.13 -12.21
N GLN E 114 29.54 -10.43 -11.99
CA GLN E 114 28.24 -10.96 -11.60
C GLN E 114 28.07 -11.08 -10.10
N GLY E 115 29.11 -10.84 -9.32
CA GLY E 115 28.99 -10.89 -7.88
C GLY E 115 29.58 -12.15 -7.30
N THR E 116 30.04 -12.05 -6.05
CA THR E 116 30.36 -13.23 -5.26
C THR E 116 29.98 -12.93 -3.81
N LEU E 117 29.25 -13.85 -3.19
CA LEU E 117 28.79 -13.64 -1.81
C LEU E 117 29.85 -14.12 -0.84
N VAL E 118 30.15 -13.28 0.16
CA VAL E 118 30.95 -13.69 1.30
C VAL E 118 30.13 -13.50 2.55
N THR E 119 30.21 -14.49 3.45
CA THR E 119 29.44 -14.53 4.69
C THR E 119 30.44 -14.59 5.85
N VAL E 120 30.39 -13.60 6.72
CA VAL E 120 31.25 -13.56 7.90
C VAL E 120 30.44 -14.19 9.03
N SER E 121 30.75 -15.45 9.33
CA SER E 121 29.98 -16.21 10.31
C SER E 121 30.90 -17.25 10.92
N SER E 122 30.74 -17.45 12.22
CA SER E 122 31.47 -18.49 12.94
C SER E 122 30.77 -19.83 12.90
N ALA E 123 29.78 -19.98 12.02
CA ALA E 123 29.10 -21.25 11.88
C ALA E 123 29.88 -22.14 10.92
N SER E 124 29.34 -23.32 10.65
CA SER E 124 30.03 -24.32 9.86
C SER E 124 29.30 -24.58 8.56
N THR E 125 30.06 -25.00 7.55
CA THR E 125 29.47 -25.27 6.24
C THR E 125 28.64 -26.56 6.28
N LYS E 126 27.52 -26.56 5.57
CA LYS E 126 26.70 -27.75 5.44
C LYS E 126 26.10 -27.82 4.06
N GLY E 127 26.27 -28.97 3.39
CA GLY E 127 25.64 -29.21 2.12
C GLY E 127 24.17 -29.58 2.28
N PRO E 128 23.36 -29.31 1.26
CA PRO E 128 21.93 -29.58 1.37
C PRO E 128 21.55 -31.03 1.01
N SER E 129 20.38 -31.41 1.49
CA SER E 129 19.62 -32.54 0.96
C SER E 129 18.62 -32.01 -0.07
N VAL E 130 18.40 -32.78 -1.14
CA VAL E 130 17.52 -32.39 -2.24
C VAL E 130 16.47 -33.48 -2.41
N PHE E 131 15.20 -33.13 -2.19
CA PHE E 131 14.08 -34.04 -2.30
C PHE E 131 13.14 -33.58 -3.40
N PRO E 132 12.42 -34.50 -4.02
CA PRO E 132 11.53 -34.12 -5.11
C PRO E 132 10.18 -33.63 -4.61
N LEU E 133 9.61 -32.74 -5.39
CA LEU E 133 8.21 -32.38 -5.29
C LEU E 133 7.57 -33.05 -6.50
N ALA E 134 6.92 -34.18 -6.26
CA ALA E 134 6.43 -35.00 -7.35
C ALA E 134 5.24 -34.33 -8.02
N PRO E 135 5.14 -34.38 -9.33
CA PRO E 135 4.10 -33.62 -10.03
C PRO E 135 2.70 -33.96 -9.56
N SER E 136 2.06 -34.99 -10.12
CA SER E 136 0.63 -35.20 -9.75
C SER E 136 0.15 -36.62 -10.02
N SER E 137 -1.01 -36.96 -9.47
CA SER E 137 -1.63 -38.28 -9.73
C SER E 137 -3.06 -38.01 -10.16
N LYS E 138 -3.65 -36.94 -9.64
CA LYS E 138 -5.07 -36.63 -9.95
C LYS E 138 -5.15 -35.22 -10.51
N SER E 139 -4.02 -34.53 -10.58
CA SER E 139 -4.08 -33.11 -10.99
C SER E 139 -3.48 -32.91 -12.38
N THR E 140 -4.25 -33.22 -13.41
CA THR E 140 -3.79 -32.93 -14.79
C THR E 140 -4.47 -31.63 -15.18
N SER E 141 -5.70 -31.41 -14.69
CA SER E 141 -6.50 -30.20 -15.03
C SER E 141 -6.56 -29.96 -16.54
N GLY E 142 -6.36 -31.01 -17.34
CA GLY E 142 -6.36 -30.89 -18.81
C GLY E 142 -5.18 -30.10 -19.33
N GLY E 143 -4.54 -29.28 -18.49
CA GLY E 143 -3.48 -28.44 -18.99
C GLY E 143 -2.11 -28.65 -18.39
N THR E 144 -1.85 -28.00 -17.25
CA THR E 144 -0.51 -27.94 -16.71
C THR E 144 -0.42 -28.65 -15.38
N ALA E 145 0.80 -29.02 -15.02
CA ALA E 145 1.14 -29.63 -13.76
C ALA E 145 2.28 -28.83 -13.14
N ALA E 146 2.50 -29.02 -11.85
CA ALA E 146 3.57 -28.33 -11.15
C ALA E 146 4.45 -29.37 -10.47
N LEU E 147 5.76 -29.24 -10.63
CA LEU E 147 6.71 -30.12 -9.98
C LEU E 147 7.89 -29.28 -9.52
N GLY E 148 8.77 -29.87 -8.71
CA GLY E 148 9.85 -29.09 -8.17
C GLY E 148 10.80 -29.85 -7.29
N CYS E 149 11.58 -29.09 -6.53
CA CYS E 149 12.70 -29.61 -5.77
C CYS E 149 12.74 -28.86 -4.46
N LEU E 150 12.94 -29.58 -3.38
CA LEU E 150 13.08 -29.01 -2.06
C LEU E 150 14.55 -29.15 -1.66
N VAL E 151 15.21 -28.02 -1.42
CA VAL E 151 16.63 -27.99 -1.06
C VAL E 151 16.69 -27.61 0.41
N LYS E 152 17.03 -28.57 1.26
CA LYS E 152 16.75 -28.47 2.68
C LYS E 152 18.04 -28.63 3.50
N ASP E 153 18.23 -27.72 4.45
CA ASP E 153 19.25 -27.78 5.50
C ASP E 153 20.66 -27.51 4.95
N TYR E 154 20.95 -26.27 4.57
CA TYR E 154 22.26 -25.91 4.06
C TYR E 154 22.70 -24.58 4.65
N PHE E 155 24.02 -24.39 4.68
CA PHE E 155 24.64 -23.19 5.21
C PHE E 155 26.06 -23.10 4.66
N PRO E 156 26.52 -21.92 4.26
CA PRO E 156 25.70 -20.71 4.25
C PRO E 156 24.98 -20.58 2.92
N GLU E 157 24.31 -19.45 2.71
CA GLU E 157 23.87 -19.11 1.38
C GLU E 157 25.09 -18.86 0.50
N PRO E 158 24.96 -19.02 -0.83
CA PRO E 158 23.74 -19.30 -1.57
C PRO E 158 23.68 -20.71 -2.15
N VAL E 159 22.48 -21.08 -2.62
CA VAL E 159 22.24 -22.24 -3.46
C VAL E 159 21.79 -21.73 -4.83
N THR E 160 22.12 -22.50 -5.87
CA THR E 160 21.73 -22.17 -7.23
C THR E 160 20.97 -23.37 -7.79
N VAL E 161 19.80 -23.12 -8.37
CA VAL E 161 19.00 -24.15 -9.01
C VAL E 161 18.83 -23.81 -10.47
N SER E 162 19.04 -24.80 -11.33
CA SER E 162 18.61 -24.77 -12.71
C SER E 162 17.82 -26.03 -13.00
N TRP E 163 17.23 -26.09 -14.18
CA TRP E 163 16.39 -27.22 -14.54
C TRP E 163 16.82 -27.71 -15.92
N ASN E 164 16.93 -29.03 -16.06
CA ASN E 164 17.45 -29.64 -17.28
C ASN E 164 18.70 -28.92 -17.76
N SER E 165 19.63 -28.69 -16.84
CA SER E 165 20.95 -28.13 -17.13
C SER E 165 20.86 -26.75 -17.77
N GLY E 166 19.79 -26.03 -17.45
CA GLY E 166 19.52 -24.73 -18.01
C GLY E 166 18.75 -24.75 -19.29
N ALA E 167 18.35 -25.91 -19.78
CA ALA E 167 17.50 -25.94 -20.97
C ALA E 167 16.02 -25.76 -20.65
N LEU E 168 15.63 -25.80 -19.38
CA LEU E 168 14.25 -25.53 -18.97
C LEU E 168 14.24 -24.25 -18.15
N THR E 169 13.59 -23.22 -18.67
CA THR E 169 13.61 -21.89 -18.09
C THR E 169 12.20 -21.30 -17.96
N SER E 170 11.31 -21.59 -18.91
CA SER E 170 9.93 -21.13 -18.83
C SER E 170 9.20 -21.74 -17.64
N GLY E 171 8.51 -20.89 -16.87
CA GLY E 171 7.70 -21.36 -15.78
C GLY E 171 8.44 -21.75 -14.53
N VAL E 172 9.77 -21.56 -14.49
CA VAL E 172 10.52 -21.80 -13.25
C VAL E 172 10.29 -20.65 -12.28
N HIS E 173 9.95 -20.98 -11.04
CA HIS E 173 10.07 -20.06 -9.92
C HIS E 173 10.97 -20.71 -8.87
N THR E 174 12.12 -20.10 -8.60
CA THR E 174 12.97 -20.51 -7.49
C THR E 174 12.82 -19.48 -6.37
N PHE E 175 12.30 -19.92 -5.22
CA PHE E 175 11.89 -19.06 -4.12
C PHE E 175 13.08 -18.60 -3.29
N PRO E 176 12.95 -17.48 -2.59
CA PRO E 176 13.97 -17.07 -1.62
C PRO E 176 14.13 -18.10 -0.51
N ALA E 177 15.39 -18.35 -0.15
CA ALA E 177 15.69 -19.21 0.97
C ALA E 177 15.07 -18.66 2.24
N VAL E 178 14.47 -19.55 3.04
CA VAL E 178 14.04 -19.20 4.38
C VAL E 178 15.03 -19.81 5.36
N LEU E 179 15.14 -19.16 6.52
CA LEU E 179 16.04 -19.57 7.58
C LEU E 179 15.21 -20.27 8.64
N GLN E 180 15.52 -21.54 8.92
CA GLN E 180 14.77 -22.29 9.90
C GLN E 180 15.38 -22.06 11.27
N SER E 181 14.66 -22.49 12.31
CA SER E 181 15.15 -22.24 13.67
C SER E 181 16.34 -23.10 14.00
N SER E 182 16.72 -23.98 13.08
CA SER E 182 17.95 -24.76 13.18
C SER E 182 19.19 -23.98 12.77
N GLY E 183 19.02 -22.80 12.17
CA GLY E 183 20.13 -22.04 11.64
C GLY E 183 20.52 -22.40 10.23
N LEU E 184 19.97 -23.48 9.69
CA LEU E 184 20.18 -23.86 8.30
C LEU E 184 19.09 -23.28 7.41
N TYR E 185 19.42 -23.16 6.14
CA TYR E 185 18.50 -22.59 5.17
C TYR E 185 17.70 -23.69 4.50
N SER E 186 16.69 -23.27 3.77
CA SER E 186 15.89 -24.18 3.00
C SER E 186 15.29 -23.38 1.86
N LEU E 187 15.11 -24.03 0.72
CA LEU E 187 14.69 -23.33 -0.48
C LEU E 187 13.96 -24.31 -1.37
N SER E 188 12.93 -23.84 -2.06
CA SER E 188 12.22 -24.67 -3.02
C SER E 188 12.23 -24.04 -4.41
N SER E 189 12.40 -24.89 -5.43
CA SER E 189 12.29 -24.47 -6.82
C SER E 189 11.25 -25.32 -7.51
N VAL E 190 10.31 -24.65 -8.22
CA VAL E 190 9.18 -25.30 -8.87
C VAL E 190 9.13 -24.88 -10.31
N VAL E 191 8.51 -25.71 -11.14
CA VAL E 191 8.34 -25.41 -12.56
C VAL E 191 6.94 -25.88 -12.93
N THR E 192 6.26 -25.11 -13.79
CA THR E 192 4.96 -25.51 -14.31
C THR E 192 5.16 -26.00 -15.74
N VAL E 193 4.59 -27.16 -16.05
CA VAL E 193 4.94 -27.91 -17.24
C VAL E 193 3.68 -28.58 -17.78
N PRO E 194 3.62 -28.78 -19.10
CA PRO E 194 2.42 -29.41 -19.68
C PRO E 194 2.19 -30.80 -19.11
N SER E 195 0.96 -31.06 -18.68
CA SER E 195 0.70 -32.32 -17.99
C SER E 195 0.88 -33.53 -18.90
N SER E 196 0.78 -33.35 -20.22
CA SER E 196 0.95 -34.45 -21.15
C SER E 196 2.43 -34.82 -21.32
N SER E 197 3.32 -33.85 -21.21
CA SER E 197 4.75 -34.12 -21.27
C SER E 197 5.25 -34.96 -20.09
N LEU E 198 4.41 -35.28 -19.10
CA LEU E 198 4.95 -35.87 -17.89
C LEU E 198 5.45 -37.29 -18.11
N GLY E 199 4.79 -38.05 -19.00
CA GLY E 199 5.33 -39.36 -19.35
C GLY E 199 6.52 -39.26 -20.28
N THR E 200 6.50 -38.31 -21.21
CA THR E 200 7.48 -38.26 -22.29
C THR E 200 8.77 -37.54 -21.86
N GLN E 201 8.67 -36.27 -21.50
CA GLN E 201 9.82 -35.43 -21.22
C GLN E 201 10.38 -35.70 -19.83
N THR E 202 11.69 -35.53 -19.70
CA THR E 202 12.41 -35.78 -18.47
C THR E 202 12.73 -34.48 -17.74
N TYR E 203 12.64 -34.49 -16.42
CA TYR E 203 12.78 -33.29 -15.60
C TYR E 203 13.78 -33.56 -14.49
N ILE E 204 14.84 -32.75 -14.48
CA ILE E 204 15.99 -32.88 -13.60
C ILE E 204 16.26 -31.51 -13.00
N CYS E 205 16.36 -31.41 -11.69
CA CYS E 205 16.83 -30.16 -11.12
C CYS E 205 18.31 -30.27 -10.72
N ASN E 206 19.05 -29.19 -10.98
CA ASN E 206 20.47 -29.13 -10.71
C ASN E 206 20.68 -28.18 -9.52
N VAL E 207 21.09 -28.73 -8.39
CA VAL E 207 21.36 -27.95 -7.20
C VAL E 207 22.86 -27.79 -7.04
N ASN E 208 23.31 -26.56 -6.85
CA ASN E 208 24.71 -26.27 -6.57
C ASN E 208 24.82 -25.49 -5.27
N HIS E 209 25.61 -26.01 -4.34
CA HIS E 209 25.98 -25.29 -3.12
C HIS E 209 27.51 -25.29 -3.08
N LYS E 210 28.12 -24.18 -3.50
CA LYS E 210 29.58 -24.14 -3.61
C LYS E 210 30.29 -24.31 -2.28
N PRO E 211 29.96 -23.56 -1.20
CA PRO E 211 30.73 -23.66 0.04
C PRO E 211 30.87 -25.07 0.61
N SER E 212 30.07 -26.00 0.11
CA SER E 212 30.26 -27.39 0.48
C SER E 212 30.60 -28.25 -0.74
N ASN E 213 30.89 -27.64 -1.88
CA ASN E 213 31.23 -28.36 -3.12
C ASN E 213 30.16 -29.43 -3.46
N THR E 214 28.89 -29.10 -3.17
CA THR E 214 27.77 -30.01 -3.43
C THR E 214 27.15 -29.72 -4.79
N LYS E 215 26.79 -30.81 -5.50
CA LYS E 215 26.44 -30.76 -6.92
C LYS E 215 25.55 -31.96 -7.21
N VAL E 216 24.29 -31.86 -6.77
CA VAL E 216 23.32 -32.96 -6.90
C VAL E 216 22.34 -32.65 -8.02
N ASP E 217 22.08 -33.66 -8.85
CA ASP E 217 21.04 -33.66 -9.85
C ASP E 217 19.96 -34.63 -9.37
N LYS E 218 18.75 -34.15 -9.13
CA LYS E 218 17.67 -35.03 -8.72
C LYS E 218 16.64 -35.15 -9.84
N LYS E 219 16.22 -36.36 -10.13
CA LYS E 219 15.13 -36.56 -11.07
C LYS E 219 13.79 -36.38 -10.37
N VAL E 220 12.91 -35.61 -10.99
CA VAL E 220 11.56 -35.39 -10.50
C VAL E 220 10.62 -36.05 -11.49
N GLU E 221 9.86 -37.01 -10.99
CA GLU E 221 9.05 -37.88 -11.83
C GLU E 221 7.79 -38.23 -11.07
N PRO E 222 6.71 -38.59 -11.77
CA PRO E 222 5.45 -38.87 -11.09
C PRO E 222 5.56 -40.02 -10.08
N LYS E 223 4.46 -40.22 -9.37
CA LYS E 223 4.35 -41.22 -8.30
C LYS E 223 5.43 -41.04 -7.26
N ALA F 1 33.24 13.76 -0.01
CA ALA F 1 32.69 12.83 -0.99
C ALA F 1 31.28 13.27 -1.42
N ILE F 2 30.97 13.06 -2.70
CA ILE F 2 29.71 13.52 -3.25
C ILE F 2 28.57 12.64 -2.75
N GLN F 3 27.54 13.28 -2.21
CA GLN F 3 26.33 12.58 -1.78
C GLN F 3 25.26 12.72 -2.85
N LEU F 4 24.66 11.60 -3.22
CA LEU F 4 23.58 11.57 -4.18
C LEU F 4 22.27 11.28 -3.47
N THR F 5 21.28 12.16 -3.68
CA THR F 5 19.93 11.99 -3.15
C THR F 5 19.02 11.56 -4.29
N GLN F 6 18.48 10.35 -4.18
CA GLN F 6 17.63 9.75 -5.20
C GLN F 6 16.21 9.64 -4.68
N SER F 7 15.22 9.97 -5.53
CA SER F 7 13.83 9.92 -5.12
C SER F 7 12.96 9.60 -6.32
N PRO F 8 11.80 8.94 -6.12
CA PRO F 8 11.36 8.34 -4.85
C PRO F 8 12.14 7.08 -4.51
N SER F 9 12.04 6.63 -3.25
CA SER F 9 12.72 5.41 -2.88
C SER F 9 11.97 4.17 -3.38
N SER F 10 10.68 4.31 -3.69
CA SER F 10 9.90 3.28 -4.39
C SER F 10 8.74 3.95 -5.11
N LEU F 11 8.24 3.27 -6.14
CA LEU F 11 7.05 3.73 -6.84
C LEU F 11 6.42 2.55 -7.57
N SER F 12 5.11 2.63 -7.77
CA SER F 12 4.37 1.68 -8.60
C SER F 12 3.71 2.43 -9.75
N ALA F 13 3.55 1.76 -10.88
CA ALA F 13 2.89 2.33 -12.04
C ALA F 13 2.45 1.20 -12.96
N SER F 14 1.55 1.51 -13.88
CA SER F 14 0.98 0.48 -14.73
C SER F 14 1.76 0.33 -16.03
N VAL F 15 1.57 -0.80 -16.71
CA VAL F 15 2.25 -1.01 -17.98
C VAL F 15 1.84 0.10 -18.94
N GLY F 16 2.82 0.71 -19.60
CA GLY F 16 2.56 1.79 -20.52
C GLY F 16 2.66 3.17 -19.93
N ASP F 17 2.78 3.29 -18.61
CA ASP F 17 2.88 4.60 -17.98
C ASP F 17 4.31 5.13 -18.02
N ARG F 18 4.42 6.45 -17.99
CA ARG F 18 5.68 7.13 -17.83
C ARG F 18 6.15 7.04 -16.39
N VAL F 19 7.46 6.86 -16.22
CA VAL F 19 8.10 6.73 -14.92
C VAL F 19 9.30 7.64 -14.93
N THR F 20 9.43 8.43 -13.87
CA THR F 20 10.46 9.46 -13.77
C THR F 20 11.17 9.28 -12.45
N ILE F 21 12.50 9.16 -12.49
CA ILE F 21 13.31 9.04 -11.28
C ILE F 21 14.35 10.14 -11.32
N THR F 22 14.61 10.75 -10.16
CA THR F 22 15.56 11.86 -10.13
C THR F 22 16.66 11.60 -9.11
N CYS F 23 17.81 12.21 -9.39
CA CYS F 23 19.02 12.14 -8.58
C CYS F 23 19.59 13.55 -8.48
N ARG F 24 19.99 13.95 -7.28
CA ARG F 24 20.52 15.28 -7.05
C ARG F 24 21.90 15.14 -6.42
N ALA F 25 22.88 15.80 -6.99
CA ALA F 25 24.26 15.74 -6.50
C ALA F 25 24.53 16.92 -5.59
N SER F 26 25.16 16.63 -4.46
CA SER F 26 25.54 17.67 -3.52
C SER F 26 26.61 18.62 -4.06
N GLN F 27 27.20 18.36 -5.25
CA GLN F 27 28.41 19.04 -5.67
C GLN F 27 28.43 19.52 -7.12
N GLY F 28 27.72 18.91 -8.05
CA GLY F 28 27.93 19.35 -9.41
C GLY F 28 29.00 18.49 -10.05
N ILE F 29 28.62 17.81 -11.12
CA ILE F 29 29.35 16.64 -11.60
C ILE F 29 29.15 16.59 -13.11
N SER F 30 28.78 17.74 -13.68
CA SER F 30 28.39 17.87 -15.09
C SER F 30 27.65 16.64 -15.60
N SER F 31 28.27 15.88 -16.50
CA SER F 31 27.63 14.73 -17.12
C SER F 31 28.21 13.41 -16.62
N TYR F 32 28.93 13.44 -15.50
CA TYR F 32 29.63 12.26 -14.99
C TYR F 32 28.68 11.44 -14.12
N LEU F 33 27.74 10.80 -14.81
CA LEU F 33 26.65 10.11 -14.16
C LEU F 33 26.32 8.86 -14.96
N ALA F 34 26.18 7.73 -14.28
CA ALA F 34 25.54 6.55 -14.85
C ALA F 34 24.24 6.20 -14.11
N TRP F 35 23.31 5.56 -14.81
CA TRP F 35 22.08 5.03 -14.26
C TRP F 35 22.07 3.51 -14.38
N TYR F 36 21.91 2.82 -13.25
CA TYR F 36 21.93 1.37 -13.19
C TYR F 36 20.54 0.77 -13.00
N GLN F 37 20.36 -0.42 -13.57
CA GLN F 37 19.20 -1.27 -13.32
C GLN F 37 19.68 -2.57 -12.70
N GLN F 38 19.06 -3.00 -11.61
CA GLN F 38 19.41 -4.25 -10.93
C GLN F 38 18.15 -5.08 -10.82
N LYS F 39 18.03 -6.12 -11.65
CA LYS F 39 16.87 -7.03 -11.60
C LYS F 39 17.04 -7.98 -10.43
N PRO F 40 15.98 -8.71 -10.05
CA PRO F 40 16.07 -9.56 -8.85
C PRO F 40 17.12 -10.64 -9.02
N GLY F 41 18.10 -10.64 -8.12
CA GLY F 41 19.15 -11.64 -8.15
C GLY F 41 20.22 -11.45 -9.21
N LYS F 42 20.34 -10.28 -9.80
CA LYS F 42 21.37 -10.03 -10.80
C LYS F 42 22.23 -8.86 -10.36
N ALA F 43 23.39 -8.73 -11.01
CA ALA F 43 24.28 -7.59 -10.74
C ALA F 43 23.71 -6.31 -11.36
N PRO F 44 24.06 -5.15 -10.82
CA PRO F 44 23.67 -3.90 -11.46
C PRO F 44 24.26 -3.83 -12.86
N LYS F 45 23.54 -3.17 -13.75
CA LYS F 45 23.90 -3.09 -15.15
C LYS F 45 23.60 -1.68 -15.64
N VAL F 46 24.50 -1.11 -16.42
CA VAL F 46 24.40 0.28 -16.80
C VAL F 46 23.38 0.43 -17.91
N LEU F 47 22.44 1.35 -17.72
CA LEU F 47 21.50 1.65 -18.79
C LEU F 47 21.94 2.88 -19.56
N ILE F 48 22.34 3.90 -18.82
CA ILE F 48 22.77 5.17 -19.38
C ILE F 48 24.07 5.59 -18.71
N TYR F 49 25.01 6.08 -19.52
CA TYR F 49 26.23 6.69 -19.00
C TYR F 49 26.35 8.09 -19.62
N ALA F 50 27.24 8.91 -19.05
CA ALA F 50 27.40 10.30 -19.49
C ALA F 50 26.06 11.04 -19.43
N ALA F 51 25.30 10.73 -18.38
CA ALA F 51 24.05 11.38 -18.01
C ALA F 51 22.92 11.07 -18.97
N SER F 52 23.23 10.89 -20.26
CA SER F 52 22.18 10.77 -21.26
C SER F 52 22.51 9.84 -22.42
N THR F 53 23.53 9.00 -22.34
CA THR F 53 23.92 8.15 -23.46
C THR F 53 23.44 6.73 -23.22
N LEU F 54 22.63 6.24 -24.15
CA LEU F 54 22.06 4.91 -24.00
C LEU F 54 23.13 3.85 -24.25
N GLN F 55 23.20 2.87 -23.35
CA GLN F 55 24.06 1.73 -23.56
C GLN F 55 23.51 0.87 -24.68
N SER F 56 24.40 0.17 -25.38
CA SER F 56 23.98 -0.71 -26.46
C SER F 56 23.00 -1.75 -25.95
N GLY F 57 21.92 -1.97 -26.69
CA GLY F 57 20.91 -2.94 -26.33
C GLY F 57 19.81 -2.43 -25.44
N VAL F 58 20.09 -1.42 -24.63
CA VAL F 58 19.03 -0.87 -23.78
C VAL F 58 17.89 -0.34 -24.65
N PRO F 59 16.65 -0.73 -24.37
CA PRO F 59 15.54 -0.25 -25.21
C PRO F 59 15.44 1.26 -25.08
N SER F 60 14.98 1.89 -26.17
CA SER F 60 14.95 3.33 -26.31
C SER F 60 13.86 4.01 -25.49
N ARG F 61 13.02 3.25 -24.78
CA ARG F 61 12.14 3.87 -23.81
C ARG F 61 12.87 4.34 -22.57
N PHE F 62 14.14 3.96 -22.40
CA PHE F 62 14.96 4.53 -21.34
C PHE F 62 15.71 5.75 -21.88
N SER F 63 15.66 6.84 -21.13
CA SER F 63 16.43 8.02 -21.51
C SER F 63 16.85 8.76 -20.24
N GLY F 64 17.84 9.63 -20.39
CA GLY F 64 18.36 10.38 -19.27
C GLY F 64 18.68 11.80 -19.66
N SER F 65 18.66 12.67 -18.67
CA SER F 65 18.98 14.08 -18.90
C SER F 65 19.36 14.70 -17.57
N GLY F 66 19.78 15.95 -17.64
CA GLY F 66 20.38 16.66 -16.53
C GLY F 66 21.84 16.91 -16.78
N SER F 67 22.39 17.77 -15.91
CA SER F 67 23.78 18.19 -15.93
C SER F 67 24.01 19.06 -14.72
N GLY F 68 25.21 18.99 -14.18
CA GLY F 68 25.48 19.76 -12.98
C GLY F 68 25.08 18.99 -11.74
N THR F 69 23.89 19.28 -11.20
CA THR F 69 23.46 18.70 -9.94
C THR F 69 22.19 17.86 -10.01
N ASP F 70 21.43 17.91 -11.09
CA ASP F 70 20.06 17.38 -11.10
C ASP F 70 19.83 16.54 -12.35
N PHE F 71 19.66 15.24 -12.16
CA PHE F 71 19.59 14.30 -13.27
C PHE F 71 18.30 13.50 -13.19
N THR F 72 17.86 13.01 -14.35
CA THR F 72 16.56 12.37 -14.44
C THR F 72 16.64 11.13 -15.32
N LEU F 73 16.11 10.03 -14.81
CA LEU F 73 15.98 8.80 -15.58
C LEU F 73 14.51 8.63 -15.95
N THR F 74 14.22 8.40 -17.23
CA THR F 74 12.85 8.37 -17.72
C THR F 74 12.58 7.09 -18.48
N ILE F 75 11.56 6.34 -18.05
CA ILE F 75 11.03 5.20 -18.79
C ILE F 75 9.75 5.69 -19.46
N SER F 76 9.78 5.92 -20.76
CA SER F 76 8.61 6.47 -21.45
C SER F 76 7.39 5.55 -21.32
N SER F 77 7.58 4.22 -21.29
CA SER F 77 6.44 3.31 -21.32
C SER F 77 6.82 2.05 -20.54
N LEU F 78 6.56 2.09 -19.22
CA LEU F 78 6.91 0.99 -18.33
C LEU F 78 6.45 -0.35 -18.88
N GLN F 79 7.38 -1.30 -18.94
CA GLN F 79 7.10 -2.67 -19.35
C GLN F 79 7.33 -3.60 -18.17
N PRO F 80 6.67 -4.78 -18.17
CA PRO F 80 6.83 -5.69 -17.02
C PRO F 80 8.26 -6.08 -16.74
N GLU F 81 9.09 -6.20 -17.80
CA GLU F 81 10.48 -6.56 -17.62
C GLU F 81 11.28 -5.47 -16.97
N ASP F 82 10.68 -4.29 -16.74
CA ASP F 82 11.38 -3.17 -16.13
C ASP F 82 11.40 -3.22 -14.61
N PHE F 83 10.62 -4.12 -13.99
CA PHE F 83 10.70 -4.37 -12.56
C PHE F 83 12.15 -4.51 -12.12
N ALA F 84 12.56 -3.67 -11.16
CA ALA F 84 13.96 -3.62 -10.77
C ALA F 84 14.12 -2.51 -9.74
N THR F 85 15.29 -2.52 -9.08
CA THR F 85 15.77 -1.37 -8.34
C THR F 85 16.77 -0.64 -9.22
N TYR F 86 16.65 0.69 -9.25
CA TYR F 86 17.43 1.55 -10.13
C TYR F 86 18.29 2.46 -9.30
N TYR F 87 19.56 2.63 -9.70
CA TYR F 87 20.48 3.47 -8.94
C TYR F 87 21.18 4.45 -9.85
N CYS F 88 21.45 5.65 -9.30
CA CYS F 88 22.34 6.62 -9.93
C CYS F 88 23.73 6.49 -9.32
N GLN F 89 24.74 6.74 -10.13
CA GLN F 89 26.11 6.70 -9.66
C GLN F 89 26.81 7.95 -10.14
N GLN F 90 27.55 8.57 -9.22
CA GLN F 90 28.43 9.69 -9.53
C GLN F 90 29.78 9.13 -9.97
N LEU F 91 30.35 9.69 -11.05
CA LEU F 91 31.61 9.23 -11.60
C LEU F 91 32.66 10.33 -11.68
N LYS F 92 32.46 11.45 -11.01
CA LYS F 92 33.44 12.53 -11.08
C LYS F 92 34.64 12.21 -10.21
N SER F 93 34.45 11.69 -9.01
CA SER F 93 35.54 11.57 -8.06
C SER F 93 35.40 10.31 -7.23
N TYR F 94 36.51 9.62 -7.02
CA TYR F 94 36.53 8.60 -5.98
C TYR F 94 36.54 9.30 -4.62
N PRO F 95 35.99 8.65 -3.58
CA PRO F 95 35.19 7.41 -3.53
C PRO F 95 33.90 7.53 -4.35
N LEU F 96 33.62 6.54 -5.21
CA LEU F 96 32.41 6.61 -6.01
C LEU F 96 31.18 6.41 -5.11
N THR F 97 30.09 7.09 -5.46
CA THR F 97 28.92 7.08 -4.60
C THR F 97 27.67 6.80 -5.44
N PHE F 98 26.62 6.34 -4.76
CA PHE F 98 25.35 5.98 -5.40
C PHE F 98 24.19 6.69 -4.70
N GLY F 99 23.05 6.73 -5.41
CA GLY F 99 21.78 7.05 -4.79
C GLY F 99 21.26 5.90 -3.96
N GLY F 100 20.20 6.17 -3.21
CA GLY F 100 19.61 5.15 -2.35
C GLY F 100 18.94 4.02 -3.08
N GLY F 101 18.55 4.24 -4.33
CA GLY F 101 17.79 3.22 -5.05
C GLY F 101 16.33 3.61 -5.19
N THR F 102 15.70 3.09 -6.25
CA THR F 102 14.26 3.22 -6.48
C THR F 102 13.74 1.85 -6.87
N LYS F 103 13.03 1.20 -5.95
CA LYS F 103 12.33 -0.02 -6.33
C LYS F 103 11.13 0.38 -7.19
N VAL F 104 11.05 -0.19 -8.39
CA VAL F 104 9.92 0.02 -9.29
C VAL F 104 9.10 -1.26 -9.30
N GLU F 105 7.83 -1.15 -8.91
CA GLU F 105 6.88 -2.26 -9.00
C GLU F 105 5.89 -1.97 -10.11
N ILE F 106 5.26 -3.03 -10.63
CA ILE F 106 4.25 -2.86 -11.66
C ILE F 106 2.86 -3.12 -11.09
N THR F 107 1.94 -2.17 -11.37
CA THR F 107 0.52 -2.24 -11.06
C THR F 107 -0.20 -3.07 -12.13
N ARG F 108 -1.02 -3.99 -11.69
CA ARG F 108 -1.56 -5.00 -12.60
C ARG F 108 -2.97 -5.37 -12.13
N THR F 109 -3.77 -5.96 -13.02
CA THR F 109 -5.08 -6.48 -12.64
C THR F 109 -4.96 -7.67 -11.69
N VAL F 110 -6.08 -7.99 -11.04
CA VAL F 110 -6.13 -9.10 -10.09
C VAL F 110 -5.94 -10.43 -10.82
N ALA F 111 -5.06 -11.29 -10.29
CA ALA F 111 -4.91 -12.67 -10.75
C ALA F 111 -4.95 -13.60 -9.55
N ALA F 112 -5.85 -14.59 -9.57
CA ALA F 112 -5.95 -15.56 -8.49
C ALA F 112 -4.83 -16.61 -8.57
N PRO F 113 -4.41 -17.15 -7.44
CA PRO F 113 -3.34 -18.17 -7.47
C PRO F 113 -3.85 -19.47 -8.02
N SER F 114 -2.94 -20.22 -8.67
CA SER F 114 -3.11 -21.64 -8.90
C SER F 114 -2.40 -22.35 -7.77
N VAL F 115 -3.07 -23.32 -7.16
CA VAL F 115 -2.60 -23.95 -5.93
C VAL F 115 -2.22 -25.40 -6.21
N PHE F 116 -1.11 -25.83 -5.59
CA PHE F 116 -0.61 -27.20 -5.69
C PHE F 116 -0.09 -27.62 -4.32
N ILE F 117 -0.26 -28.90 -4.00
CA ILE F 117 0.27 -29.40 -2.73
C ILE F 117 1.17 -30.59 -3.05
N PHE F 118 2.21 -30.77 -2.21
CA PHE F 118 3.26 -31.78 -2.43
C PHE F 118 3.56 -32.50 -1.13
N PRO F 119 3.39 -33.81 -1.10
CA PRO F 119 3.65 -34.57 0.13
C PRO F 119 5.14 -34.82 0.29
N PRO F 120 5.60 -35.19 1.49
CA PRO F 120 7.02 -35.50 1.65
C PRO F 120 7.42 -36.64 0.72
N SER F 121 8.68 -36.58 0.28
CA SER F 121 9.29 -37.71 -0.39
C SER F 121 9.49 -38.84 0.60
N ASP F 122 9.32 -40.08 0.13
CA ASP F 122 9.71 -41.23 0.95
C ASP F 122 11.15 -41.09 1.43
N GLU F 123 12.03 -40.58 0.55
CA GLU F 123 13.43 -40.34 0.90
C GLU F 123 13.56 -39.54 2.21
N GLN F 124 12.95 -38.35 2.28
CA GLN F 124 13.14 -37.48 3.44
C GLN F 124 12.66 -38.12 4.74
N LEU F 125 11.65 -39.00 4.67
CA LEU F 125 11.06 -39.55 5.89
C LEU F 125 12.06 -40.39 6.68
N LYS F 126 13.07 -40.96 6.01
CA LYS F 126 14.09 -41.71 6.72
C LYS F 126 14.86 -40.83 7.72
N SER F 127 14.94 -39.53 7.45
CA SER F 127 15.65 -38.61 8.34
C SER F 127 14.97 -38.43 9.68
N GLY F 128 13.65 -38.64 9.77
CA GLY F 128 12.89 -38.35 10.97
C GLY F 128 11.97 -37.15 10.86
N THR F 129 12.09 -36.39 9.77
CA THR F 129 11.33 -35.17 9.55
C THR F 129 10.57 -35.29 8.25
N ALA F 130 9.39 -34.69 8.19
CA ALA F 130 8.63 -34.62 6.96
C ALA F 130 8.39 -33.16 6.60
N SER F 131 8.47 -32.85 5.31
CA SER F 131 8.29 -31.50 4.79
C SER F 131 7.15 -31.52 3.78
N VAL F 132 6.07 -30.83 4.08
CA VAL F 132 4.90 -30.75 3.20
C VAL F 132 4.85 -29.35 2.62
N VAL F 133 4.79 -29.25 1.29
CA VAL F 133 4.93 -27.97 0.62
C VAL F 133 3.62 -27.59 -0.10
N CYS F 134 3.24 -26.32 0.04
CA CYS F 134 2.09 -25.75 -0.65
C CYS F 134 2.60 -24.64 -1.55
N LEU F 135 2.24 -24.72 -2.82
CA LEU F 135 2.65 -23.74 -3.82
C LEU F 135 1.44 -22.91 -4.26
N LEU F 136 1.58 -21.58 -4.22
CA LEU F 136 0.62 -20.64 -4.79
C LEU F 136 1.31 -19.94 -5.95
N ASN F 137 0.79 -20.13 -7.16
CA ASN F 137 1.50 -19.76 -8.36
C ASN F 137 0.81 -18.65 -9.16
N ASN F 138 1.54 -17.57 -9.45
CA ASN F 138 1.15 -16.53 -10.41
C ASN F 138 -0.18 -15.86 -10.03
N PHE F 139 -0.13 -15.13 -8.91
CA PHE F 139 -1.26 -14.35 -8.41
C PHE F 139 -0.87 -12.89 -8.21
N TYR F 140 -1.90 -12.04 -8.08
CA TYR F 140 -1.72 -10.61 -7.83
C TYR F 140 -3.01 -10.07 -7.23
N PRO F 141 -2.95 -9.19 -6.21
CA PRO F 141 -1.74 -8.62 -5.59
C PRO F 141 -1.04 -9.61 -4.66
N ARG F 142 -0.06 -9.14 -3.89
CA ARG F 142 0.84 -10.00 -3.14
C ARG F 142 0.18 -10.62 -1.90
N GLU F 143 -0.75 -9.91 -1.27
CA GLU F 143 -1.33 -10.38 -0.03
CA GLU F 143 -1.35 -10.39 -0.02
C GLU F 143 -2.05 -11.72 -0.23
N ALA F 144 -1.71 -12.70 0.62
CA ALA F 144 -2.29 -14.03 0.55
C ALA F 144 -2.20 -14.65 1.94
N LYS F 145 -3.07 -15.63 2.18
CA LYS F 145 -3.08 -16.33 3.46
C LYS F 145 -3.11 -17.83 3.18
N VAL F 146 -2.23 -18.57 3.86
CA VAL F 146 -2.20 -20.02 3.77
C VAL F 146 -2.49 -20.58 5.14
N GLN F 147 -3.47 -21.48 5.20
CA GLN F 147 -3.82 -22.19 6.42
C GLN F 147 -3.56 -23.68 6.22
N TRP F 148 -2.83 -24.29 7.14
CA TRP F 148 -2.55 -25.73 7.12
C TRP F 148 -3.48 -26.47 8.06
N LYS F 149 -4.08 -27.56 7.58
CA LYS F 149 -4.93 -28.39 8.42
C LYS F 149 -4.51 -29.86 8.29
N VAL F 150 -4.26 -30.50 9.44
CA VAL F 150 -3.92 -31.92 9.52
C VAL F 150 -5.09 -32.65 10.16
N ASP F 151 -5.76 -33.53 9.40
CA ASP F 151 -7.04 -34.12 9.81
C ASP F 151 -7.93 -33.07 10.43
N ASN F 152 -8.09 -31.96 9.71
CA ASN F 152 -8.97 -30.84 10.03
C ASN F 152 -8.45 -30.02 11.21
N ALA F 153 -7.32 -30.37 11.80
CA ALA F 153 -6.74 -29.62 12.90
C ALA F 153 -5.88 -28.49 12.33
N LEU F 154 -6.22 -27.26 12.71
CA LEU F 154 -5.48 -26.08 12.25
C LEU F 154 -4.07 -26.01 12.83
N GLN F 155 -3.07 -25.81 11.97
CA GLN F 155 -1.67 -25.78 12.37
C GLN F 155 -1.18 -24.35 12.60
N SER F 156 -0.47 -24.14 13.70
CA SER F 156 0.20 -22.87 13.94
C SER F 156 1.60 -23.12 14.49
N GLY F 157 2.55 -22.29 14.06
CA GLY F 157 3.90 -22.35 14.58
C GLY F 157 4.86 -23.29 13.88
N ASN F 158 4.40 -24.04 12.87
CA ASN F 158 5.22 -25.08 12.25
C ASN F 158 5.29 -24.93 10.73
N SER F 159 5.09 -23.72 10.21
CA SER F 159 5.19 -23.51 8.78
C SER F 159 5.91 -22.20 8.52
N GLN F 160 6.53 -22.13 7.35
CA GLN F 160 7.26 -20.95 6.89
C GLN F 160 6.95 -20.76 5.41
N GLU F 161 6.91 -19.51 4.97
CA GLU F 161 6.69 -19.24 3.57
C GLU F 161 7.76 -18.28 3.04
N SER F 162 7.83 -18.22 1.72
CA SER F 162 8.61 -17.18 1.06
C SER F 162 7.93 -16.94 -0.27
N VAL F 163 8.25 -15.79 -0.86
CA VAL F 163 7.48 -15.21 -1.95
C VAL F 163 8.44 -14.70 -2.98
N THR F 164 8.15 -14.95 -4.25
CA THR F 164 9.03 -14.39 -5.27
C THR F 164 8.74 -12.91 -5.49
N GLU F 165 9.73 -12.22 -6.07
CA GLU F 165 9.54 -10.89 -6.61
C GLU F 165 8.62 -10.96 -7.84
N GLN F 166 8.09 -9.80 -8.23
CA GLN F 166 7.12 -9.77 -9.34
C GLN F 166 7.71 -10.33 -10.62
N ASP F 167 6.94 -11.16 -11.30
CA ASP F 167 7.44 -11.82 -12.49
C ASP F 167 7.72 -10.81 -13.61
N SER F 168 8.75 -11.10 -14.41
CA SER F 168 9.18 -10.20 -15.47
C SER F 168 8.36 -10.32 -16.74
N LYS F 169 7.49 -11.33 -16.84
CA LYS F 169 6.60 -11.47 -17.97
C LYS F 169 5.17 -11.03 -17.64
N ASP F 170 4.61 -11.48 -16.51
CA ASP F 170 3.23 -11.14 -16.13
C ASP F 170 3.12 -10.46 -14.78
N SER F 171 4.22 -10.00 -14.20
CA SER F 171 4.19 -9.17 -13.01
C SER F 171 3.42 -9.81 -11.83
N THR F 172 3.20 -11.12 -11.83
CA THR F 172 2.55 -11.76 -10.70
C THR F 172 3.58 -12.23 -9.68
N TYR F 173 3.08 -12.73 -8.56
CA TYR F 173 3.92 -13.32 -7.52
C TYR F 173 3.65 -14.80 -7.45
N SER F 174 4.58 -15.53 -6.82
CA SER F 174 4.37 -16.91 -6.42
C SER F 174 4.82 -17.09 -4.98
N LEU F 175 4.17 -18.02 -4.28
CA LEU F 175 4.44 -18.22 -2.86
C LEU F 175 4.55 -19.72 -2.57
N SER F 176 5.34 -20.05 -1.56
CA SER F 176 5.61 -21.44 -1.21
C SER F 176 5.59 -21.60 0.30
N SER F 177 4.65 -22.39 0.82
CA SER F 177 4.54 -22.66 2.25
C SER F 177 5.05 -24.06 2.54
N THR F 178 5.81 -24.21 3.63
CA THR F 178 6.38 -25.50 3.99
C THR F 178 6.04 -25.81 5.45
N LEU F 179 5.32 -26.90 5.65
CA LEU F 179 4.95 -27.39 6.96
C LEU F 179 5.96 -28.46 7.38
N THR F 180 6.49 -28.34 8.59
CA THR F 180 7.53 -29.23 9.06
C THR F 180 6.98 -30.03 10.23
N LEU F 181 7.02 -31.35 10.09
CA LEU F 181 6.46 -32.27 11.05
C LEU F 181 7.49 -33.37 11.31
N SER F 182 7.35 -34.03 12.46
CA SER F 182 8.15 -35.22 12.69
C SER F 182 7.63 -36.34 11.80
N LYS F 183 8.52 -37.30 11.53
CA LYS F 183 8.09 -38.52 10.84
C LYS F 183 6.93 -39.16 11.58
N ALA F 184 6.96 -39.13 12.91
CA ALA F 184 5.94 -39.82 13.71
C ALA F 184 4.59 -39.10 13.62
N ASP F 185 4.59 -37.77 13.76
CA ASP F 185 3.35 -37.02 13.60
C ASP F 185 2.78 -37.24 12.21
N TYR F 186 3.62 -37.13 11.19
CA TYR F 186 3.15 -37.29 9.82
C TYR F 186 2.45 -38.63 9.62
N GLU F 187 3.00 -39.72 10.18
CA GLU F 187 2.37 -41.03 10.00
C GLU F 187 1.08 -41.16 10.80
N LYS F 188 0.93 -40.41 11.88
CA LYS F 188 -0.22 -40.48 12.76
C LYS F 188 -1.47 -39.83 12.17
N HIS F 189 -1.43 -39.33 10.94
CA HIS F 189 -2.54 -38.54 10.42
C HIS F 189 -2.73 -38.80 8.94
N LYS F 190 -3.99 -38.66 8.49
CA LYS F 190 -4.40 -39.05 7.16
C LYS F 190 -4.46 -37.89 6.17
N VAL F 191 -5.17 -36.82 6.51
CA VAL F 191 -5.56 -35.79 5.57
C VAL F 191 -4.69 -34.54 5.78
N TYR F 192 -3.97 -34.16 4.72
CA TYR F 192 -3.07 -33.01 4.73
C TYR F 192 -3.65 -31.97 3.79
N ALA F 193 -3.92 -30.78 4.31
CA ALA F 193 -4.76 -29.82 3.61
C ALA F 193 -4.10 -28.45 3.61
N CYS F 194 -3.91 -27.90 2.42
CA CYS F 194 -3.47 -26.53 2.26
C CYS F 194 -4.69 -25.69 1.87
N GLU F 195 -4.93 -24.61 2.63
CA GLU F 195 -6.09 -23.75 2.41
C GLU F 195 -5.63 -22.32 2.14
N VAL F 196 -6.06 -21.76 1.01
CA VAL F 196 -5.54 -20.50 0.50
C VAL F 196 -6.66 -19.47 0.40
N THR F 197 -6.46 -18.33 1.05
CA THR F 197 -7.33 -17.16 0.89
C THR F 197 -6.62 -16.09 0.09
N HIS F 198 -7.29 -15.58 -0.93
CA HIS F 198 -6.74 -14.53 -1.77
C HIS F 198 -7.87 -13.84 -2.53
N GLN F 199 -7.70 -12.53 -2.75
CA GLN F 199 -8.85 -11.75 -3.22
C GLN F 199 -9.26 -12.10 -4.64
N GLY F 200 -8.44 -12.84 -5.39
CA GLY F 200 -8.91 -13.32 -6.69
C GLY F 200 -9.74 -14.59 -6.65
N LEU F 201 -9.85 -15.24 -5.49
CA LEU F 201 -10.69 -16.42 -5.32
C LEU F 201 -12.01 -16.02 -4.65
N SER F 202 -13.13 -16.55 -5.15
CA SER F 202 -14.44 -16.21 -4.58
C SER F 202 -14.59 -16.76 -3.17
N SER F 203 -14.10 -17.97 -2.93
CA SER F 203 -14.02 -18.54 -1.60
C SER F 203 -12.68 -19.26 -1.47
N PRO F 204 -12.16 -19.39 -0.25
CA PRO F 204 -10.86 -20.04 -0.06
C PRO F 204 -10.79 -21.41 -0.74
N VAL F 205 -9.67 -21.66 -1.42
CA VAL F 205 -9.45 -22.92 -2.13
C VAL F 205 -8.60 -23.83 -1.25
N THR F 206 -8.96 -25.11 -1.22
CA THR F 206 -8.22 -26.10 -0.46
C THR F 206 -7.64 -27.14 -1.42
N LYS F 207 -6.34 -27.39 -1.29
CA LYS F 207 -5.70 -28.49 -1.98
C LYS F 207 -5.26 -29.49 -0.91
N SER F 208 -5.49 -30.77 -1.15
CA SER F 208 -5.19 -31.75 -0.12
C SER F 208 -4.75 -33.08 -0.72
N PHE F 209 -4.24 -33.96 0.14
CA PHE F 209 -3.99 -35.33 -0.25
C PHE F 209 -4.20 -36.18 0.99
N ASN F 210 -4.35 -37.49 0.76
CA ASN F 210 -4.36 -38.46 1.84
C ASN F 210 -3.01 -39.16 1.84
N ARG F 211 -2.35 -39.17 2.99
CA ARG F 211 -1.08 -39.85 3.17
C ARG F 211 -1.16 -41.30 2.71
N GLY F 212 -0.28 -41.69 1.79
CA GLY F 212 -0.33 -43.01 1.20
C GLY F 212 -1.12 -43.02 -0.09
N GLU F 213 -0.42 -42.93 -1.22
CA GLU F 213 -1.02 -42.82 -2.55
C GLU F 213 -2.10 -41.75 -2.62
S SO4 G . -57.88 6.35 10.15
O1 SO4 G . -59.30 6.44 9.82
O2 SO4 G . -57.72 5.98 11.56
O3 SO4 G . -57.26 7.65 9.95
O4 SO4 G . -57.24 5.32 9.32
S SO4 H . -82.95 -14.73 19.43
O1 SO4 H . -83.89 -15.45 20.30
O2 SO4 H . -83.46 -13.39 19.13
O3 SO4 H . -81.65 -14.57 20.10
O4 SO4 H . -82.74 -15.48 18.19
C1 NAG I . -73.52 6.07 34.43
C2 NAG I . -74.84 5.44 34.91
C3 NAG I . -76.04 6.30 34.49
C4 NAG I . -75.87 7.76 34.93
C5 NAG I . -74.56 8.30 34.35
C6 NAG I . -74.26 9.75 34.70
C7 NAG I . -75.20 3.02 35.18
C8 NAG I . -75.34 1.70 34.47
N2 NAG I . -74.98 4.08 34.41
O3 NAG I . -77.24 5.78 35.02
O4 NAG I . -76.98 8.54 34.49
O5 NAG I . -73.47 7.50 34.83
O6 NAG I . -73.95 9.98 36.07
O7 NAG I . -75.27 3.10 36.41
S SO4 J . -47.13 -0.56 0.18
O1 SO4 J . -48.54 -0.83 -0.02
O2 SO4 J . -46.92 -0.30 1.61
O3 SO4 J . -46.34 -1.72 -0.23
O4 SO4 J . -46.77 0.64 -0.59
S SO4 K . 79.08 13.08 -32.73
O1 SO4 K . 77.72 12.55 -32.74
O2 SO4 K . 79.09 14.51 -32.40
O3 SO4 K . 79.87 12.35 -31.74
O4 SO4 K . 79.69 12.93 -34.05
C1 NAG L . 80.75 -3.83 -11.58
C2 NAG L . 82.04 -3.17 -12.04
C3 NAG L . 82.90 -4.14 -12.86
C4 NAG L . 83.14 -5.45 -12.10
C5 NAG L . 81.81 -6.05 -11.67
C6 NAG L . 81.99 -7.26 -10.77
C7 NAG L . 82.31 -0.77 -12.55
C8 NAG L . 81.92 0.35 -13.46
N2 NAG L . 81.77 -1.96 -12.82
O3 NAG L . 84.16 -3.54 -13.14
O4 NAG L . 83.84 -6.37 -12.94
O5 NAG L . 81.05 -5.10 -10.91
O6 NAG L . 80.77 -7.97 -10.57
O7 NAG L . 83.08 -0.60 -11.60
S SO4 M . 39.43 -1.92 -25.46
O1 SO4 M . 38.32 -1.68 -24.55
O2 SO4 M . 39.56 -0.75 -26.34
O3 SO4 M . 40.67 -2.10 -24.70
O4 SO4 M . 39.14 -3.12 -26.24
S SO4 N . -13.36 -19.27 -8.34
O1 SO4 N . -14.58 -20.00 -8.00
O2 SO4 N . -13.43 -17.95 -7.72
O3 SO4 N . -12.17 -19.97 -7.81
O4 SO4 N . -13.23 -19.14 -9.79
S SO4 O . 29.90 23.57 -6.98
O1 SO4 O . 28.46 23.25 -6.96
O2 SO4 O . 30.06 24.98 -6.63
O3 SO4 O . 30.64 22.75 -6.02
O4 SO4 O . 30.45 23.33 -8.31
#